data_7OEA
#
_entry.id   7OEA
#
_cell.length_a   1.00
_cell.length_b   1.00
_cell.length_c   1.00
_cell.angle_alpha   90.00
_cell.angle_beta   90.00
_cell.angle_gamma   90.00
#
_symmetry.space_group_name_H-M   'P 1'
#
loop_
_entity.id
_entity.type
_entity.pdbx_description
1 polymer 'RNA-directed RNA polymerase L'
2 polymer "3' vRNA"
3 non-polymer 'ZINC ION'
4 non-polymer 'MAGNESIUM ION'
5 water water
#
loop_
_entity_poly.entity_id
_entity_poly.type
_entity_poly.pdbx_seq_one_letter_code
_entity_poly.pdbx_strand_id
1 'polypeptide(L)'
;MEDDMACVKDLVSKYLADNERLSRQKLAFLVQTEPRMLLMEGLKLLSLCIEIDSCNANGCEHNSEDKSVERILHDHGILT
PSLCFVVPDGYKLTGNVLILLECFVRSSPANFEQKYIEDFKKLEQLKEDLKSVDINLIPLIDGRTSFYNEQIPDWVNDKL
RDTLFSLLRYAQESNSLFEESEYSRLCESLSMTSGRLSGVESLNVLLDNRSSHYEEIIASCHQGINNKLTAHEVKLQIEE
EYQVFRNRLRKGEITGQFLKVDKSRLLNDFNNLYVDEVTATKDNIEHLIYQFKRASPILRFLYANIGEGNGEERHHTIKE
CQMQYWRSFLNKVKSLRILNTRRKLLLIFDALILLASIHDQTRHKCSKGWLGSCFISVNDRLVSLESTKRDLEKWVGRRQ
QSERSNTIQPPDKNQILISMFQKTILKATAALKDVGISVEHYKINMEVICPDSYDLILNFDVSGVVPTISYQRTEDEKFP
FIMGGVELLESTDLERLSSLSLALVNSMKTSSTVKLRQNEFGPARYQVVRCKEAYCQEFLLSGAEFQLIYQKTGECSKCY
AINDNRVGEICSFYADPKRYFPAIFSAEVLQTTVSTMISWVKDCSELEEQLCNINSLTKMILVLILAHPSKRSQKLLQNL
RYFIMAYVSDYHHKDLIDKLREELITDVEFLLYRLVRALVNLILSEDVKSMMTNRFKFILNISYMCHFITKETPDRLTDQ
IKCFEKFLEPKLEFGHVSINPADVATEEELDDMVYNAKKFLSKEGCTSIKGPDYKKPGVSKRFLSLLTSSFNNGSLFKES
EVKREIKDPLVTSGCATALDLASNKSVVVNKYTDGSRVLNYDFNKLTALAVSQLTEVFSRKGKHLLNKQDYDYKVQQAMS
NLVLGPRQNKVGADEADLDEILLDGGASVYFDQLKETVERIIDQYREPVKPGSNPNGGDQPSVNDLDEVVPNKFYIRLIK
GELSNHMVEDFDYDVLPGNFYEEFCDAVYKNNKLKERYFYCGQMSQCPIGELTKAVATRTYFDQEYFQCFKSILLIMNAN
TLMGRYTHYKSRNLNFKFDMGRLSDDVRISERESNSEALSKALSLTNCTTAMLKNLCFYSQESPQSYSSTGPDTGRLKFS
LSYKEQVGGNRELYIGDLRTKMFTRLIEDYFEALSLQLSGSCLNNEREFENAILSMKLNVSLAHVSYSMDHSKWGPMMCP
FLFLATLQNLIFLSKDLQADIKGRDYLSTLLTWHMHKMVEIPFNVVSAMMKSFIKAQLGLKKKTTQSITEDFFYSNFQIG
VVPSHVSSILDMGQGILHNTSDFYALISERFINYAISCICGGTIDAYTSSDDQISLFDQVLTELMQRDPEEFKTLIEFHY
YMSDQLNKFVSPKSVIGRFVAEFKSRFYVWGDEVPLLTKFVAAALHNIKCKEPHQLAETIDTIIDQSVANGVPVHLCNLI
QKRTLSLLQYARYPIDPFLLNCETDVRDWVDGNRSYRIMRQIERLIPDACGRIRSMLRKLYNKLKTGQLHEEFTTNYLSS
EHLSSLSNLCELLGVEPPSESDLEFSWLNLAAHHPLRMVLRQKIIYSGAVNLDDEKVPTIVKTIQNKLSSTFTRGAQKLL
SEAINKSAFQSSIASGFVGLCRTLGSKCVRGPNKESLYIKSIQSLISDIQGIEPLIDSHGVQYWRVPLNIRDGNEGVISY
FRPLLWDYMCISLSTAIELGAWVLGEPKKVRVLEFFKHNPCDYFPLKPAASKLLEDRVGLNHIIHSLRRLYPSVFEKHIL
PFMSDLASTKMKWSPRIKFLDLCVALDVNCEALSLVSHIVKWKREEHYIVLSSELRLSHTRTHEPMVEERVVSTSDAVDN
FMRQIYFESYVRSFVATTRTLGSFTWFPHKTSVPEGEGLQRLGPFSSFVEKAIHKGIERPMFKHDLMMGYAWIDFDIEPA
RFNHNQLIASGLVGPRFDSLEDFFDAVESLPPGSAKLSQTVRFRIKSQDASFKESFAIHLDYTGSINQQTKYLVHEVSAM
YSGAVSPCVLSDCWRLVLSGPTFKGKSAWYVDTEIVNEFLTDTNQLGHVTPVEIVVDMEKLQFTEYDFVLVGPCVEPVPL
VVHRGGLWECDKKLASFTPVVQDQDLEMFVKEVGDSSLDLLIGALSAMILDRLKLRMQWSEVDIVSMLKAAMPSNSVKVL
NAVLEAVDDWVDFKGYALCYSKSRKKVMVHSSGGKLRLKGRTCEELVKEDEGIEDIE
;
L
2 'polyribonucleotide' UAGGAUCCACUGUGCG E
#
loop_
_chem_comp.id
_chem_comp.type
_chem_comp.name
_chem_comp.formula
A RNA linking ADENOSINE-5'-MONOPHOSPHATE 'C10 H14 N5 O7 P'
C RNA linking CYTIDINE-5'-MONOPHOSPHATE 'C9 H14 N3 O8 P'
G RNA linking GUANOSINE-5'-MONOPHOSPHATE 'C10 H14 N5 O8 P'
MG non-polymer 'MAGNESIUM ION' 'Mg 2'
U RNA linking URIDINE-5'-MONOPHOSPHATE 'C9 H13 N2 O9 P'
ZN non-polymer 'ZINC ION' 'Zn 2'
#
# COMPACT_ATOMS: atom_id res chain seq x y z
N GLU A 2 -0.22 -1.40 61.50
CA GLU A 2 -0.78 -0.10 61.18
C GLU A 2 0.33 0.92 60.92
N ASP A 3 1.58 0.49 61.08
CA ASP A 3 2.71 1.39 60.83
C ASP A 3 2.75 1.81 59.37
N ASP A 4 2.48 0.89 58.45
CA ASP A 4 2.44 1.23 57.04
C ASP A 4 1.34 2.23 56.74
N MET A 5 0.20 2.14 57.43
CA MET A 5 -0.88 3.11 57.25
C MET A 5 -0.41 4.51 57.63
N ALA A 6 0.26 4.65 58.78
CA ALA A 6 0.76 5.94 59.20
C ALA A 6 1.82 6.46 58.24
N CYS A 7 2.71 5.57 57.78
CA CYS A 7 3.75 5.98 56.84
C CYS A 7 3.14 6.49 55.54
N VAL A 8 2.11 5.80 55.04
CA VAL A 8 1.45 6.21 53.81
C VAL A 8 0.74 7.54 54.01
N LYS A 9 0.06 7.72 55.15
CA LYS A 9 -0.61 8.98 55.42
C LYS A 9 0.39 10.14 55.49
N ASP A 10 1.53 9.93 56.16
CA ASP A 10 2.55 10.96 56.21
C ASP A 10 3.10 11.25 54.81
N LEU A 11 3.33 10.22 54.02
CA LEU A 11 3.89 10.42 52.67
C LEU A 11 2.92 11.21 51.80
N VAL A 12 1.63 10.88 51.84
CA VAL A 12 0.67 11.61 51.03
C VAL A 12 0.45 13.02 51.56
N SER A 13 0.55 13.24 52.87
CA SER A 13 0.42 14.59 53.40
C SER A 13 1.65 15.43 53.07
N LYS A 14 2.81 14.79 52.89
CA LYS A 14 4.04 15.54 52.65
C LYS A 14 4.24 15.83 51.16
N TYR A 15 3.97 14.86 50.31
CA TYR A 15 4.37 14.93 48.90
C TYR A 15 3.19 15.15 47.94
N LEU A 16 2.04 15.59 48.45
CA LEU A 16 0.94 15.97 47.59
C LEU A 16 1.00 17.46 47.28
N ALA A 17 0.74 17.80 46.02
CA ALA A 17 0.73 19.20 45.61
C ALA A 17 -0.39 19.97 46.30
N ASP A 18 -0.12 21.23 46.63
CA ASP A 18 -1.08 22.07 47.34
C ASP A 18 -2.09 22.71 46.40
N ASN A 19 -2.75 21.88 45.59
CA ASN A 19 -3.80 22.35 44.70
C ASN A 19 -5.09 22.51 45.48
N GLU A 20 -5.81 23.61 45.23
CA GLU A 20 -7.08 23.83 45.91
C GLU A 20 -8.13 22.80 45.48
N ARG A 21 -8.04 22.31 44.24
CA ARG A 21 -8.92 21.23 43.81
C ARG A 21 -8.64 19.97 44.60
N LEU A 22 -7.36 19.67 44.84
CA LEU A 22 -6.95 18.47 45.56
C LEU A 22 -7.08 18.62 47.08
N SER A 23 -7.24 19.85 47.58
CA SER A 23 -7.31 20.05 49.03
C SER A 23 -8.54 19.38 49.63
N ARG A 24 -9.69 19.46 48.95
CA ARG A 24 -10.91 18.84 49.46
C ARG A 24 -10.74 17.33 49.57
N GLN A 25 -10.18 16.71 48.53
CA GLN A 25 -9.99 15.26 48.56
C GLN A 25 -8.93 14.86 49.58
N LYS A 26 -7.90 15.69 49.76
CA LYS A 26 -6.90 15.41 50.78
C LYS A 26 -7.50 15.47 52.18
N LEU A 27 -8.36 16.46 52.42
CA LEU A 27 -9.05 16.55 53.70
C LEU A 27 -9.97 15.37 53.92
N ALA A 28 -10.67 14.94 52.87
CA ALA A 28 -11.52 13.75 52.98
C ALA A 28 -10.69 12.50 53.25
N PHE A 29 -9.50 12.40 52.67
CA PHE A 29 -8.65 11.23 52.88
C PHE A 29 -8.05 11.20 54.27
N LEU A 30 -7.65 12.37 54.79
CA LEU A 30 -6.96 12.41 56.08
C LEU A 30 -7.89 12.00 57.23
N VAL A 31 -9.15 12.42 57.18
CA VAL A 31 -10.09 12.12 58.27
C VAL A 31 -10.46 10.65 58.32
N GLN A 32 -10.21 9.90 57.26
CA GLN A 32 -10.70 8.52 57.17
C GLN A 32 -10.02 7.63 58.20
N THR A 33 -10.81 6.76 58.82
CA THR A 33 -10.32 5.77 59.77
C THR A 33 -10.61 4.34 59.32
N GLU A 34 -11.86 4.03 58.98
CA GLU A 34 -12.23 2.68 58.57
C GLU A 34 -11.55 2.30 57.26
N PRO A 35 -11.02 1.08 57.16
CA PRO A 35 -10.29 0.69 55.94
C PRO A 35 -11.12 0.75 54.67
N ARG A 36 -12.43 0.52 54.76
CA ARG A 36 -13.27 0.53 53.56
C ARG A 36 -13.42 1.93 52.98
N MET A 37 -13.86 2.88 53.80
CA MET A 37 -13.98 4.26 53.32
C MET A 37 -12.63 4.88 53.05
N LEU A 38 -11.60 4.49 53.80
CA LEU A 38 -10.24 4.97 53.50
C LEU A 38 -9.79 4.48 52.13
N LEU A 39 -10.05 3.21 51.82
CA LEU A 39 -9.78 2.67 50.49
C LEU A 39 -10.52 3.46 49.41
N MET A 40 -11.81 3.70 49.64
CA MET A 40 -12.62 4.39 48.63
C MET A 40 -12.12 5.82 48.41
N GLU A 41 -11.80 6.52 49.49
CA GLU A 41 -11.32 7.89 49.38
C GLU A 41 -9.94 7.94 48.73
N GLY A 42 -9.08 6.96 49.02
CA GLY A 42 -7.79 6.90 48.34
C GLY A 42 -7.94 6.67 46.86
N LEU A 43 -8.88 5.81 46.47
CA LEU A 43 -9.15 5.60 45.05
C LEU A 43 -9.63 6.90 44.39
N LYS A 44 -10.55 7.61 45.06
CA LYS A 44 -11.02 8.88 44.52
C LYS A 44 -9.88 9.89 44.41
N LEU A 45 -9.00 9.94 45.41
CA LEU A 45 -7.88 10.88 45.39
C LEU A 45 -6.94 10.57 44.22
N LEU A 46 -6.64 9.29 44.01
CA LEU A 46 -5.78 8.92 42.88
C LEU A 46 -6.43 9.29 41.56
N SER A 47 -7.72 8.98 41.41
CA SER A 47 -8.42 9.32 40.17
C SER A 47 -8.39 10.82 39.93
N LEU A 48 -8.63 11.61 40.98
CA LEU A 48 -8.58 13.06 40.85
C LEU A 48 -7.18 13.53 40.48
N CYS A 49 -6.14 12.88 41.02
CA CYS A 49 -4.78 13.25 40.67
C CYS A 49 -4.52 13.07 39.17
N ILE A 50 -4.83 11.89 38.63
CA ILE A 50 -4.62 11.69 37.20
C ILE A 50 -5.50 12.62 36.37
N GLU A 51 -6.75 12.83 36.79
CA GLU A 51 -7.63 13.70 36.01
C GLU A 51 -7.10 15.14 35.96
N ILE A 52 -6.68 15.67 37.11
CA ILE A 52 -6.16 17.03 37.15
C ILE A 52 -4.86 17.13 36.35
N ASP A 53 -3.98 16.14 36.48
CA ASP A 53 -2.73 16.18 35.74
C ASP A 53 -2.96 16.13 34.24
N SER A 54 -3.91 15.30 33.79
CA SER A 54 -4.23 15.25 32.37
C SER A 54 -4.83 16.58 31.90
N CYS A 55 -5.72 17.17 32.71
CA CYS A 55 -6.34 18.43 32.32
C CYS A 55 -5.31 19.55 32.21
N ASN A 56 -4.38 19.63 33.17
CA ASN A 56 -3.41 20.72 33.17
C ASN A 56 -2.31 20.50 32.15
N ALA A 57 -1.94 19.23 31.90
CA ALA A 57 -0.87 18.96 30.95
C ALA A 57 -1.23 19.40 29.54
N ASN A 58 -2.47 19.15 29.12
CA ASN A 58 -2.94 19.51 27.80
C ASN A 58 -3.65 20.87 27.76
N GLY A 59 -3.70 21.56 28.90
CA GLY A 59 -4.32 22.88 28.96
C GLY A 59 -5.84 22.84 28.91
N CYS A 60 -6.45 22.27 29.93
CA CYS A 60 -7.90 22.21 30.02
C CYS A 60 -8.32 22.38 31.48
N GLU A 61 -9.59 22.72 31.67
CA GLU A 61 -10.15 22.93 33.00
C GLU A 61 -10.83 21.66 33.49
N HIS A 62 -10.52 21.26 34.72
CA HIS A 62 -11.09 20.05 35.30
C HIS A 62 -12.59 20.20 35.50
N ASN A 63 -13.32 19.12 35.20
CA ASN A 63 -14.77 19.09 35.40
C ASN A 63 -15.07 18.30 36.66
N SER A 64 -14.98 18.98 37.81
CA SER A 64 -15.25 18.34 39.09
C SER A 64 -16.75 18.11 39.30
N GLU A 65 -17.59 19.02 38.83
CA GLU A 65 -19.03 18.92 39.01
C GLU A 65 -19.66 17.80 38.18
N ASP A 66 -18.92 17.23 37.24
CA ASP A 66 -19.43 16.18 36.35
C ASP A 66 -20.67 16.65 35.58
N LYS A 67 -20.70 17.94 35.25
CA LYS A 67 -21.79 18.48 34.46
C LYS A 67 -21.76 17.92 33.04
N SER A 68 -22.94 17.75 32.46
CA SER A 68 -23.04 17.32 31.08
C SER A 68 -22.63 18.46 30.14
N VAL A 69 -22.45 18.12 28.86
CA VAL A 69 -21.99 19.11 27.90
C VAL A 69 -23.04 20.21 27.71
N GLU A 70 -24.32 19.84 27.64
CA GLU A 70 -25.36 20.82 27.43
C GLU A 70 -25.44 21.80 28.60
N ARG A 71 -25.27 21.29 29.83
CA ARG A 71 -25.30 22.16 31.01
C ARG A 71 -24.18 23.18 30.96
N ILE A 72 -22.97 22.75 30.59
CA ILE A 72 -21.83 23.67 30.52
C ILE A 72 -22.06 24.71 29.42
N LEU A 73 -22.55 24.27 28.25
CA LEU A 73 -22.80 25.20 27.17
C LEU A 73 -23.86 26.23 27.55
N HIS A 74 -24.93 25.80 28.22
CA HIS A 74 -25.97 26.75 28.61
C HIS A 74 -25.48 27.67 29.72
N ASP A 75 -24.60 27.17 30.59
CA ASP A 75 -23.99 28.04 31.60
C ASP A 75 -23.11 29.10 30.97
N HIS A 76 -22.37 28.74 29.93
CA HIS A 76 -21.40 29.64 29.30
C HIS A 76 -22.04 30.55 28.25
N GLY A 77 -23.35 30.50 28.07
CA GLY A 77 -24.04 31.43 27.20
C GLY A 77 -24.37 30.93 25.81
N ILE A 78 -24.20 29.65 25.53
CA ILE A 78 -24.47 29.08 24.21
C ILE A 78 -25.65 28.13 24.33
N LEU A 79 -26.68 28.37 23.52
CA LEU A 79 -27.84 27.48 23.49
C LEU A 79 -27.60 26.32 22.53
N THR A 80 -28.04 25.14 22.94
CA THR A 80 -27.85 23.92 22.17
C THR A 80 -29.14 23.11 22.17
N PRO A 81 -29.40 22.37 21.09
CA PRO A 81 -30.57 21.45 21.10
C PRO A 81 -30.32 20.21 21.93
N SER A 82 -31.24 19.25 21.88
CA SER A 82 -31.09 18.02 22.65
C SER A 82 -29.81 17.29 22.27
N LEU A 83 -29.10 16.80 23.28
CA LEU A 83 -27.82 16.13 23.08
C LEU A 83 -27.78 14.81 23.84
N CYS A 84 -26.95 13.90 23.34
CA CYS A 84 -26.74 12.63 24.02
C CYS A 84 -25.99 12.85 25.33
N PHE A 85 -26.30 12.00 26.31
CA PHE A 85 -25.75 12.14 27.65
C PHE A 85 -24.27 11.76 27.64
N VAL A 86 -23.41 12.78 27.61
CA VAL A 86 -21.96 12.60 27.63
C VAL A 86 -21.38 13.55 28.67
N VAL A 87 -20.57 13.03 29.57
CA VAL A 87 -19.93 13.81 30.63
C VAL A 87 -18.44 13.91 30.31
N PRO A 88 -17.95 15.06 29.84
CA PRO A 88 -16.53 15.17 29.54
C PRO A 88 -15.70 15.39 30.80
N ASP A 89 -14.55 14.71 30.85
CA ASP A 89 -13.65 14.86 31.97
C ASP A 89 -12.97 16.23 31.96
N GLY A 90 -12.62 16.72 30.78
CA GLY A 90 -12.04 18.05 30.66
C GLY A 90 -12.76 18.84 29.59
N TYR A 91 -12.71 20.17 29.74
CA TYR A 91 -13.40 21.05 28.81
C TYR A 91 -12.76 22.44 28.88
N LYS A 92 -12.64 23.07 27.70
CA LYS A 92 -12.12 24.43 27.63
C LYS A 92 -12.64 25.10 26.37
N LEU A 93 -13.04 26.37 26.50
CA LEU A 93 -13.48 27.18 25.39
C LEU A 93 -12.49 28.31 25.14
N THR A 94 -12.12 28.52 23.88
CA THR A 94 -11.26 29.63 23.50
C THR A 94 -11.62 30.10 22.10
N GLY A 95 -12.10 31.33 22.01
CA GLY A 95 -12.59 31.82 20.73
C GLY A 95 -13.76 30.98 20.25
N ASN A 96 -13.58 30.34 19.10
CA ASN A 96 -14.56 29.42 18.55
C ASN A 96 -14.11 27.96 18.63
N VAL A 97 -13.17 27.64 19.52
CA VAL A 97 -12.60 26.31 19.63
C VAL A 97 -12.96 25.73 20.98
N LEU A 98 -13.54 24.54 20.97
CA LEU A 98 -13.89 23.80 22.18
C LEU A 98 -13.01 22.55 22.26
N ILE A 99 -12.45 22.30 23.45
CA ILE A 99 -11.59 21.15 23.69
C ILE A 99 -12.23 20.31 24.78
N LEU A 100 -12.44 19.03 24.48
CA LEU A 100 -12.84 18.03 25.46
C LEU A 100 -11.72 17.01 25.61
N LEU A 101 -11.39 16.68 26.86
CA LEU A 101 -10.15 15.96 27.17
C LEU A 101 -10.42 14.81 28.12
N GLU A 102 -11.38 13.96 27.78
CA GLU A 102 -11.64 12.76 28.56
C GLU A 102 -10.39 11.91 28.66
N CYS A 103 -10.04 11.50 29.88
CA CYS A 103 -8.81 10.80 30.17
C CYS A 103 -9.11 9.46 30.84
N PHE A 104 -8.33 8.44 30.49
CA PHE A 104 -8.46 7.12 31.09
C PHE A 104 -7.08 6.48 31.19
N VAL A 105 -6.95 5.55 32.13
CA VAL A 105 -5.71 4.78 32.32
C VAL A 105 -6.07 3.30 32.23
N ARG A 106 -5.33 2.57 31.39
CA ARG A 106 -5.59 1.14 31.17
C ARG A 106 -4.25 0.41 31.16
N SER A 107 -4.12 -0.59 32.04
CA SER A 107 -2.88 -1.36 32.10
C SER A 107 -2.80 -2.38 30.96
N SER A 108 -3.94 -2.83 30.44
CA SER A 108 -3.94 -3.84 29.40
C SER A 108 -3.99 -3.19 28.01
N PRO A 109 -3.38 -3.82 27.01
CA PRO A 109 -3.45 -3.24 25.66
C PRO A 109 -4.83 -3.36 25.03
N ALA A 110 -5.48 -4.52 25.18
CA ALA A 110 -6.82 -4.68 24.61
C ALA A 110 -7.81 -3.71 25.23
N ASN A 111 -7.77 -3.59 26.56
CA ASN A 111 -8.65 -2.64 27.25
C ASN A 111 -8.36 -1.21 26.81
N PHE A 112 -7.07 -0.87 26.67
CA PHE A 112 -6.69 0.47 26.23
C PHE A 112 -7.26 0.77 24.85
N GLU A 113 -7.07 -0.15 23.90
CA GLU A 113 -7.55 0.06 22.55
C GLU A 113 -9.07 0.16 22.51
N GLN A 114 -9.76 -0.73 23.23
CA GLN A 114 -11.22 -0.71 23.23
C GLN A 114 -11.75 0.59 23.82
N LYS A 115 -11.16 1.03 24.94
CA LYS A 115 -11.62 2.27 25.57
C LYS A 115 -11.32 3.47 24.68
N TYR A 116 -10.15 3.50 24.05
CA TYR A 116 -9.83 4.61 23.16
C TYR A 116 -10.81 4.68 21.99
N ILE A 117 -11.12 3.53 21.39
CA ILE A 117 -12.06 3.53 20.26
C ILE A 117 -13.45 3.93 20.74
N GLU A 118 -13.86 3.46 21.92
CA GLU A 118 -15.18 3.82 22.43
C GLU A 118 -15.29 5.32 22.69
N ASP A 119 -14.26 5.91 23.32
CA ASP A 119 -14.27 7.34 23.57
C ASP A 119 -14.23 8.13 22.26
N PHE A 120 -13.45 7.65 21.28
CA PHE A 120 -13.40 8.34 19.99
C PHE A 120 -14.75 8.32 19.30
N LYS A 121 -15.43 7.18 19.32
CA LYS A 121 -16.76 7.10 18.72
C LYS A 121 -17.75 8.00 19.45
N LYS A 122 -17.70 8.01 20.79
CA LYS A 122 -18.59 8.87 21.55
C LYS A 122 -18.36 10.34 21.24
N LEU A 123 -17.08 10.74 21.14
CA LEU A 123 -16.77 12.13 20.82
C LEU A 123 -17.16 12.49 19.40
N GLU A 124 -17.04 11.55 18.46
CA GLU A 124 -17.49 11.80 17.11
C GLU A 124 -19.00 11.98 17.06
N GLN A 125 -19.75 11.16 17.80
CA GLN A 125 -21.19 11.31 17.88
C GLN A 125 -21.57 12.65 18.48
N LEU A 126 -20.89 13.05 19.57
CA LEU A 126 -21.18 14.32 20.20
C LEU A 126 -20.85 15.49 19.27
N LYS A 127 -19.74 15.40 18.54
CA LYS A 127 -19.37 16.45 17.61
C LYS A 127 -20.38 16.56 16.47
N GLU A 128 -20.83 15.42 15.93
CA GLU A 128 -21.85 15.45 14.89
C GLU A 128 -23.14 16.06 15.40
N ASP A 129 -23.54 15.74 16.63
CA ASP A 129 -24.73 16.32 17.20
C ASP A 129 -24.58 17.83 17.41
N LEU A 130 -23.41 18.26 17.89
CA LEU A 130 -23.18 19.66 18.22
C LEU A 130 -22.79 20.51 17.02
N LYS A 131 -22.56 19.91 15.85
CA LYS A 131 -22.20 20.69 14.67
C LYS A 131 -23.29 21.71 14.32
N SER A 132 -24.55 21.41 14.63
CA SER A 132 -25.63 22.37 14.39
C SER A 132 -25.48 23.62 15.25
N VAL A 133 -24.78 23.52 16.38
CA VAL A 133 -24.55 24.68 17.25
C VAL A 133 -23.53 25.64 16.64
N ASP A 134 -22.83 25.23 15.59
CA ASP A 134 -21.82 26.04 14.91
C ASP A 134 -20.63 26.34 15.81
N ILE A 135 -20.30 25.39 16.70
CA ILE A 135 -19.14 25.50 17.58
C ILE A 135 -18.20 24.35 17.26
N ASN A 136 -16.95 24.67 16.97
CA ASN A 136 -15.97 23.65 16.63
C ASN A 136 -15.62 22.80 17.84
N LEU A 137 -15.49 21.49 17.62
CA LEU A 137 -15.16 20.55 18.67
C LEU A 137 -14.18 19.53 18.12
N ILE A 138 -12.93 19.62 18.56
CA ILE A 138 -11.87 18.71 18.13
C ILE A 138 -11.64 17.69 19.23
N PRO A 139 -11.88 16.41 18.98
CA PRO A 139 -11.70 15.40 20.03
C PRO A 139 -10.25 15.33 20.51
N LEU A 140 -10.09 15.13 21.82
CA LEU A 140 -8.79 14.92 22.43
C LEU A 140 -8.92 13.83 23.48
N ILE A 141 -8.15 12.76 23.33
CA ILE A 141 -8.21 11.61 24.21
C ILE A 141 -6.82 11.40 24.80
N ASP A 142 -6.74 11.34 26.13
CA ASP A 142 -5.47 11.20 26.83
C ASP A 142 -5.48 9.85 27.55
N GLY A 143 -4.95 8.83 26.89
CA GLY A 143 -4.84 7.51 27.46
C GLY A 143 -3.44 7.27 27.99
N ARG A 144 -3.36 6.74 29.22
CA ARG A 144 -2.10 6.46 29.86
C ARG A 144 -2.03 4.99 30.23
N THR A 145 -0.83 4.42 30.12
CA THR A 145 -0.61 3.02 30.46
C THR A 145 -0.11 2.82 31.88
N SER A 146 -0.03 3.89 32.68
CA SER A 146 0.46 3.79 34.04
C SER A 146 -0.13 4.91 34.88
N PHE A 147 0.05 4.80 36.20
CA PHE A 147 -0.50 5.77 37.13
C PHE A 147 0.41 6.97 37.35
N TYR A 148 1.66 6.92 36.88
CA TYR A 148 2.60 8.00 37.18
C TYR A 148 2.16 9.31 36.54
N ASN A 149 2.33 10.39 37.29
CA ASN A 149 1.94 11.73 36.85
C ASN A 149 2.73 12.75 37.67
N GLU A 150 2.32 14.02 37.58
CA GLU A 150 3.06 15.09 38.24
C GLU A 150 2.65 15.33 39.69
N GLN A 151 1.40 15.03 40.06
CA GLN A 151 0.96 15.28 41.43
C GLN A 151 1.73 14.45 42.45
N ILE A 152 1.97 13.18 42.16
CA ILE A 152 2.64 12.27 43.09
C ILE A 152 3.91 11.75 42.43
N PRO A 153 5.05 11.73 43.12
CA PRO A 153 6.26 11.16 42.53
C PRO A 153 6.13 9.65 42.36
N ASP A 154 7.09 9.10 41.62
CA ASP A 154 6.99 7.71 41.17
C ASP A 154 6.97 6.73 42.34
N TRP A 155 7.95 6.85 43.25
CA TRP A 155 8.05 5.87 44.32
C TRP A 155 6.91 6.00 45.33
N VAL A 156 6.50 7.24 45.63
CA VAL A 156 5.36 7.43 46.52
C VAL A 156 4.09 6.88 45.89
N ASN A 157 3.91 7.12 44.58
CA ASN A 157 2.74 6.57 43.90
C ASN A 157 2.73 5.05 43.94
N ASP A 158 3.88 4.42 43.69
CA ASP A 158 3.96 2.96 43.72
C ASP A 158 3.67 2.42 45.11
N LYS A 159 4.24 3.05 46.15
CA LYS A 159 4.01 2.58 47.51
C LYS A 159 2.54 2.75 47.91
N LEU A 160 1.95 3.89 47.55
CA LEU A 160 0.53 4.10 47.84
C LEU A 160 -0.33 3.07 47.11
N ARG A 161 -0.01 2.78 45.85
CA ARG A 161 -0.76 1.77 45.11
C ARG A 161 -0.65 0.41 45.78
N ASP A 162 0.56 0.03 46.19
CA ASP A 162 0.75 -1.27 46.82
C ASP A 162 -0.02 -1.37 48.14
N THR A 163 0.08 -0.34 48.98
CA THR A 163 -0.60 -0.38 50.27
C THR A 163 -2.11 -0.34 50.10
N LEU A 164 -2.62 0.42 49.12
CA LEU A 164 -4.05 0.47 48.87
C LEU A 164 -4.56 -0.87 48.34
N PHE A 165 -3.77 -1.53 47.49
CA PHE A 165 -4.17 -2.84 46.98
C PHE A 165 -4.17 -3.87 48.11
N SER A 166 -3.19 -3.80 49.00
CA SER A 166 -3.21 -4.68 50.18
C SER A 166 -4.41 -4.39 51.06
N LEU A 167 -4.77 -3.11 51.21
CA LEU A 167 -5.96 -2.75 51.97
C LEU A 167 -7.21 -3.33 51.35
N LEU A 168 -7.32 -3.31 50.02
CA LEU A 168 -8.49 -3.87 49.37
C LEU A 168 -8.53 -5.38 49.51
N ARG A 169 -7.37 -6.04 49.42
CA ARG A 169 -7.33 -7.47 49.73
C ARG A 169 -7.84 -7.76 51.13
N TYR A 170 -7.37 -6.99 52.11
CA TYR A 170 -7.79 -7.21 53.49
C TYR A 170 -9.28 -6.97 53.66
N ALA A 171 -9.81 -5.91 53.04
CA ALA A 171 -11.23 -5.61 53.14
C ALA A 171 -12.07 -6.71 52.50
N GLN A 172 -11.65 -7.21 51.33
CA GLN A 172 -12.38 -8.30 50.69
C GLN A 172 -12.36 -9.56 51.53
N GLU A 173 -11.21 -9.91 52.10
CA GLU A 173 -11.15 -11.10 52.93
C GLU A 173 -11.76 -10.90 54.31
N SER A 174 -12.09 -9.66 54.67
CA SER A 174 -12.66 -9.37 55.98
C SER A 174 -14.17 -9.20 55.94
N ASN A 175 -14.67 -8.27 55.12
CA ASN A 175 -16.10 -7.99 55.06
C ASN A 175 -16.74 -8.33 53.71
N SER A 176 -15.94 -8.46 52.65
CA SER A 176 -16.44 -8.83 51.32
C SER A 176 -17.51 -7.85 50.84
N LEU A 177 -17.16 -6.56 50.91
CA LEU A 177 -18.10 -5.52 50.51
C LEU A 177 -18.39 -5.51 49.01
N PHE A 178 -17.40 -5.85 48.19
CA PHE A 178 -17.57 -5.86 46.74
C PHE A 178 -17.91 -7.26 46.24
N GLU A 179 -18.53 -7.31 45.07
CA GLU A 179 -18.80 -8.58 44.41
C GLU A 179 -17.49 -9.21 43.92
N GLU A 180 -17.55 -10.51 43.66
CA GLU A 180 -16.39 -11.21 43.13
C GLU A 180 -15.97 -10.62 41.78
N SER A 181 -16.95 -10.29 40.93
CA SER A 181 -16.64 -9.72 39.62
C SER A 181 -15.92 -8.39 39.75
N GLU A 182 -16.48 -7.46 40.54
CA GLU A 182 -15.88 -6.15 40.69
C GLU A 182 -14.56 -6.22 41.43
N TYR A 183 -14.47 -7.10 42.44
CA TYR A 183 -13.20 -7.29 43.15
C TYR A 183 -12.11 -7.76 42.21
N SER A 184 -12.40 -8.78 41.40
CA SER A 184 -11.42 -9.27 40.45
C SER A 184 -11.06 -8.20 39.42
N ARG A 185 -12.06 -7.45 38.96
CA ARG A 185 -11.80 -6.38 37.99
C ARG A 185 -10.84 -5.35 38.56
N LEU A 186 -11.09 -4.90 39.79
CA LEU A 186 -10.22 -3.87 40.36
C LEU A 186 -8.84 -4.42 40.67
N CYS A 187 -8.76 -5.68 41.10
CA CYS A 187 -7.44 -6.29 41.35
C CYS A 187 -6.64 -6.39 40.06
N GLU A 188 -7.27 -6.80 38.96
CA GLU A 188 -6.57 -6.86 37.69
C GLU A 188 -6.24 -5.49 37.14
N SER A 189 -7.05 -4.47 37.47
CA SER A 189 -6.77 -3.10 37.04
C SER A 189 -5.74 -2.41 37.92
N LEU A 190 -5.42 -2.96 39.09
CA LEU A 190 -4.48 -2.34 40.02
C LEU A 190 -3.13 -3.05 40.09
N SER A 191 -3.09 -4.36 39.86
CA SER A 191 -1.85 -5.11 39.94
C SER A 191 -0.87 -4.76 38.82
N MET A 192 -1.33 -4.08 37.78
CA MET A 192 -0.51 -3.71 36.62
C MET A 192 0.15 -4.94 36.00
N SER A 198 2.05 -16.30 28.74
CA SER A 198 1.55 -15.03 28.23
C SER A 198 0.04 -15.05 28.08
N GLY A 199 -0.43 -14.92 26.84
CA GLY A 199 -1.85 -14.97 26.59
C GLY A 199 -2.42 -16.37 26.74
N VAL A 200 -1.57 -17.39 26.61
CA VAL A 200 -2.03 -18.78 26.77
C VAL A 200 -2.55 -19.00 28.19
N GLU A 201 -1.81 -18.50 29.18
CA GLU A 201 -2.26 -18.59 30.56
C GLU A 201 -3.21 -17.46 30.94
N SER A 202 -3.50 -16.55 30.02
CA SER A 202 -4.49 -15.51 30.29
C SER A 202 -5.90 -16.09 30.39
N LEU A 203 -6.14 -17.26 29.81
CA LEU A 203 -7.42 -17.94 29.96
C LEU A 203 -7.55 -18.65 31.30
N ASN A 204 -6.46 -18.74 32.08
CA ASN A 204 -6.54 -19.36 33.40
C ASN A 204 -7.36 -18.53 34.37
N VAL A 205 -7.32 -17.21 34.23
CA VAL A 205 -8.02 -16.32 35.16
C VAL A 205 -9.48 -16.10 34.79
N LEU A 206 -9.98 -16.79 33.77
CA LEU A 206 -11.37 -16.69 33.37
C LEU A 206 -12.15 -17.90 33.84
N LEU A 207 -13.33 -17.66 34.38
CA LEU A 207 -14.21 -18.76 34.80
C LEU A 207 -14.69 -19.52 33.57
N ASP A 208 -14.67 -20.85 33.67
CA ASP A 208 -15.05 -21.70 32.55
C ASP A 208 -16.55 -21.98 32.61
N ASN A 209 -17.31 -21.38 31.69
CA ASN A 209 -18.74 -21.60 31.59
C ASN A 209 -19.12 -22.42 30.36
N ARG A 210 -18.23 -23.30 29.92
CA ARG A 210 -18.50 -24.18 28.79
C ARG A 210 -19.61 -25.16 29.16
N SER A 211 -20.78 -24.97 28.56
CA SER A 211 -21.94 -25.79 28.83
C SER A 211 -21.95 -27.00 27.88
N SER A 212 -23.08 -27.70 27.82
CA SER A 212 -23.18 -28.92 27.03
C SER A 212 -23.09 -28.67 25.53
N HIS A 213 -23.16 -27.42 25.07
CA HIS A 213 -22.99 -27.14 23.64
C HIS A 213 -21.58 -27.49 23.18
N TYR A 214 -20.57 -27.12 23.97
CA TYR A 214 -19.19 -27.48 23.63
C TYR A 214 -19.00 -28.99 23.63
N GLU A 215 -19.59 -29.68 24.62
CA GLU A 215 -19.50 -31.13 24.67
C GLU A 215 -20.15 -31.77 23.46
N GLU A 216 -21.29 -31.23 23.03
CA GLU A 216 -21.98 -31.77 21.86
C GLU A 216 -21.18 -31.53 20.59
N ILE A 217 -20.53 -30.37 20.48
CA ILE A 217 -19.66 -30.11 19.32
C ILE A 217 -18.49 -31.08 19.30
N ILE A 218 -17.88 -31.32 20.46
CA ILE A 218 -16.76 -32.26 20.55
C ILE A 218 -17.22 -33.67 20.19
N ALA A 219 -18.40 -34.06 20.67
CA ALA A 219 -18.93 -35.38 20.32
C ALA A 219 -19.19 -35.49 18.82
N SER A 220 -19.68 -34.41 18.21
CA SER A 220 -19.89 -34.42 16.76
C SER A 220 -18.57 -34.58 16.02
N CYS A 221 -17.52 -33.90 16.48
CA CYS A 221 -16.23 -34.02 15.82
C CYS A 221 -15.49 -35.31 16.19
N HIS A 222 -16.02 -36.09 17.13
CA HIS A 222 -15.44 -37.39 17.46
C HIS A 222 -16.25 -38.58 16.95
N GLN A 223 -17.56 -38.41 16.74
CA GLN A 223 -18.39 -39.54 16.33
C GLN A 223 -18.06 -39.98 14.92
N GLY A 224 -17.93 -41.29 14.73
CA GLY A 224 -17.66 -41.86 13.42
C GLY A 224 -16.25 -41.71 12.92
N ILE A 225 -15.32 -41.23 13.75
CA ILE A 225 -13.94 -41.01 13.36
C ILE A 225 -13.05 -41.97 14.13
N ASN A 226 -12.26 -42.76 13.40
CA ASN A 226 -11.33 -43.72 14.00
C ASN A 226 -9.91 -43.25 13.72
N ASN A 227 -9.23 -42.80 14.77
CA ASN A 227 -7.87 -42.30 14.68
C ASN A 227 -6.84 -43.28 15.20
N LYS A 228 -7.26 -44.51 15.52
CA LYS A 228 -6.36 -45.54 16.04
C LYS A 228 -6.04 -46.60 15.00
N LEU A 229 -6.38 -46.37 13.74
CA LEU A 229 -6.10 -47.36 12.70
C LEU A 229 -4.60 -47.54 12.52
N THR A 230 -4.20 -48.80 12.34
CA THR A 230 -2.80 -49.10 12.07
C THR A 230 -2.48 -48.82 10.60
N ALA A 231 -1.18 -48.89 10.28
CA ALA A 231 -0.76 -48.64 8.90
C ALA A 231 -1.33 -49.68 7.95
N HIS A 232 -1.44 -50.93 8.41
CA HIS A 232 -1.99 -51.99 7.56
C HIS A 232 -3.45 -51.72 7.20
N GLU A 233 -4.27 -51.39 8.20
CA GLU A 233 -5.68 -51.14 7.95
C GLU A 233 -5.88 -49.91 7.08
N VAL A 234 -5.10 -48.85 7.33
CA VAL A 234 -5.18 -47.65 6.51
C VAL A 234 -4.82 -47.97 5.06
N LYS A 235 -3.75 -48.74 4.86
CA LYS A 235 -3.35 -49.11 3.51
C LYS A 235 -4.42 -49.94 2.82
N LEU A 236 -5.03 -50.88 3.54
CA LEU A 236 -6.08 -51.71 2.95
C LEU A 236 -7.28 -50.85 2.55
N GLN A 237 -7.68 -49.91 3.41
CA GLN A 237 -8.80 -49.03 3.08
C GLN A 237 -8.48 -48.17 1.87
N ILE A 238 -7.26 -47.64 1.80
CA ILE A 238 -6.86 -46.82 0.66
C ILE A 238 -6.88 -47.66 -0.62
N GLU A 239 -6.38 -48.88 -0.55
CA GLU A 239 -6.35 -49.75 -1.73
C GLU A 239 -7.76 -50.06 -2.21
N GLU A 240 -8.67 -50.40 -1.28
CA GLU A 240 -10.05 -50.68 -1.67
C GLU A 240 -10.70 -49.44 -2.27
N GLU A 241 -10.47 -48.27 -1.67
CA GLU A 241 -11.02 -47.03 -2.19
C GLU A 241 -10.53 -46.79 -3.61
N TYR A 242 -9.24 -47.04 -3.86
CA TYR A 242 -8.71 -46.82 -5.20
C TYR A 242 -9.26 -47.81 -6.21
N GLN A 243 -9.44 -49.08 -5.81
CA GLN A 243 -10.04 -50.03 -6.72
C GLN A 243 -11.46 -49.64 -7.10
N VAL A 244 -12.25 -49.20 -6.12
CA VAL A 244 -13.62 -48.77 -6.44
C VAL A 244 -13.58 -47.53 -7.32
N PHE A 245 -12.65 -46.61 -7.07
CA PHE A 245 -12.53 -45.41 -7.90
C PHE A 245 -12.15 -45.77 -9.33
N ARG A 246 -11.20 -46.71 -9.50
CA ARG A 246 -10.85 -47.18 -10.83
C ARG A 246 -12.05 -47.77 -11.54
N ASN A 247 -12.81 -48.62 -10.85
CA ASN A 247 -13.97 -49.25 -11.47
C ASN A 247 -15.00 -48.21 -11.91
N ARG A 248 -15.30 -47.25 -11.03
CA ARG A 248 -16.33 -46.27 -11.35
C ARG A 248 -15.86 -45.22 -12.36
N LEU A 249 -14.56 -44.95 -12.44
CA LEU A 249 -14.05 -44.05 -13.45
C LEU A 249 -14.00 -44.73 -14.81
N ARG A 250 -13.70 -46.03 -14.84
CA ARG A 250 -13.69 -46.74 -16.11
C ARG A 250 -15.10 -46.90 -16.68
N LYS A 251 -16.07 -47.23 -15.83
CA LYS A 251 -17.44 -47.39 -16.29
C LYS A 251 -18.12 -46.06 -16.61
N GLY A 252 -17.53 -44.94 -16.23
CA GLY A 252 -18.11 -43.64 -16.48
C GLY A 252 -19.03 -43.11 -15.42
N GLU A 253 -19.21 -43.83 -14.30
CA GLU A 253 -20.08 -43.33 -13.24
C GLU A 253 -19.46 -42.14 -12.53
N ILE A 254 -18.14 -42.00 -12.58
CA ILE A 254 -17.44 -40.82 -12.06
C ILE A 254 -16.78 -40.13 -13.25
N THR A 255 -17.05 -38.83 -13.39
CA THR A 255 -16.51 -38.08 -14.51
C THR A 255 -15.10 -37.59 -14.21
N GLY A 256 -14.23 -37.64 -15.22
CA GLY A 256 -12.90 -37.12 -15.06
C GLY A 256 -12.86 -35.60 -15.09
N GLN A 257 -11.91 -35.04 -14.35
CA GLN A 257 -11.75 -33.60 -14.25
C GLN A 257 -10.51 -33.10 -14.98
N PHE A 258 -9.79 -33.96 -15.69
CA PHE A 258 -8.57 -33.57 -16.38
C PHE A 258 -8.58 -34.12 -17.81
N LEU A 259 -7.89 -33.43 -18.69
CA LEU A 259 -7.75 -33.82 -20.08
C LEU A 259 -6.29 -33.70 -20.49
N LYS A 260 -5.86 -34.59 -21.37
CA LYS A 260 -4.53 -34.48 -21.95
C LYS A 260 -4.42 -33.21 -22.77
N VAL A 261 -3.27 -32.54 -22.68
CA VAL A 261 -3.10 -31.24 -23.32
C VAL A 261 -2.97 -31.45 -24.82
N ASP A 262 -3.88 -30.84 -25.58
CA ASP A 262 -3.84 -30.82 -27.03
C ASP A 262 -3.60 -29.37 -27.46
N LYS A 263 -2.44 -29.12 -28.07
CA LYS A 263 -2.06 -27.74 -28.40
C LYS A 263 -3.04 -27.14 -29.40
N SER A 264 -3.41 -27.89 -30.43
CA SER A 264 -4.36 -27.38 -31.42
C SER A 264 -5.72 -27.13 -30.80
N ARG A 265 -6.20 -28.06 -29.96
CA ARG A 265 -7.49 -27.87 -29.31
C ARG A 265 -7.46 -26.71 -28.34
N LEU A 266 -6.35 -26.53 -27.62
CA LEU A 266 -6.22 -25.39 -26.72
C LEU A 266 -6.24 -24.07 -27.50
N LEU A 267 -5.52 -24.01 -28.62
CA LEU A 267 -5.54 -22.80 -29.44
C LEU A 267 -6.94 -22.53 -29.99
N ASN A 268 -7.63 -23.57 -30.43
CA ASN A 268 -8.99 -23.38 -30.94
C ASN A 268 -9.94 -22.90 -29.86
N ASP A 269 -9.82 -23.46 -28.65
CA ASP A 269 -10.67 -23.01 -27.55
C ASP A 269 -10.37 -21.56 -27.19
N PHE A 270 -9.10 -21.17 -27.20
CA PHE A 270 -8.76 -19.77 -26.94
C PHE A 270 -9.30 -18.86 -28.03
N ASN A 271 -9.21 -19.29 -29.29
CA ASN A 271 -9.65 -18.46 -30.40
C ASN A 271 -11.17 -18.25 -30.40
N ASN A 272 -11.91 -19.19 -29.84
CA ASN A 272 -13.37 -19.10 -29.75
C ASN A 272 -13.84 -18.79 -28.34
N LEU A 273 -13.00 -18.09 -27.57
CA LEU A 273 -13.36 -17.74 -26.21
C LEU A 273 -14.54 -16.78 -26.17
N TYR A 274 -14.67 -15.91 -27.16
CA TYR A 274 -15.73 -14.92 -27.24
C TYR A 274 -16.42 -14.96 -28.59
N VAL A 275 -16.77 -16.16 -29.06
CA VAL A 275 -17.43 -16.24 -30.36
C VAL A 275 -18.94 -16.11 -30.14
N ASP A 276 -19.37 -14.88 -29.86
CA ASP A 276 -20.75 -14.43 -30.02
C ASP A 276 -20.86 -13.03 -30.59
N GLU A 277 -19.83 -12.20 -30.47
CA GLU A 277 -19.81 -10.83 -30.97
C GLU A 277 -18.55 -10.60 -31.78
N VAL A 278 -17.50 -11.39 -31.52
CA VAL A 278 -16.30 -11.39 -32.35
C VAL A 278 -16.55 -12.34 -33.51
N THR A 279 -17.07 -11.82 -34.61
CA THR A 279 -17.48 -12.64 -35.75
C THR A 279 -16.32 -12.96 -36.68
N ALA A 280 -15.23 -13.45 -36.10
CA ALA A 280 -14.04 -13.86 -36.84
C ALA A 280 -13.13 -14.63 -35.90
N THR A 281 -12.21 -15.38 -36.48
CA THR A 281 -11.20 -16.10 -35.70
C THR A 281 -9.77 -15.83 -36.15
N LYS A 282 -9.56 -15.32 -37.37
CA LYS A 282 -8.23 -14.99 -37.86
C LYS A 282 -8.27 -13.57 -38.39
N ASP A 283 -7.85 -12.62 -37.55
CA ASP A 283 -7.86 -11.21 -37.91
C ASP A 283 -6.59 -10.84 -38.65
N ASN A 284 -6.74 -10.06 -39.72
CA ASN A 284 -5.58 -9.50 -40.41
C ASN A 284 -4.89 -8.49 -39.50
N ILE A 285 -3.57 -8.60 -39.39
CA ILE A 285 -2.84 -7.76 -38.44
C ILE A 285 -2.84 -6.31 -38.89
N GLU A 286 -2.77 -6.07 -40.20
CA GLU A 286 -2.85 -4.71 -40.71
C GLU A 286 -4.22 -4.10 -40.41
N HIS A 287 -5.28 -4.89 -40.57
CA HIS A 287 -6.61 -4.42 -40.20
C HIS A 287 -6.70 -4.14 -38.71
N LEU A 288 -6.02 -4.96 -37.89
CA LEU A 288 -5.99 -4.71 -36.46
C LEU A 288 -5.30 -3.39 -36.13
N ILE A 289 -4.20 -3.09 -36.84
CA ILE A 289 -3.52 -1.81 -36.64
C ILE A 289 -4.43 -0.65 -37.04
N TYR A 290 -5.11 -0.79 -38.18
CA TYR A 290 -6.03 0.24 -38.64
C TYR A 290 -7.15 0.47 -37.62
N GLN A 291 -7.72 -0.60 -37.08
CA GLN A 291 -8.79 -0.46 -36.10
C GLN A 291 -8.28 0.07 -34.77
N PHE A 292 -7.06 -0.30 -34.38
CA PHE A 292 -6.51 0.15 -33.12
C PHE A 292 -6.20 1.64 -33.15
N LYS A 293 -5.69 2.15 -34.27
CA LYS A 293 -5.37 3.57 -34.34
C LYS A 293 -6.61 4.46 -34.44
N ARG A 294 -7.81 3.88 -34.44
CA ARG A 294 -9.04 4.65 -34.49
C ARG A 294 -10.10 4.14 -33.52
N ALA A 295 -9.73 3.33 -32.54
CA ALA A 295 -10.74 2.64 -31.74
C ALA A 295 -11.48 3.60 -30.81
N SER A 296 -10.76 4.47 -30.13
CA SER A 296 -11.31 5.34 -29.11
C SER A 296 -10.78 6.75 -29.31
N PRO A 297 -11.46 7.76 -28.74
CA PRO A 297 -10.95 9.14 -28.88
C PRO A 297 -9.54 9.33 -28.36
N ILE A 298 -9.17 8.68 -27.26
CA ILE A 298 -7.80 8.75 -26.77
C ILE A 298 -6.85 8.10 -27.78
N LEU A 299 -7.20 6.91 -28.27
CA LEU A 299 -6.37 6.24 -29.25
C LEU A 299 -6.32 7.02 -30.56
N ARG A 300 -7.43 7.66 -30.94
CA ARG A 300 -7.43 8.51 -32.13
C ARG A 300 -6.47 9.68 -31.94
N PHE A 301 -6.46 10.29 -30.77
CA PHE A 301 -5.55 11.40 -30.50
C PHE A 301 -4.10 10.96 -30.46
N LEU A 302 -3.83 9.74 -29.97
CA LEU A 302 -2.44 9.29 -29.83
C LEU A 302 -1.77 9.06 -31.19
N TYR A 303 -2.53 8.66 -32.20
CA TYR A 303 -1.96 8.28 -33.49
C TYR A 303 -2.39 9.19 -34.62
N ALA A 304 -2.76 10.44 -34.31
CA ALA A 304 -3.19 11.38 -35.34
C ALA A 304 -2.03 12.31 -35.71
N ASN A 305 -2.30 13.21 -36.67
CA ASN A 305 -1.32 14.18 -37.11
C ASN A 305 -1.59 15.52 -36.41
N ILE A 306 -1.21 15.58 -35.14
CA ILE A 306 -1.31 16.84 -34.38
C ILE A 306 0.04 17.53 -34.52
N GLY A 307 0.17 18.31 -35.59
CA GLY A 307 1.44 18.92 -35.91
C GLY A 307 1.29 20.41 -36.18
N GLU A 308 2.36 21.14 -35.94
CA GLU A 308 2.39 22.57 -36.20
C GLU A 308 3.76 23.01 -36.71
N LYS A 319 11.23 30.52 -25.29
CA LYS A 319 11.07 31.84 -24.69
C LYS A 319 9.70 31.98 -24.02
N GLU A 320 9.70 32.09 -22.69
CA GLU A 320 8.46 32.27 -21.96
C GLU A 320 7.91 33.67 -22.18
N CYS A 321 6.58 33.77 -22.22
CA CYS A 321 5.90 35.03 -22.45
C CYS A 321 5.48 35.65 -21.11
N GLN A 322 4.94 36.87 -21.18
CA GLN A 322 4.54 37.56 -19.96
C GLN A 322 3.29 36.96 -19.34
N MET A 323 2.42 36.36 -20.16
CA MET A 323 1.20 35.74 -19.63
C MET A 323 1.54 34.64 -18.63
N GLN A 324 2.52 33.79 -18.95
CA GLN A 324 2.88 32.72 -18.04
C GLN A 324 3.50 33.26 -16.75
N TYR A 325 4.35 34.28 -16.87
CA TYR A 325 4.96 34.88 -15.68
C TYR A 325 3.89 35.44 -14.75
N TRP A 326 2.96 36.22 -15.31
CA TRP A 326 1.92 36.82 -14.49
C TRP A 326 0.98 35.76 -13.93
N ARG A 327 0.66 34.73 -14.72
CA ARG A 327 -0.21 33.67 -14.23
C ARG A 327 0.42 32.93 -13.06
N SER A 328 1.72 32.63 -13.15
CA SER A 328 2.40 31.97 -12.04
C SER A 328 2.46 32.87 -10.81
N PHE A 329 2.77 34.15 -11.02
CA PHE A 329 2.84 35.08 -9.88
C PHE A 329 1.50 35.19 -9.18
N LEU A 330 0.42 35.36 -9.94
CA LEU A 330 -0.90 35.52 -9.34
C LEU A 330 -1.44 34.20 -8.79
N ASN A 331 -1.00 33.08 -9.34
CA ASN A 331 -1.34 31.79 -8.74
C ASN A 331 -0.68 31.63 -7.39
N LYS A 332 0.55 32.14 -7.25
CA LYS A 332 1.20 32.06 -5.95
C LYS A 332 0.58 33.03 -4.95
N VAL A 333 0.32 34.26 -5.36
CA VAL A 333 -0.20 35.24 -4.40
C VAL A 333 -1.67 35.02 -4.05
N LYS A 334 -2.41 34.28 -4.87
CA LYS A 334 -3.80 34.00 -4.51
C LYS A 334 -3.89 33.04 -3.33
N SER A 335 -2.84 32.27 -3.05
CA SER A 335 -2.81 31.41 -1.88
C SER A 335 -2.58 32.18 -0.60
N LEU A 336 -1.88 33.32 -0.68
CA LEU A 336 -1.61 34.13 0.49
C LEU A 336 -2.85 34.84 1.03
N ARG A 337 -3.95 34.83 0.28
CA ARG A 337 -5.23 35.41 0.69
C ARG A 337 -5.06 36.88 1.07
N ILE A 338 -4.61 37.68 0.11
CA ILE A 338 -4.54 39.12 0.31
C ILE A 338 -5.93 39.72 0.43
N LEU A 339 -6.90 39.17 -0.32
CA LEU A 339 -8.29 39.61 -0.27
C LEU A 339 -8.44 41.09 -0.61
N THR A 341 -14.67 37.09 0.39
CA THR A 341 -14.63 37.99 -0.76
C THR A 341 -13.77 37.41 -1.88
N ARG A 342 -13.90 36.10 -2.12
CA ARG A 342 -13.13 35.44 -3.15
C ARG A 342 -13.80 35.61 -4.51
N ARG A 343 -14.16 36.84 -4.84
CA ARG A 343 -14.75 37.18 -6.14
C ARG A 343 -14.10 38.36 -6.80
N LYS A 344 -13.61 39.33 -6.02
CA LYS A 344 -13.02 40.56 -6.55
C LYS A 344 -11.54 40.38 -6.91
N LEU A 345 -10.76 39.71 -6.06
CA LEU A 345 -9.38 39.44 -6.41
C LEU A 345 -9.29 38.54 -7.64
N LEU A 346 -10.26 37.65 -7.81
CA LEU A 346 -10.29 36.83 -9.02
C LEU A 346 -10.48 37.69 -10.26
N LEU A 347 -11.37 38.67 -10.19
CA LEU A 347 -11.56 39.57 -11.32
C LEU A 347 -10.30 40.40 -11.59
N ILE A 348 -9.65 40.87 -10.53
CA ILE A 348 -8.41 41.64 -10.71
C ILE A 348 -7.34 40.79 -11.35
N PHE A 349 -7.21 39.53 -10.90
CA PHE A 349 -6.22 38.63 -11.48
C PHE A 349 -6.52 38.33 -12.94
N ASP A 350 -7.80 38.13 -13.27
CA ASP A 350 -8.18 37.91 -14.66
C ASP A 350 -7.82 39.11 -15.51
N ALA A 351 -8.08 40.32 -15.01
CA ALA A 351 -7.73 41.53 -15.75
C ALA A 351 -6.22 41.65 -15.94
N LEU A 352 -5.45 41.33 -14.89
CA LEU A 352 -3.99 41.39 -15.00
C LEU A 352 -3.46 40.40 -16.02
N ILE A 353 -3.97 39.17 -16.01
CA ILE A 353 -3.51 38.17 -16.96
C ILE A 353 -3.93 38.55 -18.38
N LEU A 354 -5.13 39.12 -18.53
CA LEU A 354 -5.55 39.61 -19.84
C LEU A 354 -4.64 40.73 -20.34
N LEU A 355 -4.24 41.64 -19.44
CA LEU A 355 -3.32 42.69 -19.83
C LEU A 355 -1.96 42.12 -20.24
N ALA A 356 -1.48 41.11 -19.52
CA ALA A 356 -0.24 40.46 -19.89
C ALA A 356 -0.34 39.82 -21.27
N SER A 357 -1.47 39.18 -21.56
CA SER A 357 -1.67 38.57 -22.87
C SER A 357 -1.72 39.63 -23.97
N ILE A 358 -2.41 40.75 -23.70
CA ILE A 358 -2.47 41.84 -24.68
C ILE A 358 -1.07 42.39 -24.94
N HIS A 359 -0.29 42.55 -23.88
CA HIS A 359 1.09 43.01 -24.03
C HIS A 359 1.90 42.05 -24.88
N ASP A 360 1.77 40.74 -24.62
CA ASP A 360 2.50 39.75 -25.42
C ASP A 360 2.10 39.82 -26.89
N GLN A 361 0.79 39.93 -27.16
CA GLN A 361 0.32 39.95 -28.53
C GLN A 361 0.73 41.21 -29.27
N THR A 362 0.79 42.35 -28.57
CA THR A 362 1.26 43.57 -29.21
C THR A 362 2.77 43.61 -29.40
N ARG A 363 3.54 43.00 -28.49
CA ARG A 363 4.98 43.00 -28.64
C ARG A 363 5.47 42.00 -29.68
N HIS A 364 4.99 40.76 -29.65
CA HIS A 364 5.51 39.75 -30.56
C HIS A 364 4.45 38.84 -31.17
N LYS A 365 3.18 39.25 -31.18
CA LYS A 365 2.10 38.49 -31.82
C LYS A 365 2.03 37.05 -31.29
N CYS A 366 1.77 36.95 -30.00
CA CYS A 366 1.65 35.66 -29.32
C CYS A 366 0.22 35.16 -29.37
N SER A 367 0.07 33.85 -29.12
CA SER A 367 -1.26 33.25 -29.13
C SER A 367 -1.43 32.19 -28.05
N LYS A 368 -0.43 31.96 -27.19
CA LYS A 368 -0.56 30.96 -26.15
C LYS A 368 -1.48 31.44 -25.04
N GLY A 369 -2.08 30.49 -24.33
CA GLY A 369 -2.97 30.80 -23.23
C GLY A 369 -4.40 31.11 -23.63
N TRP A 370 -4.74 31.02 -24.92
CA TRP A 370 -6.07 31.32 -25.41
C TRP A 370 -6.71 30.09 -26.01
N LEU A 371 -8.04 30.03 -25.94
CA LEU A 371 -8.84 28.94 -26.49
C LEU A 371 -10.01 29.51 -27.28
N GLY A 372 -9.72 30.50 -28.13
CA GLY A 372 -10.77 31.17 -28.86
C GLY A 372 -11.11 32.51 -28.25
N SER A 373 -12.26 32.60 -27.60
CA SER A 373 -12.67 33.80 -26.88
C SER A 373 -12.45 33.68 -25.38
N CYS A 374 -11.83 32.59 -24.92
CA CYS A 374 -11.55 32.36 -23.52
C CYS A 374 -10.05 32.27 -23.30
N PHE A 375 -9.60 32.70 -22.13
CA PHE A 375 -8.18 32.68 -21.78
C PHE A 375 -8.00 31.98 -20.45
N ILE A 376 -6.78 31.50 -20.21
CA ILE A 376 -6.45 30.73 -19.02
C ILE A 376 -6.03 31.70 -17.92
N SER A 377 -6.86 31.82 -16.89
CA SER A 377 -6.58 32.63 -15.73
C SER A 377 -6.00 31.75 -14.62
N VAL A 378 -5.91 32.30 -13.41
CA VAL A 378 -5.39 31.57 -12.25
C VAL A 378 -6.36 30.47 -11.87
N ASN A 379 -5.88 29.53 -11.05
CA ASN A 379 -6.67 28.40 -10.57
C ASN A 379 -7.21 27.55 -11.72
N ASP A 380 -6.40 27.42 -12.77
CA ASP A 380 -6.68 26.59 -13.94
C ASP A 380 -7.95 26.98 -14.67
N ARG A 381 -8.54 28.13 -14.36
CA ARG A 381 -9.85 28.47 -14.87
C ARG A 381 -9.77 29.01 -16.29
N LEU A 382 -10.65 28.53 -17.15
CA LEU A 382 -10.92 29.19 -18.42
C LEU A 382 -11.92 30.30 -18.18
N VAL A 383 -11.59 31.51 -18.61
CA VAL A 383 -12.41 32.68 -18.34
C VAL A 383 -12.72 33.36 -19.67
N SER A 384 -14.00 33.68 -19.89
CA SER A 384 -14.43 34.32 -21.11
C SER A 384 -14.02 35.78 -21.12
N LEU A 385 -13.57 36.26 -22.29
CA LEU A 385 -13.21 37.67 -22.43
C LEU A 385 -14.42 38.57 -22.26
N GLU A 386 -15.55 38.21 -22.87
CA GLU A 386 -16.73 39.06 -22.82
C GLU A 386 -17.24 39.22 -21.39
N SER A 387 -17.38 38.12 -20.67
CA SER A 387 -17.83 38.20 -19.28
C SER A 387 -16.82 38.95 -18.43
N THR A 388 -15.53 38.77 -18.70
CA THR A 388 -14.50 39.49 -17.97
C THR A 388 -14.66 40.99 -18.12
N LYS A 389 -14.80 41.46 -19.37
CA LYS A 389 -14.89 42.90 -19.58
C LYS A 389 -16.22 43.46 -19.09
N ARG A 390 -17.31 42.69 -19.18
CA ARG A 390 -18.57 43.15 -18.62
C ARG A 390 -18.48 43.31 -17.10
N ASP A 391 -17.90 42.31 -16.42
CA ASP A 391 -17.72 42.42 -14.98
C ASP A 391 -16.80 43.58 -14.62
N LEU A 392 -15.74 43.77 -15.40
CA LEU A 392 -14.81 44.86 -15.12
C LEU A 392 -15.47 46.21 -15.27
N GLU A 393 -16.23 46.41 -16.35
CA GLU A 393 -16.90 47.70 -16.53
C GLU A 393 -17.95 47.92 -15.44
N LYS A 394 -18.70 46.87 -15.08
CA LYS A 394 -19.69 47.02 -14.03
C LYS A 394 -19.04 47.41 -12.71
N TRP A 395 -17.95 46.74 -12.35
CA TRP A 395 -17.25 47.03 -11.09
C TRP A 395 -16.66 48.43 -11.09
N VAL A 396 -16.00 48.82 -12.18
CA VAL A 396 -15.38 50.15 -12.25
C VAL A 396 -16.45 51.24 -12.17
N GLY A 397 -17.54 51.08 -12.92
CA GLY A 397 -18.61 52.06 -12.87
C GLY A 397 -19.29 52.12 -11.52
N ARG A 398 -19.44 50.97 -10.87
CA ARG A 398 -20.07 50.93 -9.55
C ARG A 398 -19.23 51.68 -8.52
N ARG A 399 -17.92 51.44 -8.51
CA ARG A 399 -17.09 52.16 -7.56
C ARG A 399 -16.95 53.63 -7.94
N GLN A 400 -17.05 53.95 -9.23
CA GLN A 400 -17.06 55.34 -9.65
C GLN A 400 -18.28 56.08 -9.10
N GLN A 401 -19.47 55.48 -9.28
CA GLN A 401 -20.70 56.11 -8.82
C GLN A 401 -20.84 56.07 -7.30
N SER A 402 -20.13 55.16 -6.62
CA SER A 402 -20.19 55.13 -5.17
C SER A 402 -19.21 56.11 -4.53
N GLU A 403 -17.97 56.13 -5.01
CA GLU A 403 -16.95 56.98 -4.40
C GLU A 403 -17.27 58.46 -4.60
N ARG A 404 -17.68 58.84 -5.81
CA ARG A 404 -17.89 60.24 -6.15
C ARG A 404 -19.12 60.84 -5.50
N SER A 405 -19.96 60.02 -4.84
CA SER A 405 -21.12 60.55 -4.14
C SER A 405 -20.74 61.41 -2.94
N ASN A 406 -19.47 61.41 -2.53
CA ASN A 406 -19.01 62.17 -1.37
C ASN A 406 -18.29 63.45 -1.75
N THR A 407 -17.29 63.37 -2.63
CA THR A 407 -16.45 64.50 -2.99
C THR A 407 -16.64 64.86 -4.46
N ILE A 408 -15.87 65.85 -4.91
CA ILE A 408 -15.94 66.36 -6.28
C ILE A 408 -14.52 66.26 -6.86
N GLN A 409 -14.24 65.14 -7.54
CA GLN A 409 -12.96 64.92 -8.19
C GLN A 409 -13.20 64.12 -9.46
N PRO A 410 -12.27 64.17 -10.41
CA PRO A 410 -12.40 63.34 -11.62
C PRO A 410 -12.11 61.89 -11.32
N PRO A 411 -13.08 61.00 -11.55
CA PRO A 411 -12.83 59.56 -11.33
C PRO A 411 -11.78 58.97 -12.26
N ASP A 412 -11.95 59.12 -13.57
CA ASP A 412 -11.00 58.64 -14.57
C ASP A 412 -10.79 57.13 -14.47
N LYS A 413 -11.83 56.40 -14.89
CA LYS A 413 -11.90 54.94 -14.85
C LYS A 413 -10.56 54.25 -15.10
N ASN A 414 -9.83 54.71 -16.11
CA ASN A 414 -8.49 54.16 -16.38
C ASN A 414 -7.61 54.27 -15.15
N GLN A 415 -7.52 55.48 -14.57
CA GLN A 415 -6.72 55.67 -13.36
C GLN A 415 -7.29 54.89 -12.17
N ILE A 416 -8.60 54.68 -12.12
CA ILE A 416 -9.18 53.85 -11.07
C ILE A 416 -8.64 52.42 -11.15
N LEU A 417 -8.67 51.84 -12.36
CA LEU A 417 -8.15 50.50 -12.55
C LEU A 417 -6.65 50.44 -12.28
N ILE A 418 -5.91 51.48 -12.70
CA ILE A 418 -4.48 51.52 -12.43
C ILE A 418 -4.21 51.52 -10.93
N SER A 419 -4.97 52.34 -10.18
CA SER A 419 -4.78 52.39 -8.74
C SER A 419 -5.10 51.07 -8.07
N MET A 420 -6.19 50.42 -8.48
CA MET A 420 -6.52 49.13 -7.90
C MET A 420 -5.45 48.08 -8.23
N PHE A 421 -4.95 48.08 -9.46
CA PHE A 421 -3.88 47.18 -9.85
C PHE A 421 -2.64 47.41 -8.99
N GLN A 422 -2.25 48.68 -8.83
CA GLN A 422 -1.04 48.98 -8.07
C GLN A 422 -1.20 48.60 -6.60
N LYS A 423 -2.37 48.85 -6.01
CA LYS A 423 -2.58 48.47 -4.62
C LYS A 423 -2.53 46.96 -4.44
N THR A 424 -3.21 46.22 -5.33
CA THR A 424 -3.19 44.76 -5.22
C THR A 424 -1.78 44.20 -5.41
N ILE A 425 -1.03 44.75 -6.38
CA ILE A 425 0.31 44.27 -6.65
C ILE A 425 1.25 44.60 -5.50
N LEU A 426 1.10 45.79 -4.90
CA LEU A 426 1.91 46.15 -3.75
C LEU A 426 1.64 45.23 -2.57
N LYS A 427 0.37 44.93 -2.30
CA LYS A 427 0.04 44.02 -1.21
C LYS A 427 0.58 42.62 -1.49
N ALA A 428 0.47 42.16 -2.74
CA ALA A 428 0.99 40.85 -3.09
C ALA A 428 2.50 40.79 -2.95
N THR A 429 3.20 41.85 -3.36
CA THR A 429 4.65 41.90 -3.20
C THR A 429 5.04 41.89 -1.72
N ALA A 430 4.32 42.66 -0.90
CA ALA A 430 4.60 42.68 0.54
C ALA A 430 4.39 41.32 1.17
N ALA A 431 3.32 40.63 0.78
CA ALA A 431 3.07 39.29 1.31
C ALA A 431 4.09 38.28 0.79
N LEU A 432 4.55 38.45 -0.44
CA LEU A 432 5.49 37.49 -1.02
C LEU A 432 6.89 37.63 -0.42
N LYS A 433 7.35 38.87 -0.22
CA LYS A 433 8.63 39.08 0.45
C LYS A 433 8.62 38.63 1.90
N ASP A 434 7.43 38.48 2.50
CA ASP A 434 7.32 38.05 3.88
C ASP A 434 7.90 36.65 4.10
N VAL A 435 7.87 35.79 3.08
CA VAL A 435 8.43 34.45 3.18
C VAL A 435 9.84 34.46 2.62
N GLY A 436 10.15 35.42 1.75
CA GLY A 436 11.50 35.58 1.25
C GLY A 436 11.62 35.48 -0.26
N ILE A 437 10.53 35.78 -0.96
CA ILE A 437 10.49 35.72 -2.42
C ILE A 437 10.26 37.13 -2.96
N SER A 438 11.10 37.54 -3.90
CA SER A 438 11.00 38.85 -4.53
C SER A 438 10.39 38.70 -5.93
N VAL A 439 9.60 39.70 -6.34
CA VAL A 439 8.82 39.59 -7.55
C VAL A 439 9.66 39.47 -8.82
N GLU A 440 10.89 39.99 -8.82
CA GLU A 440 11.71 39.89 -10.02
C GLU A 440 12.14 38.46 -10.32
N HIS A 441 12.09 37.57 -9.33
CA HIS A 441 12.32 36.16 -9.61
C HIS A 441 11.16 35.52 -10.36
N TYR A 442 9.99 36.16 -10.36
CA TYR A 442 8.89 35.73 -11.22
C TYR A 442 8.96 36.37 -12.59
N LYS A 443 9.91 37.28 -12.82
CA LYS A 443 10.21 37.83 -14.13
C LYS A 443 9.00 38.57 -14.72
N ILE A 444 8.15 39.11 -13.87
CA ILE A 444 6.99 39.87 -14.32
C ILE A 444 7.42 41.28 -14.70
N ASN A 445 6.85 41.78 -15.79
CA ASN A 445 7.12 43.13 -16.28
C ASN A 445 5.96 44.03 -15.91
N MET A 446 6.26 45.15 -15.25
CA MET A 446 5.23 46.08 -14.82
C MET A 446 4.78 47.01 -15.93
N GLU A 447 5.41 46.94 -17.11
CA GLU A 447 4.99 47.76 -18.24
C GLU A 447 3.75 47.22 -18.93
N VAL A 448 3.27 46.03 -18.54
CA VAL A 448 1.99 45.54 -19.06
C VAL A 448 0.84 46.39 -18.54
N ILE A 449 1.06 47.14 -17.48
CA ILE A 449 0.04 48.04 -16.93
C ILE A 449 0.36 49.43 -17.49
N CYS A 450 -0.22 49.74 -18.64
CA CYS A 450 -0.03 51.04 -19.25
C CYS A 450 -1.14 52.00 -18.83
N PRO A 451 -0.87 53.30 -18.85
CA PRO A 451 -1.95 54.28 -18.68
C PRO A 451 -3.21 53.95 -19.45
N ASP A 452 -3.08 53.52 -20.70
CA ASP A 452 -4.21 53.04 -21.49
C ASP A 452 -4.43 51.56 -21.13
N SER A 453 -5.18 51.36 -20.05
CA SER A 453 -5.45 50.02 -19.54
C SER A 453 -6.92 49.64 -19.62
N TYR A 454 -7.80 50.46 -19.06
CA TYR A 454 -9.24 50.14 -19.09
C TYR A 454 -9.77 50.18 -20.52
N ASP A 455 -9.40 51.21 -21.28
CA ASP A 455 -9.81 51.27 -22.69
C ASP A 455 -9.15 50.14 -23.49
N LEU A 456 -7.90 49.82 -23.17
CA LEU A 456 -7.22 48.73 -23.86
C LEU A 456 -7.89 47.39 -23.59
N ILE A 457 -8.34 47.17 -22.34
CA ILE A 457 -8.95 45.88 -22.01
C ILE A 457 -10.41 45.81 -22.44
N LEU A 458 -11.09 46.95 -22.61
CA LEU A 458 -12.46 46.94 -23.12
C LEU A 458 -12.54 46.99 -24.63
N ASN A 459 -11.53 47.57 -25.30
CA ASN A 459 -11.48 47.58 -26.76
C ASN A 459 -10.70 46.41 -27.33
N PHE A 460 -10.71 45.27 -26.65
CA PHE A 460 -9.96 44.10 -27.05
C PHE A 460 -10.94 43.05 -27.58
N ASP A 461 -10.71 42.59 -28.81
CA ASP A 461 -11.60 41.62 -29.45
C ASP A 461 -10.79 40.44 -29.94
N VAL A 462 -11.30 39.23 -29.73
CA VAL A 462 -10.74 38.01 -30.27
C VAL A 462 -11.87 37.17 -30.86
N SER A 463 -11.61 36.56 -32.02
CA SER A 463 -12.56 35.69 -32.67
C SER A 463 -11.88 34.38 -33.01
N GLY A 464 -12.47 33.26 -32.60
CA GLY A 464 -11.89 31.97 -32.84
C GLY A 464 -12.83 30.81 -32.56
N VAL A 465 -12.25 29.64 -32.28
CA VAL A 465 -13.07 28.46 -32.03
C VAL A 465 -13.72 28.56 -30.66
N VAL A 466 -14.80 27.80 -30.49
CA VAL A 466 -15.57 27.75 -29.25
C VAL A 466 -15.25 26.43 -28.55
N PRO A 467 -14.65 26.45 -27.37
CA PRO A 467 -14.36 25.19 -26.66
C PRO A 467 -15.65 24.53 -26.20
N THR A 468 -15.75 23.22 -26.43
CA THR A 468 -16.93 22.46 -26.07
C THR A 468 -16.51 21.17 -25.37
N ILE A 469 -17.47 20.51 -24.74
CA ILE A 469 -17.30 19.18 -24.19
C ILE A 469 -18.49 18.33 -24.64
N SER A 470 -18.21 17.24 -25.35
CA SER A 470 -19.24 16.34 -25.84
C SER A 470 -19.47 15.25 -24.79
N TYR A 471 -20.45 15.46 -23.91
CA TYR A 471 -20.76 14.46 -22.91
C TYR A 471 -21.35 13.18 -23.51
N GLN A 472 -21.90 13.26 -24.71
CA GLN A 472 -22.43 12.10 -25.42
C GLN A 472 -21.47 11.68 -26.53
N ARG A 473 -21.79 10.55 -27.15
CA ARG A 473 -20.95 9.98 -28.20
C ARG A 473 -21.68 9.98 -29.53
N THR A 474 -22.42 11.05 -29.81
CA THR A 474 -23.16 11.16 -31.07
C THR A 474 -22.23 11.40 -32.25
N LYS A 478 -16.41 11.71 -35.92
CA LYS A 478 -15.43 12.39 -36.76
C LYS A 478 -14.28 12.96 -35.92
N PHE A 479 -13.13 13.13 -36.55
CA PHE A 479 -11.94 13.61 -35.86
C PHE A 479 -11.30 14.73 -36.66
N PRO A 480 -10.89 15.82 -36.00
CA PRO A 480 -10.38 16.99 -36.75
C PRO A 480 -9.13 16.71 -37.57
N PHE A 481 -8.32 15.73 -37.19
CA PHE A 481 -7.06 15.44 -37.87
C PHE A 481 -7.15 14.11 -38.60
N ILE A 482 -6.04 13.73 -39.24
CA ILE A 482 -5.95 12.44 -39.91
C ILE A 482 -5.66 11.38 -38.85
N MET A 483 -6.57 10.40 -38.73
CA MET A 483 -6.51 9.45 -37.63
C MET A 483 -5.32 8.52 -37.69
N GLY A 484 -4.58 8.48 -38.80
CA GLY A 484 -3.37 7.68 -38.91
C GLY A 484 -2.17 8.56 -39.22
N GLY A 485 -0.99 7.95 -39.11
CA GLY A 485 0.23 8.66 -39.41
C GLY A 485 1.35 8.43 -38.42
N VAL A 486 1.00 8.22 -37.16
CA VAL A 486 1.99 7.95 -36.13
C VAL A 486 2.29 6.45 -36.13
N GLU A 487 3.55 6.10 -36.34
CA GLU A 487 3.94 4.71 -36.44
C GLU A 487 4.06 4.06 -35.06
N LEU A 488 3.73 2.78 -35.00
CA LEU A 488 3.82 2.05 -33.74
C LEU A 488 5.27 1.81 -33.33
N LEU A 489 6.18 1.70 -34.29
CA LEU A 489 7.58 1.43 -33.97
C LEU A 489 8.23 2.59 -33.24
N GLU A 490 7.81 3.82 -33.53
CA GLU A 490 8.35 4.99 -32.85
C GLU A 490 7.74 5.14 -31.45
N SER A 491 8.22 6.13 -30.72
CA SER A 491 7.76 6.40 -29.37
C SER A 491 6.84 7.62 -29.27
N THR A 492 6.36 8.12 -30.41
CA THR A 492 5.51 9.30 -30.39
C THR A 492 4.22 9.05 -29.62
N ASP A 493 3.61 7.88 -29.81
CA ASP A 493 2.35 7.58 -29.11
C ASP A 493 2.57 7.52 -27.61
N LEU A 494 3.68 6.92 -27.17
CA LEU A 494 3.96 6.85 -25.75
C LEU A 494 4.20 8.23 -25.14
N GLU A 495 4.89 9.12 -25.88
CA GLU A 495 5.08 10.48 -25.39
C GLU A 495 3.77 11.24 -25.30
N ARG A 496 2.91 11.10 -26.30
CA ARG A 496 1.61 11.75 -26.25
C ARG A 496 0.77 11.23 -25.09
N LEU A 497 0.78 9.91 -24.89
CA LEU A 497 0.07 9.34 -23.76
C LEU A 497 0.65 9.81 -22.44
N SER A 498 1.97 9.99 -22.37
CA SER A 498 2.61 10.52 -21.17
C SER A 498 2.11 11.92 -20.85
N SER A 499 2.09 12.80 -21.86
CA SER A 499 1.62 14.17 -21.63
C SER A 499 0.14 14.19 -21.25
N LEU A 500 -0.68 13.40 -21.93
CA LEU A 500 -2.10 13.36 -21.62
C LEU A 500 -2.34 12.80 -20.23
N SER A 501 -1.58 11.79 -19.83
CA SER A 501 -1.71 11.23 -18.49
C SER A 501 -1.31 12.25 -17.43
N LEU A 502 -0.23 13.01 -17.68
CA LEU A 502 0.16 14.04 -16.72
C LEU A 502 -0.92 15.11 -16.59
N ALA A 503 -1.52 15.52 -17.72
CA ALA A 503 -2.61 16.48 -17.66
C ALA A 503 -3.80 15.93 -16.90
N LEU A 504 -4.15 14.67 -17.15
CA LEU A 504 -5.28 14.05 -16.47
C LEU A 504 -5.04 13.98 -14.96
N VAL A 505 -3.83 13.61 -14.56
CA VAL A 505 -3.51 13.51 -13.13
C VAL A 505 -3.49 14.88 -12.49
N ASN A 506 -2.96 15.89 -13.19
CA ASN A 506 -2.95 17.25 -12.65
C ASN A 506 -4.34 17.86 -12.60
N SER A 507 -5.29 17.35 -13.38
CA SER A 507 -6.66 17.87 -13.32
C SER A 507 -7.30 17.65 -11.96
N MET A 508 -6.76 16.76 -11.13
CA MET A 508 -7.30 16.53 -9.79
C MET A 508 -6.84 17.57 -8.78
N LYS A 509 -5.85 18.39 -9.12
CA LYS A 509 -5.32 19.37 -8.18
C LYS A 509 -6.14 20.65 -8.12
N THR A 510 -7.08 20.85 -9.03
CA THR A 510 -7.84 22.10 -9.09
C THR A 510 -8.68 22.28 -7.83
N SER A 511 -8.58 23.45 -7.22
CA SER A 511 -9.32 23.73 -6.01
C SER A 511 -10.81 23.93 -6.31
N SER A 512 -11.65 23.51 -5.38
CA SER A 512 -13.10 23.60 -5.54
C SER A 512 -13.53 25.05 -5.39
N THR A 513 -14.04 25.64 -6.47
CA THR A 513 -14.57 27.00 -6.48
C THR A 513 -15.90 27.00 -7.22
N VAL A 514 -16.48 28.20 -7.36
CA VAL A 514 -17.75 28.35 -8.05
C VAL A 514 -17.93 29.78 -8.53
N GLN A 527 -23.66 15.65 -26.23
CA GLN A 527 -24.28 16.95 -26.49
C GLN A 527 -23.26 18.07 -26.43
N VAL A 528 -23.51 19.14 -27.19
CA VAL A 528 -22.62 20.30 -27.19
C VAL A 528 -22.85 21.08 -25.91
N VAL A 529 -21.80 21.23 -25.11
CA VAL A 529 -21.90 21.84 -23.78
C VAL A 529 -20.97 23.04 -23.76
N ARG A 530 -20.86 23.73 -24.90
CA ARG A 530 -20.07 24.96 -24.99
C ARG A 530 -20.30 25.86 -23.79
N CYS A 531 -19.23 26.15 -23.07
CA CYS A 531 -19.32 26.79 -21.77
C CYS A 531 -18.57 28.11 -21.77
N LYS A 532 -18.91 28.95 -20.78
CA LYS A 532 -18.26 30.23 -20.58
C LYS A 532 -17.08 30.18 -19.62
N GLU A 533 -17.11 29.31 -18.62
CA GLU A 533 -15.96 29.10 -17.75
C GLU A 533 -15.83 27.62 -17.42
N ALA A 534 -14.62 27.08 -17.62
CA ALA A 534 -14.30 25.71 -17.24
C ALA A 534 -12.90 25.66 -16.65
N TYR A 535 -12.36 24.47 -16.45
CA TYR A 535 -11.00 24.28 -15.97
C TYR A 535 -10.18 23.57 -17.05
N CYS A 536 -8.91 23.94 -17.16
CA CYS A 536 -8.08 23.44 -18.25
C CYS A 536 -6.66 23.14 -17.75
N GLN A 537 -6.09 22.08 -18.29
CA GLN A 537 -4.68 21.73 -18.10
C GLN A 537 -3.97 21.81 -19.44
N GLU A 538 -2.86 22.52 -19.49
CA GLU A 538 -2.14 22.77 -20.73
C GLU A 538 -1.01 21.76 -20.91
N PHE A 539 -0.88 21.24 -22.13
CA PHE A 539 0.26 20.37 -22.45
C PHE A 539 0.69 20.58 -23.89
N LEU A 540 1.99 20.46 -24.13
CA LEU A 540 2.59 20.71 -25.43
C LEU A 540 2.96 19.38 -26.08
N LEU A 541 2.54 19.21 -27.33
CA LEU A 541 2.85 18.02 -28.11
C LEU A 541 3.19 18.43 -29.54
N SER A 542 4.35 17.99 -30.01
CA SER A 542 4.80 18.25 -31.39
C SER A 542 4.80 19.75 -31.70
N GLY A 543 5.19 20.56 -30.73
CA GLY A 543 5.22 21.99 -30.91
C GLY A 543 3.87 22.68 -30.91
N ALA A 544 2.82 21.99 -30.49
CA ALA A 544 1.48 22.56 -30.47
C ALA A 544 0.90 22.49 -29.06
N GLU A 545 0.13 23.51 -28.70
CA GLU A 545 -0.49 23.61 -27.39
C GLU A 545 -1.87 22.95 -27.41
N PHE A 546 -2.17 22.14 -26.40
CA PHE A 546 -3.45 21.49 -26.26
C PHE A 546 -3.96 21.69 -24.84
N GLN A 547 -5.28 21.75 -24.70
CA GLN A 547 -5.92 21.98 -23.42
C GLN A 547 -6.86 20.84 -23.10
N LEU A 548 -6.69 20.25 -21.92
CA LEU A 548 -7.63 19.29 -21.37
C LEU A 548 -8.66 20.06 -20.55
N ILE A 549 -9.91 20.04 -21.00
CA ILE A 549 -11.00 20.83 -20.43
C ILE A 549 -11.89 19.90 -19.62
N TYR A 550 -12.27 20.36 -18.42
CA TYR A 550 -13.19 19.65 -17.56
C TYR A 550 -14.01 20.67 -16.80
N GLN A 551 -15.18 20.23 -16.32
CA GLN A 551 -16.13 21.11 -15.65
C GLN A 551 -16.41 20.67 -14.22
N LYS A 552 -15.58 19.77 -13.67
CA LYS A 552 -15.80 19.26 -12.33
C LYS A 552 -14.46 19.01 -11.67
N THR A 553 -14.32 19.42 -10.43
CA THR A 553 -13.08 19.21 -9.68
C THR A 553 -13.21 18.01 -8.76
N GLY A 554 -12.06 17.45 -8.40
CA GLY A 554 -12.00 16.33 -7.49
C GLY A 554 -11.34 15.11 -8.12
N GLU A 555 -11.13 14.11 -7.27
CA GLU A 555 -10.49 12.85 -7.67
C GLU A 555 -11.52 11.82 -8.10
N CYS A 556 -12.39 12.19 -9.04
CA CYS A 556 -13.49 11.33 -9.47
C CYS A 556 -13.51 11.27 -11.00
N SER A 557 -14.14 10.20 -11.50
CA SER A 557 -14.32 10.06 -12.94
C SER A 557 -15.20 11.21 -13.46
N LYS A 558 -14.77 11.81 -14.57
CA LYS A 558 -15.49 12.93 -15.15
C LYS A 558 -15.23 12.97 -16.64
N CYS A 559 -15.95 13.87 -17.32
CA CYS A 559 -15.81 14.02 -18.76
C CYS A 559 -14.71 15.03 -19.06
N TYR A 560 -13.76 14.62 -19.90
CA TYR A 560 -12.67 15.47 -20.34
C TYR A 560 -12.78 15.72 -21.84
N ALA A 561 -12.28 16.87 -22.27
CA ALA A 561 -12.27 17.20 -23.69
C ALA A 561 -10.91 17.77 -24.07
N ILE A 562 -10.30 17.21 -25.11
CA ILE A 562 -9.06 17.73 -25.64
C ILE A 562 -9.41 18.77 -26.71
N ASN A 563 -8.96 20.01 -26.49
CA ASN A 563 -9.24 21.16 -27.33
C ASN A 563 -7.93 21.79 -27.79
N ASP A 564 -8.03 22.51 -28.90
CA ASP A 564 -6.90 23.24 -29.48
C ASP A 564 -7.39 24.61 -29.94
N ASN A 565 -6.47 25.57 -29.98
CA ASN A 565 -6.83 26.91 -30.42
C ASN A 565 -7.04 26.97 -31.94
N ARG A 566 -6.35 26.11 -32.69
CA ARG A 566 -6.56 26.05 -34.14
C ARG A 566 -7.94 25.49 -34.46
N VAL A 567 -8.19 24.25 -34.04
CA VAL A 567 -9.50 23.63 -34.15
C VAL A 567 -9.97 23.24 -32.76
N GLY A 568 -11.12 23.76 -32.35
CA GLY A 568 -11.65 23.44 -31.05
C GLY A 568 -12.26 22.05 -31.00
N GLU A 569 -12.24 21.46 -29.81
CA GLU A 569 -12.85 20.16 -29.55
C GLU A 569 -12.24 19.08 -30.45
N ILE A 570 -10.97 18.80 -30.19
CA ILE A 570 -10.30 17.68 -30.85
C ILE A 570 -11.02 16.38 -30.51
N CYS A 571 -11.27 16.14 -29.22
CA CYS A 571 -11.96 14.91 -28.85
C CYS A 571 -12.52 15.04 -27.45
N SER A 572 -13.27 14.02 -27.03
CA SER A 572 -13.88 13.99 -25.71
C SER A 572 -13.95 12.55 -25.23
N PHE A 573 -13.80 12.37 -23.92
CA PHE A 573 -13.80 11.05 -23.32
C PHE A 573 -14.24 11.17 -21.86
N TYR A 574 -14.25 10.04 -21.15
CA TYR A 574 -14.80 9.94 -19.81
C TYR A 574 -13.83 9.19 -18.90
N ALA A 575 -12.57 9.61 -18.93
CA ALA A 575 -11.53 8.91 -18.19
C ALA A 575 -11.64 9.18 -16.69
N ASP A 576 -11.07 8.25 -15.91
CA ASP A 576 -10.92 8.42 -14.46
C ASP A 576 -9.50 8.89 -14.19
N PRO A 577 -9.29 10.12 -13.73
CA PRO A 577 -7.93 10.68 -13.69
C PRO A 577 -6.94 9.91 -12.83
N LYS A 578 -7.39 9.32 -11.73
CA LYS A 578 -6.46 8.65 -10.81
C LYS A 578 -6.06 7.26 -11.27
N ARG A 579 -6.31 6.92 -12.53
CA ARG A 579 -5.89 5.64 -13.10
C ARG A 579 -4.88 5.83 -14.22
N TYR A 580 -4.24 6.99 -14.30
CA TYR A 580 -3.36 7.33 -15.41
C TYR A 580 -1.97 7.76 -14.92
N PHE A 581 -1.50 7.17 -13.84
CA PHE A 581 -0.16 7.47 -13.33
C PHE A 581 0.99 6.75 -14.04
N PRO A 582 0.89 5.44 -14.32
CA PRO A 582 2.11 4.70 -14.70
C PRO A 582 2.81 5.19 -15.96
N ALA A 583 2.11 5.89 -16.84
CA ALA A 583 2.68 6.31 -18.11
C ALA A 583 3.15 7.75 -18.12
N ILE A 584 3.20 8.41 -16.96
CA ILE A 584 3.38 9.86 -16.93
C ILE A 584 4.74 10.27 -17.51
N PHE A 585 5.80 9.56 -17.14
CA PHE A 585 7.12 9.85 -17.69
C PHE A 585 7.83 8.58 -18.14
N SER A 586 7.07 7.59 -18.60
CA SER A 586 7.58 6.23 -18.78
C SER A 586 7.75 5.85 -20.24
N ALA A 587 7.82 6.82 -21.15
CA ALA A 587 7.91 6.51 -22.57
C ALA A 587 9.15 5.67 -22.88
N GLU A 588 10.30 6.12 -22.40
CA GLU A 588 11.54 5.37 -22.63
C GLU A 588 11.50 4.01 -21.94
N VAL A 589 10.99 3.97 -20.71
CA VAL A 589 10.93 2.71 -19.96
C VAL A 589 10.08 1.68 -20.70
N LEU A 590 8.89 2.11 -21.16
CA LEU A 590 7.99 1.18 -21.84
C LEU A 590 8.53 0.78 -23.21
N GLN A 591 9.13 1.72 -23.93
CA GLN A 591 9.73 1.38 -25.21
C GLN A 591 10.83 0.35 -25.05
N THR A 592 11.68 0.53 -24.03
CA THR A 592 12.76 -0.43 -23.79
C THR A 592 12.23 -1.76 -23.29
N THR A 593 11.15 -1.76 -22.51
CA THR A 593 10.52 -3.02 -22.11
C THR A 593 10.05 -3.80 -23.33
N VAL A 594 9.36 -3.11 -24.25
CA VAL A 594 8.90 -3.77 -25.46
C VAL A 594 10.07 -4.27 -26.28
N SER A 595 11.12 -3.46 -26.40
CA SER A 595 12.30 -3.87 -27.17
C SER A 595 12.97 -5.10 -26.57
N THR A 596 13.08 -5.15 -25.24
CA THR A 596 13.67 -6.33 -24.59
C THR A 596 12.83 -7.56 -24.83
N MET A 597 11.51 -7.44 -24.68
CA MET A 597 10.62 -8.58 -24.91
C MET A 597 10.73 -9.08 -26.34
N ILE A 598 10.81 -8.16 -27.30
CA ILE A 598 10.96 -8.55 -28.70
C ILE A 598 12.32 -9.22 -28.92
N SER A 599 13.37 -8.69 -28.28
CA SER A 599 14.70 -9.26 -28.42
C SER A 599 14.79 -10.67 -27.83
N TRP A 600 13.91 -11.02 -26.89
CA TRP A 600 13.86 -12.40 -26.43
C TRP A 600 13.59 -13.35 -27.59
N VAL A 601 12.42 -13.25 -28.21
CA VAL A 601 12.09 -14.07 -29.39
C VAL A 601 12.50 -13.25 -30.61
N LYS A 602 13.78 -13.32 -30.94
CA LYS A 602 14.28 -12.64 -32.12
C LYS A 602 15.09 -13.54 -33.03
N ASP A 603 15.85 -14.48 -32.47
CA ASP A 603 16.65 -15.41 -33.26
C ASP A 603 15.87 -16.64 -33.68
N CYS A 604 14.58 -16.73 -33.35
CA CYS A 604 13.76 -17.82 -33.81
C CYS A 604 13.59 -17.75 -35.32
N SER A 605 13.96 -18.83 -36.01
CA SER A 605 13.95 -18.82 -37.47
C SER A 605 12.53 -18.71 -38.02
N GLU A 606 11.56 -19.37 -37.39
CA GLU A 606 10.19 -19.34 -37.89
C GLU A 606 9.54 -17.97 -37.72
N LEU A 607 10.01 -17.17 -36.78
CA LEU A 607 9.45 -15.86 -36.51
C LEU A 607 10.21 -14.73 -37.20
N GLU A 608 11.12 -15.06 -38.12
CA GLU A 608 11.93 -14.04 -38.77
C GLU A 608 11.06 -13.12 -39.64
N GLU A 609 10.24 -13.71 -40.51
CA GLU A 609 9.39 -12.90 -41.38
C GLU A 609 8.28 -12.22 -40.61
N GLN A 610 7.67 -12.92 -39.66
CA GLN A 610 6.61 -12.34 -38.83
C GLN A 610 7.19 -11.78 -37.54
N LEU A 611 8.19 -10.89 -37.71
CA LEU A 611 8.84 -10.25 -36.57
C LEU A 611 8.38 -8.82 -36.33
N CYS A 612 8.06 -8.09 -37.40
CA CYS A 612 7.51 -6.74 -37.21
C CYS A 612 6.13 -6.80 -36.57
N ASN A 613 5.24 -7.64 -37.10
CA ASN A 613 3.88 -7.73 -36.58
C ASN A 613 3.89 -7.96 -35.08
N ILE A 614 4.64 -8.97 -34.63
CA ILE A 614 4.77 -9.23 -33.20
C ILE A 614 5.06 -7.95 -32.44
N ASN A 615 6.12 -7.24 -32.86
CA ASN A 615 6.45 -5.98 -32.20
C ASN A 615 5.24 -5.06 -32.16
N SER A 616 4.62 -4.83 -33.32
CA SER A 616 3.44 -3.97 -33.37
C SER A 616 2.41 -4.45 -32.37
N LEU A 617 2.05 -5.74 -32.44
CA LEU A 617 1.03 -6.25 -31.53
C LEU A 617 1.42 -5.98 -30.09
N THR A 618 2.66 -6.32 -29.72
CA THR A 618 3.10 -6.07 -28.36
C THR A 618 2.89 -4.61 -28.00
N LYS A 619 3.42 -3.72 -28.83
CA LYS A 619 3.26 -2.30 -28.57
C LYS A 619 1.79 -1.96 -28.39
N MET A 620 0.96 -2.39 -29.35
CA MET A 620 -0.45 -2.06 -29.29
C MET A 620 -1.04 -2.45 -27.94
N ILE A 621 -0.76 -3.69 -27.51
CA ILE A 621 -1.36 -4.18 -26.28
C ILE A 621 -1.01 -3.24 -25.14
N LEU A 622 0.28 -2.93 -24.99
CA LEU A 622 0.70 -2.05 -23.92
C LEU A 622 -0.04 -0.73 -23.99
N VAL A 623 -0.04 -0.11 -25.17
CA VAL A 623 -0.67 1.19 -25.31
C VAL A 623 -2.12 1.11 -24.89
N LEU A 624 -2.82 0.04 -25.32
CA LEU A 624 -4.23 -0.07 -24.99
C LEU A 624 -4.42 -0.06 -23.48
N ILE A 625 -3.67 -0.91 -22.77
CA ILE A 625 -3.91 -1.04 -21.34
C ILE A 625 -3.43 0.18 -20.59
N LEU A 626 -2.68 1.06 -21.27
CA LEU A 626 -2.32 2.32 -20.64
C LEU A 626 -3.33 3.41 -20.97
N ALA A 627 -3.92 3.34 -22.17
CA ALA A 627 -4.91 4.34 -22.55
C ALA A 627 -6.26 4.10 -21.89
N HIS A 628 -6.62 2.84 -21.67
CA HIS A 628 -7.91 2.46 -21.10
C HIS A 628 -7.67 1.45 -19.98
N PRO A 629 -7.24 1.92 -18.81
CA PRO A 629 -7.01 0.99 -17.70
C PRO A 629 -8.32 0.45 -17.14
N SER A 630 -8.62 -0.81 -17.44
CA SER A 630 -9.87 -1.44 -17.09
C SER A 630 -9.60 -2.71 -16.28
N LYS A 631 -10.46 -2.98 -15.30
CA LYS A 631 -10.34 -4.20 -14.51
C LYS A 631 -10.58 -5.43 -15.38
N ARG A 632 -11.51 -5.34 -16.34
CA ARG A 632 -11.77 -6.47 -17.23
C ARG A 632 -10.57 -6.75 -18.12
N SER A 633 -9.89 -5.71 -18.61
CA SER A 633 -8.66 -5.91 -19.36
C SER A 633 -7.59 -6.56 -18.49
N GLN A 634 -7.52 -6.14 -17.23
CA GLN A 634 -6.56 -6.75 -16.30
C GLN A 634 -6.83 -8.24 -16.13
N LYS A 635 -8.10 -8.62 -15.96
CA LYS A 635 -8.44 -10.02 -15.81
C LYS A 635 -8.14 -10.81 -17.09
N LEU A 636 -8.46 -10.22 -18.25
CA LEU A 636 -8.20 -10.90 -19.51
C LEU A 636 -6.71 -11.15 -19.70
N LEU A 637 -5.88 -10.16 -19.36
CA LEU A 637 -4.43 -10.34 -19.48
C LEU A 637 -3.91 -11.33 -18.45
N GLN A 638 -4.51 -11.35 -17.26
CA GLN A 638 -4.06 -12.27 -16.22
C GLN A 638 -4.35 -13.72 -16.58
N ASN A 639 -5.50 -13.98 -17.21
CA ASN A 639 -5.86 -15.35 -17.57
C ASN A 639 -4.92 -15.94 -18.63
N LEU A 640 -4.23 -15.10 -19.40
CA LEU A 640 -3.28 -15.60 -20.38
C LEU A 640 -2.16 -16.39 -19.71
N ARG A 641 -1.82 -16.06 -18.46
CA ARG A 641 -0.81 -16.82 -17.74
C ARG A 641 -1.23 -18.27 -17.57
N TYR A 642 -2.47 -18.50 -17.14
CA TYR A 642 -2.94 -19.86 -16.99
C TYR A 642 -3.09 -20.56 -18.33
N PHE A 643 -3.49 -19.83 -19.37
CA PHE A 643 -3.57 -20.44 -20.69
C PHE A 643 -2.19 -20.92 -21.15
N ILE A 644 -1.16 -20.09 -21.00
CA ILE A 644 0.17 -20.47 -21.46
C ILE A 644 0.76 -21.56 -20.57
N MET A 645 0.43 -21.56 -19.27
CA MET A 645 0.87 -22.64 -18.41
C MET A 645 0.28 -23.97 -18.84
N ALA A 646 -1.00 -23.97 -19.22
CA ALA A 646 -1.61 -25.20 -19.72
C ALA A 646 -1.07 -25.60 -21.09
N TYR A 647 -0.69 -24.62 -21.92
CA TYR A 647 -0.26 -24.92 -23.28
C TYR A 647 1.01 -25.76 -23.31
N VAL A 648 1.91 -25.53 -22.35
CA VAL A 648 3.20 -26.21 -22.33
C VAL A 648 3.16 -27.41 -21.40
N SER A 649 1.97 -27.80 -20.98
CA SER A 649 1.80 -28.86 -19.99
C SER A 649 1.39 -30.17 -20.67
N ASP A 650 1.15 -31.19 -19.85
CA ASP A 650 0.71 -32.50 -20.30
C ASP A 650 -0.76 -32.77 -20.02
N TYR A 651 -1.25 -32.38 -18.84
CA TYR A 651 -2.65 -32.51 -18.48
C TYR A 651 -3.13 -31.19 -17.89
N HIS A 652 -4.41 -30.90 -18.10
CA HIS A 652 -5.00 -29.69 -17.54
C HIS A 652 -6.47 -29.95 -17.21
N HIS A 653 -6.98 -29.19 -16.26
CA HIS A 653 -8.37 -29.34 -15.84
C HIS A 653 -9.31 -29.04 -17.00
N LYS A 654 -10.40 -29.82 -17.08
CA LYS A 654 -11.33 -29.67 -18.19
C LYS A 654 -12.09 -28.36 -18.15
N ASP A 655 -12.15 -27.69 -17.00
CA ASP A 655 -12.91 -26.45 -16.85
C ASP A 655 -12.03 -25.22 -16.94
N LEU A 656 -10.78 -25.36 -17.40
CA LEU A 656 -9.88 -24.21 -17.47
C LEU A 656 -10.40 -23.16 -18.46
N ILE A 657 -10.88 -23.60 -19.62
CA ILE A 657 -11.28 -22.65 -20.66
C ILE A 657 -12.45 -21.79 -20.19
N ASP A 658 -13.41 -22.39 -19.50
CA ASP A 658 -14.54 -21.62 -18.98
C ASP A 658 -14.07 -20.56 -17.98
N LYS A 659 -13.07 -20.90 -17.17
CA LYS A 659 -12.55 -19.95 -16.19
C LYS A 659 -11.74 -18.83 -16.84
N LEU A 660 -11.24 -19.03 -18.05
CA LEU A 660 -10.44 -18.01 -18.72
C LEU A 660 -11.30 -16.94 -19.39
N ARG A 661 -12.62 -17.13 -19.44
CA ARG A 661 -13.52 -16.21 -20.13
C ARG A 661 -14.30 -15.41 -19.11
N GLU A 662 -14.03 -14.12 -19.02
CA GLU A 662 -14.78 -13.19 -18.20
C GLU A 662 -15.37 -12.11 -19.09
N GLU A 663 -16.46 -11.50 -18.64
CA GLU A 663 -17.28 -10.66 -19.51
C GLU A 663 -16.52 -9.41 -19.96
N LEU A 664 -16.60 -9.13 -21.25
CA LEU A 664 -16.06 -7.91 -21.84
C LEU A 664 -17.19 -7.05 -22.34
N ILE A 665 -17.07 -5.74 -22.13
CA ILE A 665 -18.17 -4.81 -22.43
C ILE A 665 -17.77 -3.84 -23.54
N THR A 666 -16.74 -3.04 -23.29
CA THR A 666 -16.39 -1.98 -24.22
C THR A 666 -15.74 -2.53 -25.48
N ASP A 667 -15.73 -1.69 -26.52
CA ASP A 667 -15.11 -2.08 -27.79
C ASP A 667 -13.60 -2.26 -27.64
N VAL A 668 -12.97 -1.45 -26.79
CA VAL A 668 -11.52 -1.54 -26.61
C VAL A 668 -11.15 -2.86 -25.94
N GLU A 669 -11.99 -3.38 -25.05
CA GLU A 669 -11.70 -4.68 -24.43
C GLU A 669 -11.73 -5.79 -25.47
N PHE A 670 -12.70 -5.76 -26.38
CA PHE A 670 -12.74 -6.77 -27.44
C PHE A 670 -11.56 -6.60 -28.39
N LEU A 671 -11.16 -5.36 -28.67
CA LEU A 671 -9.97 -5.13 -29.48
C LEU A 671 -8.74 -5.70 -28.79
N LEU A 672 -8.64 -5.54 -27.48
CA LEU A 672 -7.52 -6.10 -26.73
C LEU A 672 -7.52 -7.62 -26.81
N TYR A 673 -8.70 -8.23 -26.67
CA TYR A 673 -8.78 -9.69 -26.81
C TYR A 673 -8.32 -10.13 -28.20
N ARG A 674 -8.73 -9.40 -29.24
CA ARG A 674 -8.33 -9.76 -30.60
C ARG A 674 -6.83 -9.61 -30.80
N LEU A 675 -6.24 -8.54 -30.24
CA LEU A 675 -4.79 -8.36 -30.34
C LEU A 675 -4.05 -9.47 -29.61
N VAL A 676 -4.53 -9.85 -28.42
CA VAL A 676 -3.89 -10.93 -27.66
C VAL A 676 -4.01 -12.24 -28.42
N ARG A 677 -5.18 -12.50 -29.02
CA ARG A 677 -5.36 -13.70 -29.80
C ARG A 677 -4.42 -13.75 -30.99
N ALA A 678 -4.26 -12.62 -31.69
CA ALA A 678 -3.34 -12.59 -32.82
C ALA A 678 -1.90 -12.83 -32.38
N LEU A 679 -1.49 -12.20 -31.28
CA LEU A 679 -0.12 -12.39 -30.78
C LEU A 679 0.11 -13.84 -30.35
N VAL A 680 -0.86 -14.43 -29.66
CA VAL A 680 -0.73 -15.82 -29.22
C VAL A 680 -0.66 -16.76 -30.42
N ASN A 681 -1.50 -16.52 -31.44
CA ASN A 681 -1.50 -17.39 -32.60
C ASN A 681 -0.21 -17.25 -33.41
N LEU A 682 0.39 -16.06 -33.43
CA LEU A 682 1.70 -15.92 -34.07
C LEU A 682 2.77 -16.64 -33.27
N ILE A 683 2.82 -16.41 -31.96
CA ILE A 683 3.89 -16.96 -31.15
C ILE A 683 3.74 -18.47 -31.00
N LEU A 684 2.54 -18.92 -30.62
CA LEU A 684 2.29 -20.34 -30.39
C LEU A 684 1.73 -21.02 -31.64
N SER A 685 2.42 -20.86 -32.77
CA SER A 685 2.02 -21.54 -33.99
C SER A 685 2.52 -22.97 -33.98
N GLU A 686 1.81 -23.85 -34.69
CA GLU A 686 2.24 -25.23 -34.79
C GLU A 686 3.53 -25.36 -35.59
N ASP A 687 3.76 -24.46 -36.55
CA ASP A 687 4.97 -24.51 -37.36
C ASP A 687 6.19 -24.03 -36.60
N VAL A 688 6.01 -23.37 -35.46
CA VAL A 688 7.12 -22.83 -34.68
C VAL A 688 7.50 -23.84 -33.61
N LYS A 689 8.75 -24.31 -33.65
CA LYS A 689 9.22 -25.31 -32.70
C LYS A 689 10.63 -25.05 -32.18
N SER A 690 11.26 -23.93 -32.54
CA SER A 690 12.69 -23.78 -32.29
C SER A 690 12.99 -23.51 -30.81
N MET A 691 12.52 -22.38 -30.29
CA MET A 691 12.90 -21.92 -28.96
C MET A 691 11.63 -21.74 -28.13
N MET A 692 11.17 -22.83 -27.50
CA MET A 692 9.91 -22.79 -26.78
C MET A 692 10.01 -22.06 -25.45
N THR A 693 11.17 -22.13 -24.78
CA THR A 693 11.33 -21.42 -23.52
C THR A 693 11.21 -19.91 -23.71
N ASN A 694 11.82 -19.38 -24.77
CA ASN A 694 11.76 -17.95 -25.03
C ASN A 694 10.34 -17.50 -25.33
N ARG A 695 9.60 -18.29 -26.12
CA ARG A 695 8.22 -17.93 -26.44
C ARG A 695 7.33 -18.04 -25.21
N PHE A 696 7.57 -19.04 -24.36
CA PHE A 696 6.84 -19.14 -23.10
C PHE A 696 7.09 -17.92 -22.22
N LYS A 697 8.36 -17.50 -22.13
CA LYS A 697 8.70 -16.31 -21.35
C LYS A 697 8.02 -15.07 -21.92
N PHE A 698 8.02 -14.94 -23.25
CA PHE A 698 7.38 -13.79 -23.90
C PHE A 698 5.89 -13.74 -23.61
N ILE A 699 5.21 -14.88 -23.72
CA ILE A 699 3.77 -14.91 -23.49
C ILE A 699 3.46 -14.67 -22.02
N LEU A 700 4.29 -15.20 -21.12
CA LEU A 700 4.08 -14.96 -19.70
C LEU A 700 4.24 -13.49 -19.36
N ASN A 701 5.23 -12.81 -19.98
CA ASN A 701 5.39 -11.39 -19.75
C ASN A 701 4.24 -10.59 -20.35
N ILE A 702 3.73 -11.02 -21.51
CA ILE A 702 2.54 -10.38 -22.08
C ILE A 702 1.38 -10.49 -21.10
N SER A 703 1.21 -11.67 -20.50
CA SER A 703 0.15 -11.84 -19.51
C SER A 703 0.37 -10.95 -18.29
N TYR A 704 1.61 -10.88 -17.81
CA TYR A 704 1.91 -10.09 -16.62
C TYR A 704 1.90 -8.59 -16.89
N MET A 705 1.80 -8.16 -18.14
CA MET A 705 1.51 -6.76 -18.43
C MET A 705 0.25 -6.26 -17.73
N CYS A 706 -0.61 -7.15 -17.22
CA CYS A 706 -1.78 -6.73 -16.48
C CYS A 706 -1.43 -5.90 -15.25
N HIS A 707 -0.21 -6.05 -14.73
CA HIS A 707 0.22 -5.25 -13.58
C HIS A 707 0.38 -3.78 -13.93
N PHE A 708 0.48 -3.44 -15.22
CA PHE A 708 0.56 -2.04 -15.60
C PHE A 708 -0.73 -1.29 -15.25
N ILE A 709 -1.87 -1.94 -15.40
CA ILE A 709 -3.13 -1.36 -14.94
C ILE A 709 -3.12 -1.32 -13.41
N THR A 710 -3.55 -0.19 -12.86
CA THR A 710 -3.56 -0.01 -11.41
C THR A 710 -4.49 -1.02 -10.74
N LYS A 711 -4.09 -1.47 -9.56
CA LYS A 711 -4.89 -2.42 -8.79
C LYS A 711 -5.98 -1.74 -7.98
N GLU A 712 -6.03 -0.41 -7.96
CA GLU A 712 -7.04 0.30 -7.20
C GLU A 712 -8.43 0.05 -7.75
N THR A 713 -9.42 0.14 -6.87
CA THR A 713 -10.80 -0.16 -7.25
C THR A 713 -11.32 0.88 -8.23
N PRO A 714 -12.00 0.46 -9.31
CA PRO A 714 -12.69 1.45 -10.14
C PRO A 714 -13.93 2.01 -9.47
N ASP A 715 -14.74 1.15 -8.85
CA ASP A 715 -15.93 1.58 -8.11
C ASP A 715 -15.93 0.82 -6.79
N ARG A 716 -15.84 1.56 -5.69
CA ARG A 716 -15.73 0.92 -4.37
C ARG A 716 -16.99 0.15 -4.01
N LEU A 717 -18.16 0.73 -4.29
CA LEU A 717 -19.41 0.09 -3.91
C LEU A 717 -19.62 -1.22 -4.66
N THR A 718 -19.30 -1.24 -5.96
CA THR A 718 -19.44 -2.47 -6.74
C THR A 718 -18.52 -3.56 -6.21
N ASP A 719 -17.28 -3.21 -5.88
CA ASP A 719 -16.36 -4.19 -5.31
C ASP A 719 -16.83 -4.68 -3.95
N GLN A 720 -17.43 -3.80 -3.14
CA GLN A 720 -17.98 -4.24 -1.86
C GLN A 720 -19.13 -5.22 -2.06
N ILE A 721 -19.99 -4.95 -3.04
CA ILE A 721 -21.09 -5.86 -3.33
C ILE A 721 -20.56 -7.21 -3.78
N LYS A 722 -19.55 -7.21 -4.67
CA LYS A 722 -18.98 -8.46 -5.15
C LYS A 722 -18.31 -9.23 -4.01
N CYS A 723 -17.60 -8.53 -3.14
CA CYS A 723 -16.99 -9.19 -1.98
C CYS A 723 -18.04 -9.82 -1.09
N PHE A 724 -19.13 -9.10 -0.83
CA PHE A 724 -20.16 -9.66 0.04
C PHE A 724 -20.86 -10.86 -0.60
N GLU A 725 -21.10 -10.81 -1.91
CA GLU A 725 -21.75 -11.97 -2.53
C GLU A 725 -20.81 -13.17 -2.57
N LYS A 726 -19.52 -12.95 -2.82
CA LYS A 726 -18.58 -14.06 -2.71
C LYS A 726 -18.52 -14.62 -1.30
N PHE A 727 -18.68 -13.76 -0.30
CA PHE A 727 -18.69 -14.22 1.08
C PHE A 727 -19.97 -14.96 1.45
N LEU A 728 -21.09 -14.61 0.82
CA LEU A 728 -22.40 -15.10 1.26
C LEU A 728 -22.90 -16.31 0.48
N GLU A 729 -22.69 -16.35 -0.83
CA GLU A 729 -23.29 -17.40 -1.64
C GLU A 729 -22.90 -18.82 -1.22
N PRO A 730 -21.63 -19.14 -0.95
CA PRO A 730 -21.32 -20.50 -0.47
C PRO A 730 -22.03 -20.87 0.81
N LYS A 731 -22.22 -19.91 1.72
CA LYS A 731 -22.95 -20.19 2.96
C LYS A 731 -24.43 -20.46 2.70
N LEU A 732 -25.00 -19.87 1.66
CA LEU A 732 -26.38 -20.17 1.28
C LEU A 732 -26.50 -21.51 0.58
N GLU A 733 -25.50 -21.87 -0.24
CA GLU A 733 -25.50 -23.21 -0.84
C GLU A 733 -25.37 -24.28 0.23
N PHE A 734 -24.50 -24.06 1.21
CA PHE A 734 -24.41 -25.01 2.32
C PHE A 734 -25.68 -25.00 3.15
N GLY A 735 -26.32 -23.86 3.28
CA GLY A 735 -27.59 -23.75 3.97
C GLY A 735 -27.52 -23.20 5.38
N HIS A 736 -26.36 -22.76 5.84
CA HIS A 736 -26.20 -22.22 7.19
C HIS A 736 -25.85 -20.74 7.10
N VAL A 737 -26.85 -19.89 7.29
CA VAL A 737 -26.66 -18.44 7.41
C VAL A 737 -27.48 -17.99 8.62
N SER A 738 -26.80 -17.60 9.69
CA SER A 738 -27.47 -17.08 10.88
C SER A 738 -27.53 -15.56 10.76
N ILE A 739 -28.75 -15.04 10.66
CA ILE A 739 -28.96 -13.61 10.44
C ILE A 739 -29.10 -12.92 11.79
N ASN A 740 -28.22 -11.96 12.05
CA ASN A 740 -28.25 -11.15 13.27
C ASN A 740 -28.32 -11.98 14.54
N PRO A 741 -27.29 -12.78 14.83
CA PRO A 741 -27.28 -13.53 16.10
C PRO A 741 -26.94 -12.62 17.27
N ALA A 742 -27.56 -12.93 18.40
CA ALA A 742 -27.31 -12.16 19.61
C ALA A 742 -25.96 -12.53 20.21
N ASP A 743 -25.48 -11.68 21.13
CA ASP A 743 -24.26 -11.99 21.85
C ASP A 743 -24.42 -13.26 22.66
N VAL A 744 -25.57 -13.45 23.29
CA VAL A 744 -25.94 -14.72 23.90
C VAL A 744 -26.63 -15.54 22.83
N ALA A 745 -26.01 -16.65 22.43
CA ALA A 745 -26.53 -17.45 21.34
C ALA A 745 -27.84 -18.11 21.72
N THR A 746 -28.82 -18.04 20.82
CA THR A 746 -30.11 -18.70 21.05
C THR A 746 -29.94 -20.21 21.00
N GLU A 747 -30.82 -20.91 21.72
CA GLU A 747 -30.76 -22.37 21.74
C GLU A 747 -30.99 -22.95 20.36
N GLU A 748 -31.93 -22.38 19.59
CA GLU A 748 -32.16 -22.85 18.23
C GLU A 748 -30.93 -22.61 17.36
N GLU A 749 -30.25 -21.48 17.54
CA GLU A 749 -29.04 -21.22 16.77
C GLU A 749 -27.94 -22.22 17.12
N LEU A 750 -27.79 -22.55 18.40
CA LEU A 750 -26.81 -23.55 18.81
C LEU A 750 -27.14 -24.91 18.21
N ASP A 751 -28.42 -25.29 18.21
CA ASP A 751 -28.83 -26.55 17.61
C ASP A 751 -28.51 -26.57 16.11
N ASP A 752 -28.79 -25.46 15.43
CA ASP A 752 -28.48 -25.37 14.00
C ASP A 752 -26.98 -25.45 13.76
N MET A 753 -26.18 -24.82 14.61
CA MET A 753 -24.74 -24.89 14.49
C MET A 753 -24.23 -26.32 14.64
N VAL A 754 -24.76 -27.04 15.63
CA VAL A 754 -24.35 -28.44 15.81
C VAL A 754 -24.79 -29.29 14.63
N TYR A 755 -26.00 -29.05 14.11
CA TYR A 755 -26.49 -29.78 12.95
C TYR A 755 -25.60 -29.55 11.74
N ASN A 756 -25.20 -28.30 11.50
CA ASN A 756 -24.34 -28.02 10.35
C ASN A 756 -22.93 -28.53 10.57
N ALA A 757 -22.46 -28.56 11.81
CA ALA A 757 -21.18 -29.20 12.10
C ALA A 757 -21.22 -30.68 11.76
N LYS A 758 -22.31 -31.37 12.11
CA LYS A 758 -22.43 -32.77 11.72
C LYS A 758 -22.55 -32.92 10.21
N LYS A 759 -23.26 -32.00 9.55
CA LYS A 759 -23.43 -32.07 8.11
C LYS A 759 -22.10 -31.87 7.38
N PHE A 760 -21.23 -31.02 7.92
CA PHE A 760 -19.92 -30.79 7.31
C PHE A 760 -19.10 -32.07 7.23
N LEU A 761 -19.29 -32.99 8.17
CA LEU A 761 -18.56 -34.25 8.17
C LEU A 761 -19.28 -35.37 7.44
N SER A 762 -20.52 -35.16 7.01
CA SER A 762 -21.31 -36.20 6.36
C SER A 762 -21.21 -36.08 4.83
N LYS A 763 -19.98 -36.15 4.33
CA LYS A 763 -19.71 -36.14 2.90
C LYS A 763 -19.37 -37.55 2.45
N GLU A 764 -20.15 -38.08 1.52
CA GLU A 764 -19.91 -39.40 0.97
C GLU A 764 -19.07 -39.30 -0.30
N GLY A 765 -18.47 -40.42 -0.68
CA GLY A 765 -17.72 -40.46 -1.91
C GLY A 765 -17.32 -41.85 -2.36
N CYS A 766 -17.64 -42.17 -3.62
CA CYS A 766 -17.15 -43.37 -4.31
C CYS A 766 -17.70 -44.66 -3.71
N THR A 767 -18.46 -44.56 -2.63
CA THR A 767 -19.05 -45.73 -1.99
C THR A 767 -20.56 -45.52 -1.79
N SER A 768 -21.18 -44.79 -2.71
CA SER A 768 -22.60 -44.49 -2.64
C SER A 768 -23.20 -44.65 -4.04
N ILE A 769 -24.53 -44.67 -4.10
CA ILE A 769 -25.22 -44.79 -5.39
C ILE A 769 -24.92 -43.57 -6.26
N LYS A 770 -25.00 -42.38 -5.68
CA LYS A 770 -24.75 -41.15 -6.42
C LYS A 770 -23.27 -40.90 -6.67
N GLY A 771 -22.40 -41.32 -5.75
CA GLY A 771 -21.00 -41.07 -5.87
C GLY A 771 -20.60 -39.77 -5.20
N PRO A 772 -19.41 -39.27 -5.52
CA PRO A 772 -18.95 -38.01 -4.92
C PRO A 772 -19.50 -36.80 -5.66
N ASP A 773 -19.81 -35.76 -4.88
CA ASP A 773 -20.26 -34.48 -5.42
C ASP A 773 -19.11 -33.49 -5.25
N TYR A 774 -18.41 -33.19 -6.34
CA TYR A 774 -17.20 -32.41 -6.27
C TYR A 774 -17.51 -30.95 -5.94
N LYS A 775 -16.54 -30.29 -5.31
CA LYS A 775 -16.54 -28.88 -4.94
C LYS A 775 -17.56 -28.55 -3.86
N LYS A 776 -18.25 -29.54 -3.32
CA LYS A 776 -19.11 -29.32 -2.17
C LYS A 776 -18.26 -29.28 -0.90
N PRO A 777 -18.40 -28.25 -0.08
CA PRO A 777 -17.57 -28.15 1.13
C PRO A 777 -17.88 -29.27 2.11
N GLY A 778 -16.85 -29.67 2.85
CA GLY A 778 -16.96 -30.73 3.83
C GLY A 778 -15.88 -31.78 3.63
N VAL A 779 -15.76 -32.64 4.65
CA VAL A 779 -14.80 -33.74 4.64
C VAL A 779 -15.55 -35.03 4.94
N SER A 780 -14.95 -36.13 4.50
CA SER A 780 -15.51 -37.45 4.73
C SER A 780 -15.01 -38.01 6.05
N LYS A 781 -15.88 -38.73 6.76
CA LYS A 781 -15.48 -39.38 8.00
C LYS A 781 -14.40 -40.42 7.76
N ARG A 782 -14.52 -41.17 6.66
CA ARG A 782 -13.53 -42.19 6.34
C ARG A 782 -12.16 -41.57 6.10
N PHE A 783 -12.09 -40.51 5.30
CA PHE A 783 -10.79 -39.93 4.99
C PHE A 783 -10.23 -39.11 6.13
N LEU A 784 -11.09 -38.45 6.92
CA LEU A 784 -10.59 -37.82 8.14
C LEU A 784 -10.00 -38.86 9.08
N SER A 785 -10.68 -40.01 9.22
CA SER A 785 -10.15 -41.09 10.04
C SER A 785 -8.80 -41.58 9.51
N LEU A 786 -8.70 -41.76 8.19
CA LEU A 786 -7.46 -42.23 7.61
C LEU A 786 -6.32 -41.24 7.81
N LEU A 787 -6.59 -39.95 7.61
CA LEU A 787 -5.56 -38.93 7.78
C LEU A 787 -5.10 -38.85 9.23
N THR A 788 -6.06 -38.84 10.18
CA THR A 788 -5.68 -38.76 11.59
C THR A 788 -4.93 -40.01 12.04
N SER A 789 -5.35 -41.19 11.56
CA SER A 789 -4.64 -42.41 11.90
C SER A 789 -3.23 -42.42 11.32
N SER A 790 -3.07 -41.95 10.08
CA SER A 790 -1.75 -41.90 9.47
C SER A 790 -0.84 -40.93 10.22
N PHE A 791 -1.38 -39.80 10.68
CA PHE A 791 -0.58 -38.90 11.51
C PHE A 791 -0.22 -39.56 12.83
N ASN A 792 -1.17 -40.28 13.44
CA ASN A 792 -0.95 -40.80 14.78
C ASN A 792 0.08 -41.93 14.79
N ASN A 793 0.03 -42.83 13.81
CA ASN A 793 0.92 -43.98 13.80
C ASN A 793 2.27 -43.68 13.18
N GLY A 794 2.53 -42.44 12.77
CA GLY A 794 3.82 -42.05 12.26
C GLY A 794 4.05 -42.31 10.79
N SER A 795 3.04 -42.79 10.07
CA SER A 795 3.20 -43.06 8.64
C SER A 795 3.52 -41.80 7.85
N LEU A 796 3.08 -40.63 8.31
CA LEU A 796 3.31 -39.38 7.61
C LEU A 796 4.68 -38.78 7.90
N PHE A 797 5.38 -39.25 8.92
CA PHE A 797 6.64 -38.65 9.33
C PHE A 797 7.78 -39.14 8.45
N LYS A 798 8.99 -38.65 8.75
CA LYS A 798 10.20 -39.10 8.07
C LYS A 798 11.22 -39.56 9.10
N GLU A 799 12.45 -39.83 8.65
CA GLU A 799 13.49 -40.29 9.57
C GLU A 799 14.02 -39.18 10.46
N SER A 800 13.82 -37.92 10.09
CA SER A 800 14.37 -36.80 10.83
C SER A 800 13.51 -36.36 12.00
N GLU A 801 12.26 -36.82 12.09
CA GLU A 801 11.36 -36.38 13.15
C GLU A 801 11.40 -37.32 14.36
N VAL A 802 11.08 -38.60 14.15
CA VAL A 802 11.05 -39.56 15.23
C VAL A 802 12.47 -39.89 15.70
N THR A 1089 -21.61 2.98 45.12
CA THR A 1089 -20.29 2.37 44.98
C THR A 1089 -19.93 2.14 43.52
N THR A 1090 -20.87 1.56 42.77
CA THR A 1090 -20.62 1.28 41.35
C THR A 1090 -20.42 2.58 40.56
N ALA A 1091 -21.24 3.59 40.84
CA ALA A 1091 -21.10 4.87 40.14
C ALA A 1091 -19.76 5.52 40.45
N MET A 1092 -19.32 5.45 41.71
CA MET A 1092 -18.02 6.01 42.08
C MET A 1092 -16.89 5.27 41.37
N LEU A 1093 -17.00 3.94 41.26
CA LEU A 1093 -16.00 3.18 40.52
C LEU A 1093 -15.99 3.58 39.05
N LYS A 1094 -17.17 3.77 38.46
CA LYS A 1094 -17.23 4.25 37.08
C LYS A 1094 -16.63 5.65 36.94
N ASN A 1095 -16.71 6.47 37.99
CA ASN A 1095 -16.07 7.78 38.00
C ASN A 1095 -14.54 7.69 37.98
N LEU A 1096 -13.98 6.55 38.35
CA LEU A 1096 -12.53 6.38 38.33
C LEU A 1096 -12.01 6.39 36.89
N CYS A 1097 -10.80 6.91 36.71
CA CYS A 1097 -10.16 6.92 35.40
C CYS A 1097 -9.31 5.70 35.15
N PHE A 1098 -9.33 4.72 36.05
CA PHE A 1098 -8.49 3.53 35.94
C PHE A 1098 -9.25 2.24 36.20
N TYR A 1099 -10.56 2.30 36.44
CA TYR A 1099 -11.36 1.11 36.68
C TYR A 1099 -11.69 0.46 35.35
N SER A 1100 -11.00 -0.63 35.04
CA SER A 1100 -11.23 -1.34 33.79
C SER A 1100 -12.60 -2.00 33.79
N GLN A 1101 -13.29 -1.92 32.66
CA GLN A 1101 -14.65 -2.44 32.54
C GLN A 1101 -14.83 -3.39 31.38
N GLU A 1102 -13.86 -3.49 30.47
CA GLU A 1102 -14.03 -4.28 29.25
C GLU A 1102 -13.26 -5.61 29.29
N SER A 1103 -12.59 -5.93 30.38
CA SER A 1103 -11.85 -7.17 30.45
C SER A 1103 -12.80 -8.34 30.65
N PRO A 1104 -12.67 -9.42 29.88
CA PRO A 1104 -13.53 -10.60 30.10
C PRO A 1104 -13.19 -11.28 31.41
N GLN A 1105 -14.20 -11.85 32.05
CA GLN A 1105 -14.03 -12.57 33.31
C GLN A 1105 -14.44 -14.03 33.23
N SER A 1106 -15.20 -14.41 32.21
CA SER A 1106 -15.62 -15.79 32.02
C SER A 1106 -15.71 -16.05 30.52
N TYR A 1107 -16.11 -17.26 30.16
CA TYR A 1107 -16.25 -17.59 28.74
C TYR A 1107 -17.11 -18.84 28.59
N SER A 1108 -17.96 -18.82 27.57
CA SER A 1108 -18.79 -19.96 27.20
C SER A 1108 -18.19 -20.64 25.97
N SER A 1109 -18.92 -21.60 25.40
CA SER A 1109 -18.47 -22.24 24.18
C SER A 1109 -18.47 -21.27 23.00
N THR A 1110 -19.33 -20.25 23.04
CA THR A 1110 -19.45 -19.31 21.94
C THR A 1110 -18.50 -18.12 22.04
N GLY A 1111 -17.78 -17.98 23.14
CA GLY A 1111 -16.85 -16.89 23.30
C GLY A 1111 -16.88 -16.30 24.69
N PRO A 1112 -16.13 -15.22 24.89
CA PRO A 1112 -16.11 -14.57 26.21
C PRO A 1112 -17.45 -13.92 26.53
N ASP A 1113 -17.66 -13.66 27.82
CA ASP A 1113 -18.91 -13.04 28.24
C ASP A 1113 -19.05 -11.61 27.73
N THR A 1114 -17.96 -10.99 27.27
CA THR A 1114 -18.03 -9.66 26.68
C THR A 1114 -18.64 -9.68 25.27
N GLY A 1115 -18.88 -10.86 24.71
CA GLY A 1115 -19.49 -10.96 23.39
C GLY A 1115 -18.74 -11.87 22.46
N ARG A 1116 -19.43 -12.38 21.44
CA ARG A 1116 -18.79 -13.20 20.43
C ARG A 1116 -17.85 -12.35 19.59
N LEU A 1117 -16.97 -13.02 18.84
CA LEU A 1117 -15.95 -12.32 18.08
C LEU A 1117 -16.56 -11.60 16.88
N LYS A 1118 -16.28 -10.31 16.76
CA LYS A 1118 -16.74 -9.50 15.64
C LYS A 1118 -15.63 -9.39 14.60
N PHE A 1119 -15.98 -9.58 13.34
CA PHE A 1119 -15.09 -9.32 12.23
C PHE A 1119 -15.81 -8.45 11.20
N SER A 1120 -15.29 -7.26 10.95
CA SER A 1120 -15.79 -6.44 9.86
C SER A 1120 -15.19 -6.93 8.55
N LEU A 1121 -16.04 -6.98 7.52
CA LEU A 1121 -15.66 -7.51 6.22
C LEU A 1121 -15.34 -6.37 5.27
N SER A 1122 -14.19 -6.48 4.60
CA SER A 1122 -13.76 -5.51 3.60
C SER A 1122 -13.03 -6.26 2.50
N TYR A 1123 -12.41 -5.53 1.58
CA TYR A 1123 -11.66 -6.13 0.49
C TYR A 1123 -10.30 -5.49 0.36
N LYS A 1124 -9.31 -6.30 0.01
CA LYS A 1124 -7.97 -5.85 -0.33
C LYS A 1124 -7.81 -5.98 -1.84
N GLU A 1125 -7.55 -4.86 -2.51
CA GLU A 1125 -7.52 -4.82 -3.96
C GLU A 1125 -6.20 -5.38 -4.48
N GLN A 1126 -6.27 -6.25 -5.49
CA GLN A 1126 -5.10 -6.83 -6.11
C GLN A 1126 -5.23 -6.71 -7.62
N VAL A 1127 -4.24 -7.25 -8.33
CA VAL A 1127 -4.29 -7.29 -9.79
C VAL A 1127 -5.14 -8.51 -10.17
N GLY A 1128 -6.30 -8.26 -10.76
CA GLY A 1128 -7.24 -9.30 -11.10
C GLY A 1128 -8.32 -9.55 -10.08
N GLY A 1129 -8.76 -8.52 -9.36
CA GLY A 1129 -9.87 -8.64 -8.44
C GLY A 1129 -9.50 -8.17 -7.04
N ASN A 1130 -10.16 -8.77 -6.05
CA ASN A 1130 -9.96 -8.41 -4.65
C ASN A 1130 -9.96 -9.68 -3.81
N ARG A 1131 -9.45 -9.54 -2.60
CA ARG A 1131 -9.43 -10.63 -1.62
C ARG A 1131 -10.20 -10.19 -0.38
N GLU A 1132 -11.02 -11.09 0.14
CA GLU A 1132 -11.79 -10.78 1.35
C GLU A 1132 -10.84 -10.50 2.51
N LEU A 1133 -11.25 -9.59 3.39
CA LEU A 1133 -10.44 -9.19 4.54
C LEU A 1133 -11.35 -9.10 5.75
N TYR A 1134 -10.92 -9.72 6.85
CA TYR A 1134 -11.68 -9.74 8.11
C TYR A 1134 -10.87 -9.00 9.15
N ILE A 1135 -11.38 -7.85 9.60
CA ILE A 1135 -10.69 -7.00 10.56
C ILE A 1135 -11.45 -7.11 11.88
N GLY A 1136 -10.75 -7.53 12.94
CA GLY A 1136 -11.35 -7.70 14.24
C GLY A 1136 -10.79 -6.74 15.28
N ASP A 1137 -11.38 -6.84 16.47
CA ASP A 1137 -10.89 -6.07 17.60
C ASP A 1137 -9.52 -6.59 18.04
N LEU A 1138 -8.79 -5.74 18.77
CA LEU A 1138 -7.44 -6.10 19.18
C LEU A 1138 -7.46 -7.29 20.14
N ARG A 1139 -8.48 -7.37 20.99
CA ARG A 1139 -8.64 -8.54 21.84
C ARG A 1139 -8.85 -9.80 21.00
N THR A 1140 -9.67 -9.69 19.96
CA THR A 1140 -9.87 -10.82 19.05
C THR A 1140 -8.58 -11.18 18.32
N LYS A 1141 -7.79 -10.18 17.94
CA LYS A 1141 -6.50 -10.46 17.31
C LYS A 1141 -5.57 -11.21 18.25
N MET A 1142 -5.52 -10.79 19.52
CA MET A 1142 -4.69 -11.52 20.48
C MET A 1142 -5.20 -12.94 20.69
N PHE A 1143 -6.52 -13.12 20.74
CA PHE A 1143 -7.08 -14.46 20.90
C PHE A 1143 -6.71 -15.35 19.72
N THR A 1144 -6.76 -14.80 18.50
CA THR A 1144 -6.40 -15.57 17.32
C THR A 1144 -4.90 -15.84 17.26
N ARG A 1145 -4.08 -14.95 17.81
CA ARG A 1145 -2.64 -15.13 17.78
C ARG A 1145 -2.20 -16.38 18.52
N LEU A 1146 -2.94 -16.78 19.56
CA LEU A 1146 -2.60 -18.02 20.26
C LEU A 1146 -2.70 -19.22 19.32
N ILE A 1147 -3.82 -19.33 18.61
CA ILE A 1147 -4.01 -20.41 17.65
C ILE A 1147 -2.95 -20.33 16.56
N GLU A 1148 -2.71 -19.12 16.04
CA GLU A 1148 -1.77 -18.95 14.95
C GLU A 1148 -0.36 -19.36 15.36
N ASP A 1149 0.08 -18.94 16.55
CA ASP A 1149 1.40 -19.29 17.03
C ASP A 1149 1.51 -20.80 17.28
N TYR A 1150 0.49 -21.40 17.89
CA TYR A 1150 0.55 -22.84 18.12
C TYR A 1150 0.69 -23.60 16.82
N PHE A 1151 -0.12 -23.26 15.81
CA PHE A 1151 -0.08 -24.01 14.58
C PHE A 1151 1.16 -23.68 13.76
N GLU A 1152 1.67 -22.46 13.86
CA GLU A 1152 2.93 -22.12 13.22
C GLU A 1152 4.07 -22.96 13.79
N ALA A 1153 4.14 -23.08 15.12
CA ALA A 1153 5.16 -23.93 15.72
C ALA A 1153 4.97 -25.39 15.35
N LEU A 1154 3.72 -25.85 15.34
CA LEU A 1154 3.44 -27.25 15.02
C LEU A 1154 3.86 -27.58 13.59
N SER A 1155 3.61 -26.67 12.64
CA SER A 1155 4.07 -26.91 11.28
C SER A 1155 5.57 -26.70 11.14
N LEU A 1156 6.15 -25.84 11.99
CA LEU A 1156 7.60 -25.68 11.99
C LEU A 1156 8.31 -26.96 12.44
N GLN A 1157 7.66 -27.74 13.31
CA GLN A 1157 8.23 -29.03 13.68
C GLN A 1157 8.35 -29.95 12.46
N LEU A 1158 7.34 -29.95 11.59
CA LEU A 1158 7.37 -30.73 10.38
C LEU A 1158 8.12 -29.97 9.28
N SER A 1159 8.09 -30.48 8.06
CA SER A 1159 8.78 -29.86 6.94
C SER A 1159 7.88 -29.89 5.71
N GLY A 1160 8.18 -29.00 4.76
CA GLY A 1160 7.44 -28.90 3.52
C GLY A 1160 6.53 -27.70 3.41
N SER A 1161 6.30 -26.97 4.49
CA SER A 1161 5.46 -25.78 4.47
C SER A 1161 6.34 -24.57 4.17
N CYS A 1162 6.10 -23.94 3.02
CA CYS A 1162 6.91 -22.82 2.56
C CYS A 1162 6.23 -21.48 2.81
N LEU A 1163 5.29 -21.43 3.74
CA LEU A 1163 4.55 -20.19 3.98
C LEU A 1163 5.37 -19.20 4.78
N ASN A 1164 5.74 -19.56 6.00
CA ASN A 1164 6.51 -18.67 6.88
C ASN A 1164 8.01 -18.96 6.83
N ASN A 1165 8.40 -20.20 6.60
CA ASN A 1165 9.81 -20.53 6.46
C ASN A 1165 10.38 -19.98 5.17
N GLU A 1166 11.58 -19.40 5.26
CA GLU A 1166 12.32 -18.98 4.08
C GLU A 1166 13.28 -20.04 3.58
N ARG A 1167 13.87 -20.82 4.49
CA ARG A 1167 14.73 -21.92 4.07
C ARG A 1167 13.94 -22.99 3.33
N GLU A 1168 12.73 -23.29 3.79
CA GLU A 1168 11.90 -24.28 3.10
C GLU A 1168 11.52 -23.81 1.72
N PHE A 1169 11.31 -22.50 1.53
CA PHE A 1169 11.03 -21.98 0.19
C PHE A 1169 12.24 -22.16 -0.72
N GLU A 1170 13.45 -21.94 -0.19
CA GLU A 1170 14.65 -22.18 -0.99
C GLU A 1170 14.80 -23.65 -1.33
N ASN A 1171 14.48 -24.54 -0.39
CA ASN A 1171 14.49 -25.97 -0.68
C ASN A 1171 13.50 -26.31 -1.77
N ALA A 1172 12.31 -25.70 -1.73
CA ALA A 1172 11.33 -25.93 -2.79
C ALA A 1172 11.84 -25.43 -4.14
N ILE A 1173 12.51 -24.27 -4.15
CA ILE A 1173 13.05 -23.75 -5.39
C ILE A 1173 14.10 -24.70 -5.96
N LEU A 1174 15.00 -25.19 -5.10
CA LEU A 1174 16.03 -26.13 -5.55
C LEU A 1174 15.40 -27.42 -6.06
N SER A 1175 14.38 -27.93 -5.37
CA SER A 1175 13.74 -29.15 -5.78
C SER A 1175 13.03 -28.98 -7.12
N MET A 1176 12.36 -27.84 -7.33
CA MET A 1176 11.73 -27.59 -8.62
C MET A 1176 12.76 -27.47 -9.73
N LYS A 1177 13.88 -26.81 -9.46
CA LYS A 1177 14.94 -26.72 -10.47
C LYS A 1177 15.47 -28.10 -10.84
N LEU A 1178 15.69 -28.94 -9.83
CA LEU A 1178 16.15 -30.30 -10.10
C LEU A 1178 15.12 -31.10 -10.88
N ASN A 1179 13.85 -30.99 -10.51
CA ASN A 1179 12.80 -31.73 -11.19
C ASN A 1179 12.69 -31.32 -12.66
N VAL A 1180 12.76 -30.01 -12.92
CA VAL A 1180 12.66 -29.54 -14.30
C VAL A 1180 13.90 -29.93 -15.09
N SER A 1181 15.07 -29.90 -14.44
CA SER A 1181 16.30 -30.27 -15.14
C SER A 1181 16.26 -31.71 -15.63
N LEU A 1182 15.72 -32.62 -14.82
CA LEU A 1182 15.57 -34.02 -15.22
C LEU A 1182 14.30 -34.28 -16.01
N ALA A 1183 13.49 -33.24 -16.24
CA ALA A 1183 12.23 -33.36 -16.98
C ALA A 1183 11.29 -34.36 -16.35
N HIS A 1184 11.24 -34.38 -15.02
CA HIS A 1184 10.22 -35.15 -14.32
C HIS A 1184 8.90 -34.41 -14.34
N VAL A 1185 7.86 -35.06 -13.82
CA VAL A 1185 6.52 -34.48 -13.84
C VAL A 1185 6.38 -33.52 -12.67
N SER A 1186 6.00 -32.28 -12.98
CA SER A 1186 5.72 -31.27 -11.97
C SER A 1186 4.26 -30.88 -12.08
N TYR A 1187 3.58 -30.84 -10.94
CA TYR A 1187 2.14 -30.58 -10.89
C TYR A 1187 1.93 -29.34 -10.03
N SER A 1188 1.63 -28.23 -10.70
CA SER A 1188 1.47 -26.94 -10.05
C SER A 1188 0.00 -26.72 -9.78
N MET A 1189 -0.37 -26.55 -8.51
CA MET A 1189 -1.76 -26.49 -8.10
C MET A 1189 -2.04 -25.21 -7.32
N ASP A 1190 -3.15 -24.59 -7.64
CA ASP A 1190 -3.85 -23.68 -6.75
C ASP A 1190 -5.08 -24.40 -6.22
N HIS A 1191 -5.64 -23.88 -5.14
CA HIS A 1191 -6.85 -24.44 -4.56
C HIS A 1191 -7.95 -23.40 -4.60
N SER A 1192 -9.10 -23.78 -5.16
CA SER A 1192 -10.20 -22.86 -5.34
C SER A 1192 -10.95 -22.66 -4.03
N LYS A 1193 -11.30 -21.40 -3.74
CA LYS A 1193 -12.12 -21.05 -2.59
C LYS A 1193 -11.55 -21.64 -1.30
N TRP A 1194 -10.24 -21.45 -1.12
CA TRP A 1194 -9.58 -21.99 0.06
C TRP A 1194 -10.12 -21.38 1.34
N GLY A 1195 -10.38 -20.07 1.33
CA GLY A 1195 -10.90 -19.38 2.48
C GLY A 1195 -12.33 -19.76 2.82
N PRO A 1196 -13.28 -19.40 1.95
CA PRO A 1196 -14.70 -19.64 2.27
C PRO A 1196 -15.04 -21.10 2.53
N MET A 1197 -14.43 -22.03 1.79
CA MET A 1197 -14.81 -23.43 1.92
C MET A 1197 -14.20 -24.08 3.16
N MET A 1198 -13.07 -23.57 3.65
CA MET A 1198 -12.45 -24.16 4.83
C MET A 1198 -13.22 -23.72 6.08
N CYS A 1199 -12.93 -24.40 7.19
CA CYS A 1199 -13.76 -24.24 8.36
C CYS A 1199 -12.96 -24.34 9.66
N PRO A 1200 -13.21 -23.44 10.62
CA PRO A 1200 -12.59 -23.62 11.94
C PRO A 1200 -13.00 -24.91 12.62
N PHE A 1201 -14.22 -25.39 12.37
CA PHE A 1201 -14.63 -26.68 12.92
C PHE A 1201 -13.84 -27.82 12.30
N LEU A 1202 -13.45 -27.70 11.03
CA LEU A 1202 -12.60 -28.71 10.43
C LEU A 1202 -11.25 -28.78 11.14
N PHE A 1203 -10.66 -27.63 11.45
CA PHE A 1203 -9.42 -27.61 12.19
C PHE A 1203 -9.60 -28.15 13.59
N LEU A 1204 -10.74 -27.85 14.23
CA LEU A 1204 -11.03 -28.40 15.55
C LEU A 1204 -11.12 -29.92 15.51
N ALA A 1205 -11.82 -30.45 14.51
CA ALA A 1205 -11.97 -31.91 14.40
C ALA A 1205 -10.63 -32.56 14.09
N THR A 1206 -9.81 -31.92 13.26
CA THR A 1206 -8.47 -32.45 13.00
C THR A 1206 -7.62 -32.47 14.27
N LEU A 1207 -7.65 -31.37 15.03
CA LEU A 1207 -6.83 -31.28 16.23
C LEU A 1207 -7.30 -32.22 17.33
N GLN A 1208 -8.61 -32.45 17.42
CA GLN A 1208 -9.14 -33.32 18.46
C GLN A 1208 -8.74 -34.78 18.28
N ASN A 1209 -8.38 -35.19 17.06
CA ASN A 1209 -8.03 -36.58 16.80
C ASN A 1209 -6.53 -36.81 16.69
N LEU A 1210 -5.73 -35.75 16.57
CA LEU A 1210 -4.28 -35.91 16.48
C LEU A 1210 -3.70 -36.24 17.85
N ILE A 1211 -2.72 -37.14 17.85
CA ILE A 1211 -2.01 -37.54 19.06
C ILE A 1211 -0.54 -37.20 18.87
N PHE A 1212 0.01 -36.39 19.77
CA PHE A 1212 1.40 -35.97 19.67
C PHE A 1212 2.29 -36.75 20.62
N GLN A 1218 0.41 -33.78 30.24
CA GLN A 1218 0.19 -33.03 31.47
C GLN A 1218 -0.50 -31.70 31.14
N ALA A 1219 0.29 -30.64 31.03
CA ALA A 1219 -0.23 -29.33 30.65
C ALA A 1219 -0.57 -29.26 29.16
N ASP A 1220 -0.14 -30.24 28.37
CA ASP A 1220 -0.51 -30.24 26.95
C ASP A 1220 -1.98 -30.55 26.76
N ILE A 1221 -2.59 -31.32 27.67
CA ILE A 1221 -4.04 -31.50 27.63
C ILE A 1221 -4.74 -30.16 27.81
N LYS A 1222 -4.27 -29.37 28.78
CA LYS A 1222 -4.85 -28.04 29.00
C LYS A 1222 -4.63 -27.14 27.80
N GLY A 1223 -3.45 -27.22 27.18
CA GLY A 1223 -3.19 -26.44 25.98
C GLY A 1223 -4.13 -26.81 24.84
N ARG A 1224 -4.34 -28.11 24.62
CA ARG A 1224 -5.27 -28.55 23.58
C ARG A 1224 -6.70 -28.13 23.91
N ASP A 1225 -7.07 -28.15 25.19
CA ASP A 1225 -8.40 -27.69 25.57
C ASP A 1225 -8.57 -26.19 25.30
N TYR A 1226 -7.54 -25.40 25.60
CA TYR A 1226 -7.60 -23.97 25.28
C TYR A 1226 -7.70 -23.75 23.78
N LEU A 1227 -6.94 -24.52 23.00
CA LEU A 1227 -7.02 -24.42 21.54
C LEU A 1227 -8.41 -24.77 21.04
N SER A 1228 -9.01 -25.83 21.59
CA SER A 1228 -10.36 -26.22 21.19
C SER A 1228 -11.36 -25.13 21.54
N THR A 1229 -11.22 -24.51 22.72
CA THR A 1229 -12.11 -23.43 23.11
C THR A 1229 -11.99 -22.24 22.15
N LEU A 1230 -10.76 -21.87 21.81
CA LEU A 1230 -10.55 -20.73 20.90
C LEU A 1230 -11.08 -21.05 19.50
N LEU A 1231 -10.88 -22.29 19.04
CA LEU A 1231 -11.41 -22.68 17.74
C LEU A 1231 -12.93 -22.66 17.74
N THR A 1232 -13.55 -23.09 18.84
CA THR A 1232 -15.01 -23.03 18.93
C THR A 1232 -15.49 -21.57 18.99
N TRP A 1233 -14.69 -20.68 19.58
CA TRP A 1233 -15.00 -19.25 19.50
C TRP A 1233 -14.98 -18.78 18.06
N HIS A 1234 -13.96 -19.17 17.31
CA HIS A 1234 -13.89 -18.82 15.89
C HIS A 1234 -15.04 -19.44 15.10
N MET A 1235 -15.56 -20.57 15.58
CA MET A 1235 -16.73 -21.19 14.95
C MET A 1235 -17.94 -20.27 15.04
N HIS A 1236 -18.13 -19.62 16.20
CA HIS A 1236 -19.29 -18.77 16.45
C HIS A 1236 -19.03 -17.31 16.14
N LYS A 1237 -18.07 -17.02 15.27
CA LYS A 1237 -17.75 -15.63 14.93
C LYS A 1237 -18.91 -14.99 14.19
N MET A 1238 -19.02 -13.67 14.34
CA MET A 1238 -20.00 -12.87 13.64
C MET A 1238 -19.28 -11.92 12.69
N VAL A 1239 -19.64 -11.98 11.41
CA VAL A 1239 -19.06 -11.12 10.38
C VAL A 1239 -20.09 -10.05 10.04
N GLU A 1240 -19.70 -8.79 10.19
CA GLU A 1240 -20.60 -7.68 10.00
C GLU A 1240 -20.73 -7.33 8.52
N ILE A 1241 -21.96 -7.28 8.03
CA ILE A 1241 -22.21 -6.86 6.65
C ILE A 1241 -21.83 -5.38 6.51
N PRO A 1242 -21.12 -4.99 5.46
CA PRO A 1242 -20.76 -3.58 5.29
C PRO A 1242 -22.00 -2.70 5.22
N PHE A 1243 -21.92 -1.52 5.84
CA PHE A 1243 -23.06 -0.62 5.88
C PHE A 1243 -23.45 -0.14 4.49
N ASN A 1244 -22.45 0.08 3.62
CA ASN A 1244 -22.74 0.52 2.26
C ASN A 1244 -23.55 -0.52 1.51
N VAL A 1245 -23.21 -1.80 1.70
CA VAL A 1245 -23.96 -2.87 1.05
C VAL A 1245 -25.40 -2.88 1.53
N VAL A 1246 -25.62 -2.73 2.83
CA VAL A 1246 -26.97 -2.74 3.38
C VAL A 1246 -27.76 -1.54 2.86
N SER A 1247 -27.13 -0.37 2.80
CA SER A 1247 -27.81 0.81 2.29
C SER A 1247 -28.18 0.65 0.82
N ALA A 1248 -27.27 0.11 0.01
CA ALA A 1248 -27.57 -0.11 -1.40
C ALA A 1248 -28.71 -1.12 -1.56
N MET A 1249 -28.71 -2.17 -0.75
CA MET A 1249 -29.78 -3.16 -0.83
C MET A 1249 -31.12 -2.55 -0.41
N MET A 1250 -31.13 -1.70 0.63
CA MET A 1250 -32.37 -1.04 1.01
C MET A 1250 -32.87 -0.13 -0.10
N LYS A 1251 -31.98 0.64 -0.72
CA LYS A 1251 -32.39 1.52 -1.81
C LYS A 1251 -32.96 0.73 -2.98
N SER A 1252 -32.27 -0.35 -3.38
CA SER A 1252 -32.75 -1.17 -4.48
C SER A 1252 -34.08 -1.82 -4.14
N PHE A 1253 -34.23 -2.30 -2.91
CA PHE A 1253 -35.48 -2.93 -2.50
C PHE A 1253 -36.64 -1.93 -2.54
N ILE A 1254 -36.40 -0.71 -2.05
CA ILE A 1254 -37.44 0.31 -2.08
C ILE A 1254 -37.83 0.64 -3.51
N LYS A 1255 -36.82 0.84 -4.38
CA LYS A 1255 -37.12 1.17 -5.77
C LYS A 1255 -37.86 0.04 -6.47
N ALA A 1256 -37.54 -1.21 -6.13
CA ALA A 1256 -38.20 -2.34 -6.76
C ALA A 1256 -39.64 -2.51 -6.28
N GLN A 1257 -39.87 -2.38 -4.96
CA GLN A 1257 -41.21 -2.60 -4.43
C GLN A 1257 -42.13 -1.43 -4.71
N LEU A 1258 -41.60 -0.20 -4.84
CA LEU A 1258 -42.44 0.96 -5.09
C LEU A 1258 -42.54 1.26 -6.59
N GLY A 1259 -41.41 1.25 -7.28
CA GLY A 1259 -41.40 1.54 -8.71
C GLY A 1259 -42.02 0.45 -9.55
N THR A 1264 -35.26 -7.65 -12.69
CA THR A 1264 -35.69 -8.99 -13.07
C THR A 1264 -34.62 -10.03 -12.76
N THR A 1265 -33.42 -9.55 -12.45
CA THR A 1265 -32.31 -10.46 -12.14
C THR A 1265 -32.53 -11.16 -10.81
N GLN A 1266 -32.58 -10.38 -9.72
CA GLN A 1266 -32.82 -10.89 -8.38
C GLN A 1266 -31.80 -11.97 -8.02
N SER A 1267 -30.54 -11.54 -7.91
CA SER A 1267 -29.45 -12.42 -7.54
C SER A 1267 -29.73 -13.08 -6.18
N ILE A 1268 -28.95 -14.13 -5.90
CA ILE A 1268 -29.18 -14.91 -4.68
C ILE A 1268 -29.01 -14.04 -3.45
N THR A 1269 -27.96 -13.22 -3.41
CA THR A 1269 -27.79 -12.29 -2.31
C THR A 1269 -28.91 -11.25 -2.29
N GLU A 1270 -29.33 -10.78 -3.47
CA GLU A 1270 -30.46 -9.87 -3.54
C GLU A 1270 -31.73 -10.54 -3.03
N ASP A 1271 -31.94 -11.82 -3.36
CA ASP A 1271 -33.10 -12.53 -2.85
C ASP A 1271 -33.06 -12.67 -1.34
N PHE A 1272 -31.88 -12.98 -0.79
CA PHE A 1272 -31.74 -13.09 0.66
C PHE A 1272 -32.03 -11.77 1.35
N PHE A 1273 -31.46 -10.68 0.82
CA PHE A 1273 -31.72 -9.35 1.38
C PHE A 1273 -33.20 -8.99 1.27
N TYR A 1274 -33.83 -9.28 0.13
CA TYR A 1274 -35.23 -8.93 -0.07
C TYR A 1274 -36.13 -9.71 0.89
N SER A 1275 -35.84 -11.00 1.07
CA SER A 1275 -36.62 -11.82 2.00
C SER A 1275 -36.48 -11.30 3.43
N ASN A 1276 -35.26 -10.93 3.83
CA ASN A 1276 -35.09 -10.38 5.17
C ASN A 1276 -35.75 -9.01 5.31
N PHE A 1277 -35.79 -8.24 4.22
CA PHE A 1277 -36.36 -6.89 4.27
C PHE A 1277 -37.88 -6.94 4.38
N GLN A 1278 -38.51 -7.83 3.61
CA GLN A 1278 -39.97 -7.95 3.62
C GLN A 1278 -40.51 -8.47 4.95
N ILE A 1279 -39.66 -9.01 5.82
CA ILE A 1279 -40.10 -9.59 7.08
C ILE A 1279 -39.61 -8.77 8.28
N GLY A 1280 -39.28 -7.50 8.06
CA GLY A 1280 -38.86 -6.66 9.16
C GLY A 1280 -37.35 -6.55 9.32
N VAL A 1281 -36.79 -7.39 10.20
CA VAL A 1281 -35.41 -7.31 10.65
C VAL A 1281 -34.43 -7.19 9.49
N VAL A 1282 -33.56 -6.18 9.55
CA VAL A 1282 -32.55 -5.92 8.54
C VAL A 1282 -31.26 -6.66 8.91
N PRO A 1283 -30.63 -7.37 7.98
CA PRO A 1283 -29.40 -8.10 8.32
C PRO A 1283 -28.26 -7.15 8.64
N SER A 1284 -27.59 -7.40 9.76
CA SER A 1284 -26.41 -6.65 10.17
C SER A 1284 -25.18 -7.53 10.32
N HIS A 1285 -25.32 -8.71 10.92
CA HIS A 1285 -24.21 -9.63 11.12
C HIS A 1285 -24.60 -11.01 10.63
N VAL A 1286 -23.63 -11.75 10.12
CA VAL A 1286 -23.82 -13.09 9.59
C VAL A 1286 -22.94 -14.05 10.38
N SER A 1287 -23.54 -15.14 10.86
CA SER A 1287 -22.82 -16.22 11.50
C SER A 1287 -23.05 -17.51 10.73
N SER A 1288 -22.00 -18.32 10.60
CA SER A 1288 -22.10 -19.54 9.82
C SER A 1288 -20.99 -20.49 10.25
N ILE A 1289 -21.18 -21.76 9.88
CA ILE A 1289 -20.14 -22.76 10.09
C ILE A 1289 -19.10 -22.71 8.98
N LEU A 1290 -19.51 -22.30 7.78
CA LEU A 1290 -18.70 -22.48 6.58
C LEU A 1290 -17.91 -21.22 6.24
N ASP A 1291 -16.98 -20.86 7.13
CA ASP A 1291 -16.10 -19.73 6.83
C ASP A 1291 -14.92 -19.65 7.79
N MET A 1292 -13.70 -19.56 7.25
CA MET A 1292 -12.55 -19.10 8.00
C MET A 1292 -12.24 -17.67 7.57
N GLY A 1293 -11.73 -16.88 8.51
CA GLY A 1293 -11.29 -15.55 8.14
C GLY A 1293 -10.20 -15.62 7.09
N GLN A 1294 -10.33 -14.85 6.01
CA GLN A 1294 -9.34 -14.86 4.94
C GLN A 1294 -8.06 -14.26 5.49
N GLY A 1295 -7.06 -15.12 5.75
CA GLY A 1295 -5.84 -14.70 6.38
C GLY A 1295 -5.87 -14.72 7.90
N ILE A 1296 -7.01 -15.04 8.51
CA ILE A 1296 -7.10 -15.04 9.96
C ILE A 1296 -6.57 -16.36 10.53
N LEU A 1297 -7.19 -17.48 10.17
CA LEU A 1297 -6.71 -18.79 10.56
C LEU A 1297 -5.76 -19.34 9.50
N HIS A 1298 -4.77 -18.51 9.18
CA HIS A 1298 -3.95 -18.73 8.00
C HIS A 1298 -2.87 -19.78 8.26
N ASN A 1299 -2.19 -19.69 9.41
CA ASN A 1299 -1.21 -20.70 9.77
C ASN A 1299 -1.86 -22.05 10.06
N THR A 1300 -3.06 -22.02 10.66
CA THR A 1300 -3.79 -23.28 10.88
C THR A 1300 -4.15 -23.93 9.56
N SER A 1301 -4.59 -23.13 8.59
CA SER A 1301 -4.88 -23.65 7.26
C SER A 1301 -3.63 -24.21 6.60
N ASP A 1302 -2.50 -23.54 6.79
CA ASP A 1302 -1.24 -24.04 6.24
C ASP A 1302 -0.87 -25.39 6.85
N PHE A 1303 -1.03 -25.53 8.16
CA PHE A 1303 -0.73 -26.81 8.82
C PHE A 1303 -1.66 -27.91 8.32
N TYR A 1304 -2.96 -27.61 8.19
CA TYR A 1304 -3.89 -28.61 7.69
C TYR A 1304 -3.54 -29.02 6.27
N ALA A 1305 -3.20 -28.04 5.42
CA ALA A 1305 -2.79 -28.36 4.06
C ALA A 1305 -1.55 -29.25 4.07
N LEU A 1306 -0.58 -28.93 4.93
CA LEU A 1306 0.63 -29.73 5.03
C LEU A 1306 0.32 -31.18 5.36
N ILE A 1307 -0.45 -31.40 6.44
CA ILE A 1307 -0.66 -32.78 6.89
C ILE A 1307 -1.56 -33.53 5.89
N SER A 1308 -2.59 -32.86 5.37
CA SER A 1308 -3.48 -33.52 4.42
C SER A 1308 -2.74 -33.90 3.14
N GLU A 1309 -1.84 -33.03 2.67
CA GLU A 1309 -1.08 -33.38 1.47
C GLU A 1309 -0.04 -34.45 1.75
N ARG A 1310 0.55 -34.46 2.95
CA ARG A 1310 1.43 -35.57 3.30
C ARG A 1310 0.68 -36.89 3.25
N PHE A 1311 -0.55 -36.91 3.78
CA PHE A 1311 -1.37 -38.11 3.71
C PHE A 1311 -1.72 -38.47 2.27
N ILE A 1312 -2.06 -37.49 1.45
CA ILE A 1312 -2.45 -37.77 0.07
C ILE A 1312 -1.28 -38.36 -0.71
N ASN A 1313 -0.09 -37.78 -0.55
CA ASN A 1313 1.11 -38.33 -1.19
C ASN A 1313 1.42 -39.72 -0.67
N TYR A 1314 1.22 -39.95 0.64
CA TYR A 1314 1.43 -41.27 1.20
C TYR A 1314 0.48 -42.29 0.57
N ALA A 1315 -0.79 -41.91 0.38
CA ALA A 1315 -1.75 -42.81 -0.25
C ALA A 1315 -1.37 -43.09 -1.70
N ILE A 1316 -0.93 -42.05 -2.43
CA ILE A 1316 -0.51 -42.24 -3.81
C ILE A 1316 0.67 -43.22 -3.88
N SER A 1317 1.63 -43.06 -2.97
CA SER A 1317 2.76 -44.00 -2.91
C SER A 1317 2.28 -45.40 -2.55
N CYS A 1318 1.28 -45.51 -1.67
CA CYS A 1318 0.71 -46.81 -1.35
C CYS A 1318 0.01 -47.44 -2.55
N ILE A 1319 -0.43 -46.64 -3.51
CA ILE A 1319 -1.13 -47.16 -4.67
C ILE A 1319 -0.15 -47.50 -5.78
N CYS A 1320 0.61 -46.51 -6.24
CA CYS A 1320 1.53 -46.69 -7.35
C CYS A 1320 2.93 -47.03 -6.84
N GLY A 1321 3.89 -47.11 -7.75
CA GLY A 1321 5.26 -47.40 -7.36
C GLY A 1321 6.08 -46.17 -7.05
N GLY A 1322 5.61 -45.00 -7.47
CA GLY A 1322 6.33 -43.76 -7.28
C GLY A 1322 5.92 -43.02 -6.02
N THR A 1323 6.64 -41.92 -5.77
CA THR A 1323 6.39 -41.06 -4.63
C THR A 1323 6.43 -39.61 -5.08
N ILE A 1324 5.74 -38.75 -4.33
CA ILE A 1324 5.60 -37.33 -4.65
C ILE A 1324 6.13 -36.50 -3.49
N ASP A 1325 6.91 -35.47 -3.82
CA ASP A 1325 7.41 -34.53 -2.84
C ASP A 1325 6.65 -33.21 -3.03
N ALA A 1326 5.94 -32.78 -1.99
CA ALA A 1326 5.04 -31.64 -2.10
C ALA A 1326 5.51 -30.48 -1.25
N TYR A 1327 5.36 -29.27 -1.77
CA TYR A 1327 5.60 -28.04 -1.03
C TYR A 1327 4.34 -27.19 -1.10
N THR A 1328 3.83 -26.78 0.06
CA THR A 1328 2.57 -26.08 0.17
C THR A 1328 2.75 -24.76 0.91
N SER A 1329 2.07 -23.71 0.42
CA SER A 1329 1.89 -22.46 1.17
C SER A 1329 0.41 -22.11 1.14
N SER A 1330 -0.35 -22.77 2.02
CA SER A 1330 -1.61 -22.33 2.59
C SER A 1330 -2.74 -22.13 1.59
N ASP A 1331 -2.40 -21.96 0.32
CA ASP A 1331 -3.35 -22.16 -0.76
C ASP A 1331 -2.67 -22.56 -2.06
N ASP A 1332 -1.34 -22.66 -2.07
CA ASP A 1332 -0.58 -22.94 -3.27
C ASP A 1332 0.23 -24.20 -3.04
N GLN A 1333 0.49 -24.96 -4.11
CA GLN A 1333 1.28 -26.17 -3.93
C GLN A 1333 2.02 -26.51 -5.21
N ILE A 1334 3.21 -27.05 -5.05
CA ILE A 1334 3.95 -27.68 -6.13
C ILE A 1334 4.23 -29.11 -5.72
N SER A 1335 3.83 -30.07 -6.57
CA SER A 1335 4.09 -31.48 -6.34
C SER A 1335 5.09 -31.96 -7.38
N LEU A 1336 6.18 -32.57 -6.91
CA LEU A 1336 7.24 -33.05 -7.78
C LEU A 1336 7.19 -34.57 -7.79
N PHE A 1337 7.06 -35.14 -8.99
CA PHE A 1337 6.92 -36.57 -9.17
C PHE A 1337 8.28 -37.18 -9.44
N ASP A 1338 8.57 -38.30 -8.77
CA ASP A 1338 9.84 -38.97 -9.01
C ASP A 1338 9.83 -39.65 -10.38
N GLN A 1339 10.89 -40.38 -10.68
CA GLN A 1339 11.05 -40.95 -12.01
C GLN A 1339 9.96 -41.97 -12.32
N VAL A 1340 9.54 -42.75 -11.32
CA VAL A 1340 8.58 -43.83 -11.55
C VAL A 1340 7.26 -43.28 -12.09
N LEU A 1341 6.77 -42.19 -11.50
CA LEU A 1341 5.51 -41.62 -11.95
C LEU A 1341 5.63 -41.02 -13.35
N THR A 1342 6.78 -40.40 -13.65
CA THR A 1342 6.99 -39.89 -14.99
C THR A 1342 6.95 -41.01 -16.02
N GLU A 1343 7.69 -42.10 -15.75
CA GLU A 1343 7.68 -43.24 -16.66
C GLU A 1343 6.28 -43.81 -16.80
N LEU A 1344 5.53 -43.87 -15.70
CA LEU A 1344 4.14 -44.31 -15.79
C LEU A 1344 3.34 -43.38 -16.69
N MET A 1345 3.67 -42.09 -16.68
CA MET A 1345 3.03 -41.17 -17.62
C MET A 1345 3.32 -41.55 -19.07
N GLN A 1346 4.58 -41.77 -19.42
CA GLN A 1346 4.86 -42.06 -20.84
C GLN A 1346 4.29 -43.42 -21.24
N ARG A 1347 4.55 -44.47 -20.46
CA ARG A 1347 4.26 -45.83 -20.90
C ARG A 1347 2.90 -46.33 -20.42
N ASP A 1348 2.12 -45.51 -19.73
CA ASP A 1348 0.80 -45.94 -19.26
C ASP A 1348 -0.08 -44.73 -18.99
N PRO A 1349 -0.55 -44.05 -20.03
CA PRO A 1349 -1.34 -42.83 -19.81
C PRO A 1349 -2.61 -43.05 -19.02
N GLU A 1350 -3.27 -44.20 -19.18
CA GLU A 1350 -4.53 -44.44 -18.49
C GLU A 1350 -4.33 -44.57 -16.99
N GLU A 1351 -3.31 -45.33 -16.57
CA GLU A 1351 -3.04 -45.47 -15.15
C GLU A 1351 -2.65 -44.14 -14.51
N PHE A 1352 -1.83 -43.35 -15.20
CA PHE A 1352 -1.44 -42.05 -14.67
C PHE A 1352 -2.63 -41.11 -14.57
N LYS A 1353 -3.50 -41.12 -15.59
CA LYS A 1353 -4.69 -40.27 -15.54
C LYS A 1353 -5.61 -40.68 -14.40
N THR A 1354 -5.77 -42.00 -14.20
CA THR A 1354 -6.58 -42.46 -13.07
C THR A 1354 -5.96 -42.05 -11.75
N LEU A 1355 -4.63 -42.06 -11.66
CA LEU A 1355 -3.95 -41.60 -10.45
C LEU A 1355 -4.21 -40.12 -10.20
N ILE A 1356 -4.17 -39.31 -11.26
CA ILE A 1356 -4.43 -37.88 -11.11
C ILE A 1356 -5.87 -37.64 -10.67
N GLU A 1357 -6.82 -38.37 -11.27
CA GLU A 1357 -8.22 -38.24 -10.85
C GLU A 1357 -8.41 -38.69 -9.41
N PHE A 1358 -7.69 -39.73 -8.98
CA PHE A 1358 -7.79 -40.19 -7.60
C PHE A 1358 -7.20 -39.17 -6.65
N HIS A 1359 -6.12 -38.50 -7.05
CA HIS A 1359 -5.57 -37.41 -6.25
C HIS A 1359 -6.59 -36.28 -6.10
N TYR A 1360 -7.26 -35.94 -7.20
CA TYR A 1360 -8.30 -34.91 -7.16
C TYR A 1360 -9.44 -35.33 -6.21
N TYR A 1361 -9.88 -36.58 -6.31
CA TYR A 1361 -10.95 -37.07 -5.47
C TYR A 1361 -10.55 -37.10 -4.00
N MET A 1362 -9.33 -37.53 -3.70
CA MET A 1362 -8.86 -37.55 -2.32
C MET A 1362 -8.76 -36.14 -1.75
N SER A 1363 -8.27 -35.20 -2.55
CA SER A 1363 -8.24 -33.81 -2.11
C SER A 1363 -9.65 -33.30 -1.84
N ASP A 1364 -10.60 -33.63 -2.71
CA ASP A 1364 -11.99 -33.23 -2.50
C ASP A 1364 -12.54 -33.80 -1.20
N GLN A 1365 -12.23 -35.07 -0.91
CA GLN A 1365 -12.72 -35.69 0.31
C GLN A 1365 -12.17 -35.03 1.56
N LEU A 1366 -11.12 -34.23 1.44
CA LEU A 1366 -10.52 -33.53 2.57
C LEU A 1366 -10.68 -32.02 2.47
N ASN A 1367 -11.73 -31.56 1.80
CA ASN A 1367 -12.07 -30.14 1.70
C ASN A 1367 -10.99 -29.33 1.00
N LYS A 1368 -10.25 -29.96 0.09
CA LYS A 1368 -9.25 -29.27 -0.73
C LYS A 1368 -9.64 -29.41 -2.19
N PHE A 1369 -9.97 -28.30 -2.83
CA PHE A 1369 -10.53 -28.30 -4.17
C PHE A 1369 -9.48 -27.78 -5.15
N VAL A 1370 -8.96 -28.68 -5.98
CA VAL A 1370 -7.91 -28.31 -6.93
C VAL A 1370 -8.47 -27.31 -7.93
N SER A 1371 -7.76 -26.21 -8.12
CA SER A 1371 -8.22 -25.17 -9.04
C SER A 1371 -8.19 -25.68 -10.47
N PRO A 1372 -9.12 -25.20 -11.31
CA PRO A 1372 -9.06 -25.53 -12.74
C PRO A 1372 -7.81 -25.01 -13.42
N LYS A 1373 -7.04 -24.14 -12.77
CA LYS A 1373 -5.82 -23.58 -13.32
C LYS A 1373 -4.59 -24.41 -13.03
N SER A 1374 -4.73 -25.52 -12.29
CA SER A 1374 -3.61 -26.39 -11.99
C SER A 1374 -3.19 -27.17 -13.24
N VAL A 1375 -1.89 -27.43 -13.35
CA VAL A 1375 -1.35 -28.07 -14.54
C VAL A 1375 -0.36 -29.17 -14.18
N ILE A 1376 -0.38 -30.24 -14.96
CA ILE A 1376 0.59 -31.33 -14.90
C ILE A 1376 1.49 -31.20 -16.12
N GLY A 1377 2.80 -31.16 -15.90
CA GLY A 1377 3.71 -31.07 -17.03
C GLY A 1377 5.15 -31.12 -16.59
N ARG A 1378 6.02 -31.42 -17.56
CA ARG A 1378 7.45 -31.52 -17.33
C ARG A 1378 8.22 -30.29 -17.78
N PHE A 1379 7.56 -29.35 -18.47
CA PHE A 1379 8.29 -28.22 -19.06
C PHE A 1379 8.58 -27.14 -18.02
N VAL A 1380 7.57 -26.75 -17.24
CA VAL A 1380 7.69 -25.62 -16.33
C VAL A 1380 7.14 -26.02 -14.96
N ALA A 1381 7.78 -25.54 -13.91
CA ALA A 1381 7.30 -25.70 -12.54
C ALA A 1381 7.05 -24.33 -11.95
N GLU A 1382 5.86 -24.14 -11.39
CA GLU A 1382 5.48 -22.86 -10.80
C GLU A 1382 5.05 -23.05 -9.36
N PHE A 1383 5.48 -22.12 -8.50
CA PHE A 1383 5.11 -22.15 -7.09
C PHE A 1383 5.30 -20.75 -6.52
N LYS A 1384 4.24 -20.18 -5.95
CA LYS A 1384 4.28 -18.84 -5.37
C LYS A 1384 4.73 -17.80 -6.39
N SER A 1385 4.18 -17.89 -7.60
CA SER A 1385 4.42 -16.93 -8.68
C SER A 1385 5.88 -16.92 -9.12
N ARG A 1386 6.56 -18.06 -9.02
CA ARG A 1386 7.92 -18.21 -9.53
C ARG A 1386 7.95 -19.39 -10.50
N PHE A 1387 8.47 -19.14 -11.69
CA PHE A 1387 8.45 -20.12 -12.78
C PHE A 1387 9.86 -20.60 -13.07
N TYR A 1388 10.03 -21.90 -13.23
CA TYR A 1388 11.32 -22.49 -13.52
C TYR A 1388 11.21 -23.44 -14.70
N VAL A 1389 12.08 -23.26 -15.69
CA VAL A 1389 12.20 -24.12 -16.85
C VAL A 1389 13.65 -24.53 -16.98
N TRP A 1390 13.90 -25.53 -17.82
CA TRP A 1390 15.25 -26.06 -17.99
C TRP A 1390 16.06 -25.18 -18.92
N GLY A 1391 17.26 -24.82 -18.49
CA GLY A 1391 18.17 -24.05 -19.31
C GLY A 1391 18.02 -22.56 -19.18
N ASP A 1392 16.83 -22.05 -19.51
CA ASP A 1392 16.56 -20.62 -19.50
C ASP A 1392 16.00 -20.19 -18.14
N GLU A 1393 16.00 -18.89 -17.91
CA GLU A 1393 15.37 -18.29 -16.75
C GLU A 1393 14.07 -17.62 -17.16
N VAL A 1394 13.18 -17.44 -16.19
CA VAL A 1394 11.87 -16.85 -16.46
C VAL A 1394 11.68 -15.60 -15.60
N PRO A 1395 12.23 -14.47 -16.01
CA PRO A 1395 11.98 -13.23 -15.25
C PRO A 1395 10.65 -12.60 -15.62
N LEU A 1396 9.90 -12.20 -14.59
CA LEU A 1396 8.65 -11.48 -14.78
C LEU A 1396 8.96 -10.00 -14.96
N LEU A 1397 9.54 -9.70 -16.12
CA LEU A 1397 10.07 -8.35 -16.38
C LEU A 1397 8.97 -7.31 -16.34
N THR A 1398 7.84 -7.58 -16.99
CA THR A 1398 6.75 -6.62 -17.00
C THR A 1398 6.19 -6.39 -15.60
N LYS A 1399 6.13 -7.45 -14.78
CA LYS A 1399 5.65 -7.31 -13.42
C LYS A 1399 6.53 -6.37 -12.62
N PHE A 1400 7.85 -6.54 -12.70
CA PHE A 1400 8.77 -5.69 -11.95
C PHE A 1400 8.77 -4.26 -12.47
N VAL A 1401 8.71 -4.12 -13.79
CA VAL A 1401 8.70 -2.77 -14.44
C VAL A 1401 7.45 -2.02 -13.96
N ALA A 1402 6.29 -2.67 -13.97
CA ALA A 1402 5.02 -2.05 -13.54
C ALA A 1402 5.07 -1.74 -12.05
N ALA A 1403 5.74 -2.59 -11.26
CA ALA A 1403 5.86 -2.40 -9.79
C ALA A 1403 6.67 -1.13 -9.49
N ALA A 1404 7.67 -0.83 -10.32
CA ALA A 1404 8.54 0.36 -10.13
C ALA A 1404 7.83 1.60 -10.69
N LEU A 1405 6.85 1.40 -11.58
CA LEU A 1405 6.12 2.54 -12.21
C LEU A 1405 4.91 2.91 -11.34
N HIS A 1406 4.49 2.00 -10.46
CA HIS A 1406 3.31 2.23 -9.57
C HIS A 1406 3.80 2.46 -8.13
N ASN A 1407 5.10 2.68 -7.95
CA ASN A 1407 5.66 2.90 -6.58
C ASN A 1407 6.06 4.36 -6.40
N ILE A 1408 5.10 5.22 -6.07
CA ILE A 1408 5.34 6.67 -5.84
C ILE A 1408 4.42 7.12 -4.69
N LYS A 1409 5.00 7.61 -3.60
CA LYS A 1409 4.18 8.05 -2.42
C LYS A 1409 4.47 9.52 -2.09
N CYS A 1410 3.74 10.06 -1.12
CA CYS A 1410 3.87 11.45 -0.68
C CYS A 1410 4.82 11.57 0.51
N LYS A 1411 5.85 10.73 0.53
CA LYS A 1411 6.83 10.76 1.61
C LYS A 1411 7.96 11.74 1.26
N GLU A 1412 8.92 11.85 2.17
CA GLU A 1412 10.09 12.68 1.89
C GLU A 1412 10.85 12.08 0.70
N PRO A 1413 11.35 12.92 -0.22
CA PRO A 1413 11.89 12.38 -1.48
C PRO A 1413 13.00 11.36 -1.31
N HIS A 1414 13.82 11.46 -0.26
CA HIS A 1414 14.87 10.47 -0.07
C HIS A 1414 14.30 9.11 0.30
N GLN A 1415 13.19 9.08 1.04
CA GLN A 1415 12.53 7.82 1.32
C GLN A 1415 11.96 7.20 0.04
N LEU A 1416 11.39 8.02 -0.84
CA LEU A 1416 10.93 7.51 -2.13
C LEU A 1416 12.09 6.96 -2.95
N ALA A 1417 13.22 7.66 -2.92
CA ALA A 1417 14.40 7.19 -3.64
C ALA A 1417 14.88 5.85 -3.07
N GLU A 1418 14.87 5.71 -1.75
CA GLU A 1418 15.28 4.45 -1.14
C GLU A 1418 14.33 3.32 -1.52
N THR A 1419 13.02 3.58 -1.52
CA THR A 1419 12.06 2.55 -1.92
C THR A 1419 12.26 2.14 -3.37
N ILE A 1420 12.46 3.12 -4.26
CA ILE A 1420 12.68 2.81 -5.67
C ILE A 1420 13.98 2.03 -5.84
N ASP A 1421 15.02 2.40 -5.08
CA ASP A 1421 16.29 1.69 -5.14
C ASP A 1421 16.14 0.24 -4.70
N THR A 1422 15.37 0.01 -3.64
CA THR A 1422 15.13 -1.36 -3.18
C THR A 1422 14.37 -2.18 -4.24
N ILE A 1423 13.33 -1.58 -4.82
CA ILE A 1423 12.56 -2.28 -5.85
C ILE A 1423 13.44 -2.61 -7.05
N ILE A 1424 14.26 -1.67 -7.47
CA ILE A 1424 15.12 -1.89 -8.63
C ILE A 1424 16.22 -2.89 -8.31
N ASP A 1425 16.70 -2.92 -7.06
CA ASP A 1425 17.65 -3.96 -6.66
C ASP A 1425 17.02 -5.33 -6.77
N GLN A 1426 15.77 -5.47 -6.32
CA GLN A 1426 15.07 -6.74 -6.47
C GLN A 1426 14.89 -7.10 -7.95
N SER A 1427 14.55 -6.10 -8.77
CA SER A 1427 14.37 -6.34 -10.20
C SER A 1427 15.66 -6.82 -10.85
N VAL A 1428 16.78 -6.17 -10.53
CA VAL A 1428 18.07 -6.58 -11.07
C VAL A 1428 18.42 -7.99 -10.61
N ALA A 1429 18.11 -8.31 -9.35
CA ALA A 1429 18.34 -9.65 -8.84
C ALA A 1429 17.52 -10.68 -9.61
N ASN A 1430 16.29 -10.35 -9.99
CA ASN A 1430 15.42 -11.30 -10.65
C ASN A 1430 15.64 -11.39 -12.16
N GLY A 1431 16.54 -10.59 -12.72
CA GLY A 1431 16.91 -10.72 -14.12
C GLY A 1431 16.60 -9.52 -15.01
N VAL A 1432 16.05 -8.44 -14.48
CA VAL A 1432 15.75 -7.28 -15.32
C VAL A 1432 17.06 -6.61 -15.74
N PRO A 1433 17.24 -6.30 -17.03
CA PRO A 1433 18.51 -5.71 -17.47
C PRO A 1433 18.77 -4.34 -16.84
N VAL A 1434 20.06 -4.02 -16.72
CA VAL A 1434 20.45 -2.84 -15.95
C VAL A 1434 20.08 -1.55 -16.66
N HIS A 1435 20.05 -1.53 -17.99
N HIS A 1435 20.06 -1.54 -17.99
CA HIS A 1435 19.71 -0.30 -18.69
CA HIS A 1435 19.70 -0.34 -18.74
C HIS A 1435 18.24 0.07 -18.50
C HIS A 1435 18.25 0.06 -18.48
N LEU A 1436 17.35 -0.93 -18.46
CA LEU A 1436 15.95 -0.65 -18.17
C LEU A 1436 15.78 -0.11 -16.76
N CYS A 1437 16.55 -0.65 -15.80
CA CYS A 1437 16.49 -0.16 -14.43
C CYS A 1437 17.03 1.25 -14.32
N ASN A 1438 18.09 1.57 -15.07
CA ASN A 1438 18.58 2.95 -15.11
C ASN A 1438 17.52 3.88 -15.68
N LEU A 1439 16.81 3.42 -16.71
CA LEU A 1439 15.71 4.21 -17.26
C LEU A 1439 14.60 4.43 -16.23
N ILE A 1440 14.32 3.42 -15.42
CA ILE A 1440 13.31 3.56 -14.37
C ILE A 1440 13.75 4.59 -13.34
N GLN A 1441 15.03 4.55 -12.96
CA GLN A 1441 15.55 5.55 -12.04
C GLN A 1441 15.47 6.95 -12.65
N LYS A 1442 15.77 7.08 -13.94
CA LYS A 1442 15.61 8.37 -14.61
C LYS A 1442 14.16 8.82 -14.57
N ARG A 1443 13.22 7.89 -14.72
CA ARG A 1443 11.80 8.24 -14.63
C ARG A 1443 11.46 8.76 -13.24
N THR A 1444 11.97 8.11 -12.20
CA THR A 1444 11.71 8.58 -10.84
C THR A 1444 12.29 9.97 -10.62
N LEU A 1445 13.51 10.22 -11.11
CA LEU A 1445 14.07 11.57 -10.98
C LEU A 1445 13.30 12.58 -11.80
N SER A 1446 12.73 12.16 -12.95
CA SER A 1446 11.88 13.05 -13.72
C SER A 1446 10.62 13.43 -12.93
N LEU A 1447 10.03 12.45 -12.26
CA LEU A 1447 8.88 12.73 -11.40
C LEU A 1447 9.25 13.71 -10.31
N LEU A 1448 10.42 13.54 -9.69
CA LEU A 1448 10.87 14.48 -8.68
C LEU A 1448 11.11 15.86 -9.27
N GLN A 1449 11.66 15.93 -10.48
CA GLN A 1449 11.94 17.22 -11.11
C GLN A 1449 10.66 17.95 -11.51
N TYR A 1450 9.58 17.22 -11.80
CA TYR A 1450 8.32 17.90 -12.08
C TYR A 1450 7.83 18.67 -10.86
N ALA A 1451 7.98 18.09 -9.68
CA ALA A 1451 7.68 18.82 -8.45
C ALA A 1451 8.74 19.87 -8.13
N ARG A 1452 9.78 19.97 -8.95
CA ARG A 1452 10.86 20.94 -8.83
C ARG A 1452 11.65 20.77 -7.54
N TYR A 1453 11.71 19.56 -7.01
CA TYR A 1453 12.61 19.25 -5.90
C TYR A 1453 14.03 19.14 -6.43
N PRO A 1454 15.00 19.83 -5.82
CA PRO A 1454 16.39 19.74 -6.31
C PRO A 1454 16.90 18.30 -6.23
N ILE A 1455 17.67 17.92 -7.25
CA ILE A 1455 18.17 16.55 -7.36
C ILE A 1455 19.59 16.56 -6.80
N ASP A 1456 19.70 16.28 -5.51
CA ASP A 1456 21.01 16.15 -4.88
C ASP A 1456 21.63 14.80 -5.20
N PRO A 1457 22.95 14.66 -5.05
CA PRO A 1457 23.62 13.42 -5.48
C PRO A 1457 23.32 12.20 -4.61
N PHE A 1458 22.40 12.33 -3.66
CA PHE A 1458 22.12 11.26 -2.71
C PHE A 1458 20.74 10.66 -2.89
N LEU A 1459 20.14 10.80 -4.08
CA LEU A 1459 18.82 10.24 -4.34
C LEU A 1459 18.88 8.93 -5.12
N LEU A 1460 19.44 8.97 -6.33
CA LEU A 1460 19.44 7.79 -7.20
C LEU A 1460 20.59 7.90 -8.18
N ASN A 1461 21.25 6.77 -8.44
CA ASN A 1461 22.31 6.67 -9.42
C ASN A 1461 21.74 6.03 -10.68
N CYS A 1462 21.71 6.79 -11.78
CA CYS A 1462 21.12 6.34 -13.03
C CYS A 1462 22.15 5.90 -14.05
N GLU A 1463 23.40 5.71 -13.64
CA GLU A 1463 24.44 5.18 -14.52
C GLU A 1463 25.06 3.92 -13.93
N THR A 1464 24.28 3.15 -13.18
CA THR A 1464 24.79 1.97 -12.51
C THR A 1464 25.02 0.84 -13.52
N ASP A 1465 25.73 -0.18 -13.06
CA ASP A 1465 25.94 -1.40 -13.83
C ASP A 1465 25.64 -2.61 -12.96
N VAL A 1466 25.99 -3.81 -13.43
CA VAL A 1466 25.67 -5.02 -12.68
C VAL A 1466 26.38 -5.02 -11.34
N ARG A 1467 27.66 -4.62 -11.31
CA ARG A 1467 28.44 -4.68 -10.08
C ARG A 1467 27.91 -3.74 -9.02
N ASP A 1468 27.29 -2.62 -9.42
CA ASP A 1468 26.72 -1.69 -8.45
C ASP A 1468 25.58 -2.33 -7.66
N TRP A 1469 24.87 -3.27 -8.26
CA TRP A 1469 23.74 -3.92 -7.60
C TRP A 1469 24.11 -5.27 -6.98
N VAL A 1470 25.05 -6.00 -7.57
CA VAL A 1470 25.42 -7.30 -7.03
C VAL A 1470 26.42 -7.14 -5.88
N ASP A 1471 27.59 -6.57 -6.18
CA ASP A 1471 28.64 -6.47 -5.18
C ASP A 1471 28.33 -5.39 -4.14
N GLY A 1472 27.86 -4.23 -4.58
CA GLY A 1472 27.67 -3.09 -3.71
C GLY A 1472 26.27 -3.00 -3.15
N ASN A 1473 25.98 -1.84 -2.56
CA ASN A 1473 24.68 -1.55 -1.97
C ASN A 1473 24.31 -0.11 -2.31
N ARG A 1474 23.30 0.42 -1.63
CA ARG A 1474 22.86 1.78 -1.92
C ARG A 1474 23.96 2.79 -1.63
N SER A 1475 24.68 2.61 -0.53
CA SER A 1475 25.78 3.50 -0.21
C SER A 1475 26.87 3.43 -1.28
N TYR A 1476 27.16 2.23 -1.77
CA TYR A 1476 28.14 2.10 -2.85
C TYR A 1476 27.67 2.80 -4.12
N ARG A 1477 26.37 2.71 -4.42
CA ARG A 1477 25.84 3.40 -5.59
C ARG A 1477 25.95 4.91 -5.45
N ILE A 1478 25.70 5.43 -4.24
CA ILE A 1478 25.88 6.86 -4.00
C ILE A 1478 27.35 7.25 -4.13
N MET A 1479 28.26 6.41 -3.62
CA MET A 1479 29.69 6.67 -3.80
C MET A 1479 30.04 6.75 -5.27
N ARG A 1480 29.52 5.82 -6.07
CA ARG A 1480 29.80 5.83 -7.51
C ARG A 1480 29.24 7.08 -8.16
N GLN A 1481 28.04 7.51 -7.77
CA GLN A 1481 27.49 8.74 -8.30
C GLN A 1481 28.36 9.95 -7.98
N ILE A 1482 28.82 10.04 -6.72
CA ILE A 1482 29.67 11.16 -6.32
C ILE A 1482 31.00 11.13 -7.08
N GLU A 1483 31.58 9.94 -7.22
CA GLU A 1483 32.83 9.82 -7.98
C GLU A 1483 32.62 10.23 -9.43
N ARG A 1484 31.47 9.90 -10.00
CA ARG A 1484 31.16 10.31 -11.37
C ARG A 1484 31.02 11.83 -11.45
N LEU A 1485 30.43 12.45 -10.43
CA LEU A 1485 30.23 13.90 -10.45
C LEU A 1485 31.55 14.64 -10.39
N ILE A 1486 32.42 14.26 -9.45
CA ILE A 1486 33.67 14.98 -9.23
C ILE A 1486 34.85 13.99 -9.27
N PRO A 1487 35.34 13.56 -10.57
CA PRO A 1487 36.51 12.53 -11.24
C PRO A 1487 37.82 12.36 -10.47
N ASP A 1488 38.59 13.44 -10.29
CA ASP A 1488 39.90 13.37 -9.60
C ASP A 1488 39.83 13.93 -8.18
N ALA A 1489 38.66 14.44 -7.77
CA ALA A 1489 38.51 15.01 -6.41
C ALA A 1489 38.25 13.88 -5.39
N CYS A 1490 37.90 12.70 -5.88
CA CYS A 1490 37.60 11.54 -4.99
C CYS A 1490 38.81 10.60 -4.90
N GLY A 1491 39.81 10.80 -5.76
CA GLY A 1491 40.99 9.96 -5.74
C GLY A 1491 41.89 10.23 -4.55
N ARG A 1492 42.13 11.51 -4.26
CA ARG A 1492 42.93 11.87 -3.09
C ARG A 1492 42.22 11.45 -1.80
N ILE A 1493 40.90 11.67 -1.74
CA ILE A 1493 40.14 11.25 -0.59
C ILE A 1493 40.21 9.74 -0.43
N ARG A 1494 40.19 9.00 -1.54
CA ARG A 1494 40.27 7.54 -1.47
C ARG A 1494 41.66 7.07 -1.03
N SER A 1495 42.71 7.78 -1.44
CA SER A 1495 44.05 7.45 -0.93
C SER A 1495 44.11 7.64 0.58
N MET A 1496 43.63 8.80 1.05
CA MET A 1496 43.55 9.04 2.50
C MET A 1496 42.70 7.97 3.18
N LEU A 1497 41.62 7.53 2.53
CA LEU A 1497 40.73 6.56 3.12
C LEU A 1497 41.37 5.18 3.18
N ARG A 1498 42.16 4.82 2.18
CA ARG A 1498 42.90 3.57 2.23
C ARG A 1498 43.91 3.58 3.37
N LYS A 1499 44.64 4.68 3.52
CA LYS A 1499 45.58 4.79 4.64
C LYS A 1499 44.85 4.69 5.97
N LEU A 1500 43.73 5.40 6.10
CA LEU A 1500 42.95 5.40 7.34
C LEU A 1500 42.40 4.02 7.64
N TYR A 1501 41.87 3.33 6.64
CA TYR A 1501 41.31 2.00 6.85
C TYR A 1501 42.39 1.01 7.25
N ASN A 1502 43.58 1.12 6.65
CA ASN A 1502 44.69 0.26 7.06
C ASN A 1502 45.09 0.54 8.51
N LYS A 1503 45.19 1.82 8.89
CA LYS A 1503 45.57 2.15 10.26
C LYS A 1503 44.55 1.62 11.26
N LEU A 1504 43.26 1.80 10.98
CA LEU A 1504 42.23 1.28 11.89
C LEU A 1504 42.09 -0.24 11.82
N LYS A 1505 42.54 -0.87 10.74
CA LYS A 1505 42.55 -2.32 10.68
C LYS A 1505 43.69 -2.91 11.50
N THR A 1506 44.83 -2.22 11.57
CA THR A 1506 45.93 -2.67 12.41
C THR A 1506 45.59 -2.61 13.90
N GLY A 1507 44.53 -1.90 14.28
CA GLY A 1507 44.09 -1.84 15.66
C GLY A 1507 44.29 -0.48 16.32
N GLN A 1508 44.98 0.45 15.67
CA GLN A 1508 45.27 1.75 16.25
C GLN A 1508 44.34 2.82 15.67
N LEU A 1509 44.43 4.01 16.27
CA LEU A 1509 43.77 5.22 15.80
C LEU A 1509 42.24 5.16 15.88
N HIS A 1510 41.70 4.05 16.40
CA HIS A 1510 40.25 3.89 16.43
C HIS A 1510 39.58 4.88 17.37
N GLU A 1511 40.17 5.13 18.54
CA GLU A 1511 39.53 5.94 19.57
C GLU A 1511 39.81 7.43 19.43
N GLU A 1512 40.92 7.80 18.77
CA GLU A 1512 41.30 9.19 18.64
C GLU A 1512 40.89 9.80 17.30
N PHE A 1513 40.02 9.13 16.56
CA PHE A 1513 39.46 9.65 15.33
C PHE A 1513 37.94 9.82 15.38
N THR A 1514 37.24 8.86 15.99
CA THR A 1514 35.78 8.92 16.04
C THR A 1514 35.26 10.05 16.91
N THR A 1515 36.07 10.55 17.85
CA THR A 1515 35.65 11.64 18.73
C THR A 1515 36.46 12.91 18.54
N ASN A 1516 37.56 12.86 17.79
CA ASN A 1516 38.37 14.04 17.50
C ASN A 1516 38.11 14.62 16.12
N TYR A 1517 37.60 13.82 15.19
CA TYR A 1517 37.33 14.26 13.83
C TYR A 1517 35.85 14.29 13.49
N LEU A 1518 35.08 13.30 13.95
CA LEU A 1518 33.65 13.28 13.72
C LEU A 1518 32.89 14.20 14.68
N SER A 1519 33.55 14.75 15.69
CA SER A 1519 32.91 15.70 16.59
C SER A 1519 33.24 17.15 16.27
N SER A 1520 34.32 17.40 15.52
CA SER A 1520 34.70 18.76 15.17
C SER A 1520 33.88 19.24 13.97
N GLU A 1521 34.25 20.42 13.48
CA GLU A 1521 33.60 21.01 12.31
C GLU A 1521 34.10 20.36 11.03
N HIS A 1522 33.30 20.51 9.97
CA HIS A 1522 33.65 19.93 8.68
C HIS A 1522 34.60 20.83 7.92
N LEU A 1523 35.16 20.30 6.83
CA LEU A 1523 35.96 21.04 5.86
C LEU A 1523 37.29 21.49 6.45
N SER A 1524 37.47 21.27 7.74
CA SER A 1524 38.76 21.48 8.41
C SER A 1524 39.35 20.19 8.95
N SER A 1525 38.52 19.17 9.20
CA SER A 1525 39.04 17.88 9.63
C SER A 1525 39.62 17.07 8.48
N LEU A 1526 39.22 17.37 7.24
CA LEU A 1526 39.76 16.63 6.10
C LEU A 1526 41.24 16.88 5.92
N SER A 1527 41.66 18.15 5.97
CA SER A 1527 43.08 18.47 5.86
C SER A 1527 43.88 17.89 7.00
N ASN A 1528 43.33 17.94 8.22
CA ASN A 1528 44.01 17.35 9.37
C ASN A 1528 44.18 15.84 9.21
N LEU A 1529 43.13 15.17 8.73
CA LEU A 1529 43.23 13.73 8.48
C LEU A 1529 44.27 13.43 7.41
N CYS A 1530 44.31 14.24 6.36
CA CYS A 1530 45.26 14.02 5.28
C CYS A 1530 46.70 14.23 5.74
N GLU A 1531 46.94 15.26 6.55
CA GLU A 1531 48.30 15.49 7.04
C GLU A 1531 48.69 14.49 8.12
N LEU A 1532 47.71 13.94 8.85
CA LEU A 1532 48.01 12.89 9.81
C LEU A 1532 48.53 11.64 9.12
N LEU A 1533 47.98 11.31 7.96
CA LEU A 1533 48.32 10.09 7.24
C LEU A 1533 49.41 10.30 6.20
N GLY A 1534 49.95 11.51 6.08
CA GLY A 1534 50.99 11.77 5.11
C GLY A 1534 50.57 11.62 3.67
N VAL A 1535 49.41 12.18 3.31
CA VAL A 1535 48.91 12.13 1.94
C VAL A 1535 48.61 13.54 1.47
N GLU A 1536 48.53 13.71 0.16
CA GLU A 1536 48.35 15.03 -0.42
C GLU A 1536 46.94 15.54 -0.12
N PRO A 1537 46.79 16.66 0.58
CA PRO A 1537 45.46 17.11 1.00
C PRO A 1537 44.64 17.59 -0.18
N PRO A 1538 43.32 17.64 -0.06
CA PRO A 1538 42.49 18.16 -1.15
C PRO A 1538 42.76 19.63 -1.41
N SER A 1539 42.65 20.02 -2.68
CA SER A 1539 42.91 21.39 -3.07
C SER A 1539 41.76 22.30 -2.61
N GLU A 1540 42.00 23.61 -2.70
CA GLU A 1540 40.97 24.58 -2.34
C GLU A 1540 39.75 24.44 -3.24
N SER A 1541 39.97 24.08 -4.50
CA SER A 1541 38.84 23.85 -5.41
C SER A 1541 38.00 22.67 -4.97
N ASP A 1542 38.63 21.61 -4.46
CA ASP A 1542 37.90 20.43 -4.06
C ASP A 1542 37.03 20.68 -2.84
N LEU A 1543 37.49 21.51 -1.91
CA LEU A 1543 36.76 21.75 -0.67
C LEU A 1543 35.52 22.61 -0.86
N GLU A 1544 35.35 23.24 -2.02
CA GLU A 1544 34.21 24.11 -2.27
C GLU A 1544 32.98 23.35 -2.78
N PHE A 1545 33.13 22.09 -3.17
CA PHE A 1545 31.99 21.33 -3.67
C PHE A 1545 31.00 21.09 -2.55
N SER A 1546 29.72 21.37 -2.81
CA SER A 1546 28.68 21.28 -1.81
C SER A 1546 27.37 20.84 -2.45
N TRP A 1547 26.46 20.37 -1.61
CA TRP A 1547 25.10 20.05 -2.03
C TRP A 1547 24.11 20.69 -1.07
N LEU A 1548 22.94 21.00 -1.59
CA LEU A 1548 21.92 21.73 -0.85
C LEU A 1548 21.07 20.75 -0.06
N ASN A 1549 21.07 20.88 1.26
CA ASN A 1549 20.31 20.02 2.16
C ASN A 1549 19.14 20.84 2.71
N LEU A 1550 17.96 20.64 2.16
CA LEU A 1550 16.78 21.36 2.62
C LEU A 1550 16.30 20.88 3.99
N ALA A 1551 16.81 19.76 4.48
CA ALA A 1551 16.51 19.26 5.82
C ALA A 1551 17.68 19.50 6.78
N ALA A 1552 18.41 20.60 6.59
CA ALA A 1552 19.58 20.86 7.43
C ALA A 1552 19.17 21.13 8.88
N HIS A 1553 18.14 21.95 9.09
CA HIS A 1553 17.70 22.32 10.42
C HIS A 1553 16.59 21.43 10.94
N HIS A 1554 15.57 21.17 10.12
CA HIS A 1554 14.48 20.28 10.49
C HIS A 1554 14.05 19.51 9.25
N PRO A 1555 13.46 18.32 9.42
CA PRO A 1555 12.96 17.58 8.27
C PRO A 1555 11.82 18.32 7.60
N LEU A 1556 11.65 18.05 6.30
CA LEU A 1556 10.61 18.70 5.52
C LEU A 1556 9.23 18.42 6.11
N ARG A 1557 8.38 19.44 6.10
CA ARG A 1557 7.01 19.32 6.59
C ARG A 1557 6.17 18.69 5.48
N MET A 1558 6.00 17.36 5.57
CA MET A 1558 5.32 16.58 4.55
C MET A 1558 3.86 16.30 4.89
N VAL A 1559 3.26 17.07 5.79
CA VAL A 1559 1.89 16.85 6.19
C VAL A 1559 0.99 17.99 5.72
N PRO A 1578 20.09 13.64 16.23
CA PRO A 1578 20.51 12.72 15.18
C PRO A 1578 19.39 11.83 14.68
N THR A 1579 19.45 11.44 13.40
CA THR A 1579 18.41 10.62 12.82
C THR A 1579 18.35 9.25 13.46
N ILE A 1580 19.49 8.64 13.75
CA ILE A 1580 19.50 7.32 14.38
C ILE A 1580 18.93 7.40 15.79
N VAL A 1581 19.23 8.48 16.51
CA VAL A 1581 18.64 8.66 17.84
C VAL A 1581 17.13 8.84 17.73
N LYS A 1582 16.67 9.55 16.69
CA LYS A 1582 15.23 9.68 16.47
C LYS A 1582 14.59 8.33 16.20
N THR A 1583 15.24 7.49 15.38
CA THR A 1583 14.70 6.16 15.11
C THR A 1583 14.67 5.30 16.36
N ILE A 1584 15.72 5.36 17.18
CA ILE A 1584 15.75 4.60 18.42
C ILE A 1584 14.64 5.05 19.34
N GLN A 1585 14.44 6.36 19.48
CA GLN A 1585 13.36 6.87 20.32
C GLN A 1585 11.99 6.44 19.80
N ASN A 1586 11.78 6.53 18.48
CA ASN A 1586 10.50 6.19 17.90
C ASN A 1586 10.20 4.70 18.02
N LYS A 1587 11.21 3.84 17.96
CA LYS A 1587 10.99 2.41 18.13
C LYS A 1587 10.81 2.03 19.60
N LEU A 1588 11.56 2.67 20.50
CA LEU A 1588 11.41 2.35 21.92
C LEU A 1588 10.05 2.80 22.44
N SER A 1589 9.64 4.02 22.12
CA SER A 1589 8.34 4.53 22.55
C SER A 1589 7.25 4.16 21.56
N SER A 1590 7.10 2.88 21.28
CA SER A 1590 6.07 2.43 20.35
C SER A 1590 5.31 1.18 20.76
N THR A 1591 5.78 0.36 21.71
CA THR A 1591 5.15 -0.95 21.88
C THR A 1591 3.89 -0.87 22.75
N PHE A 1592 4.04 -0.68 24.05
CA PHE A 1592 2.89 -0.33 24.87
C PHE A 1592 3.20 0.74 25.92
N THR A 1593 4.39 0.66 26.52
CA THR A 1593 4.68 1.47 27.71
C THR A 1593 4.69 2.96 27.38
N ARG A 1594 5.40 3.34 26.34
CA ARG A 1594 5.46 4.72 25.88
C ARG A 1594 5.04 4.78 24.43
N GLY A 1595 4.37 5.87 24.06
CA GLY A 1595 4.03 6.12 22.68
C GLY A 1595 3.00 5.17 22.08
N ALA A 1596 2.41 4.28 22.88
CA ALA A 1596 1.37 3.40 22.35
C ALA A 1596 0.16 4.21 21.91
N GLN A 1597 -0.25 5.18 22.73
CA GLN A 1597 -1.35 6.05 22.36
C GLN A 1597 -1.01 6.89 21.14
N LYS A 1598 0.25 7.32 21.00
CA LYS A 1598 0.66 8.07 19.82
C LYS A 1598 0.52 7.22 18.56
N LEU A 1599 1.01 5.98 18.60
CA LEU A 1599 0.90 5.11 17.44
C LEU A 1599 -0.56 4.81 17.11
N LEU A 1600 -1.37 4.53 18.14
CA LEU A 1600 -2.78 4.23 17.90
C LEU A 1600 -3.51 5.42 17.32
N SER A 1601 -3.20 6.63 17.79
CA SER A 1601 -3.86 7.83 17.28
C SER A 1601 -3.44 8.11 15.84
N GLU A 1602 -2.13 8.05 15.56
CA GLU A 1602 -1.66 8.27 14.20
C GLU A 1602 -2.08 7.17 13.24
N ALA A 1603 -2.43 5.99 13.75
CA ALA A 1603 -2.93 4.92 12.89
C ALA A 1603 -4.43 5.03 12.65
N ILE A 1604 -5.19 5.46 13.65
CA ILE A 1604 -6.63 5.64 13.44
C ILE A 1604 -6.92 6.90 12.65
N ASN A 1605 -6.04 7.90 12.70
CA ASN A 1605 -6.21 9.07 11.84
C ASN A 1605 -6.04 8.69 10.38
N LYS A 1606 -5.07 7.83 10.08
CA LYS A 1606 -4.79 7.39 8.72
C LYS A 1606 -5.67 6.21 8.30
N SER A 1607 -6.40 5.58 9.24
CA SER A 1607 -7.22 4.44 8.90
C SER A 1607 -8.38 4.84 7.99
N ALA A 1608 -9.11 5.88 8.36
CA ALA A 1608 -10.17 6.41 7.50
C ALA A 1608 -9.64 7.53 6.60
N PHE A 1609 -8.51 7.25 5.95
CA PHE A 1609 -7.92 8.18 4.98
C PHE A 1609 -7.01 7.36 4.07
N GLN A 1610 -7.49 7.04 2.88
CA GLN A 1610 -6.70 6.31 1.90
C GLN A 1610 -6.86 6.96 0.54
N SER A 1611 -5.81 6.84 -0.28
CA SER A 1611 -5.75 7.52 -1.56
C SER A 1611 -5.09 6.59 -2.58
N SER A 1612 -4.97 7.09 -3.81
CA SER A 1612 -4.36 6.33 -4.89
C SER A 1612 -2.89 6.72 -5.03
N ILE A 1613 -2.21 6.12 -6.00
CA ILE A 1613 -0.83 6.51 -6.30
C ILE A 1613 -0.80 7.89 -6.95
N ALA A 1614 -1.75 8.17 -7.84
CA ALA A 1614 -1.82 9.49 -8.46
C ALA A 1614 -2.15 10.57 -7.43
N SER A 1615 -3.02 10.24 -6.46
CA SER A 1615 -3.29 11.18 -5.38
C SER A 1615 -2.03 11.42 -4.55
N GLY A 1616 -1.24 10.38 -4.32
CA GLY A 1616 0.03 10.56 -3.63
C GLY A 1616 0.99 11.46 -4.41
N PHE A 1617 1.03 11.28 -5.73
CA PHE A 1617 1.92 12.11 -6.54
C PHE A 1617 1.48 13.57 -6.54
N VAL A 1618 0.17 13.82 -6.67
CA VAL A 1618 -0.29 15.21 -6.66
C VAL A 1618 -0.10 15.82 -5.27
N GLY A 1619 -0.26 15.02 -4.21
CA GLY A 1619 0.04 15.52 -2.88
C GLY A 1619 1.52 15.86 -2.71
N LEU A 1620 2.39 15.03 -3.28
CA LEU A 1620 3.82 15.31 -3.22
C LEU A 1620 4.15 16.60 -3.94
N CYS A 1621 3.58 16.79 -5.13
CA CYS A 1621 3.80 18.04 -5.87
C CYS A 1621 3.28 19.24 -5.10
N ARG A 1622 2.09 19.11 -4.50
CA ARG A 1622 1.52 20.20 -3.73
C ARG A 1622 2.37 20.54 -2.52
N THR A 1623 2.87 19.52 -1.82
CA THR A 1623 3.71 19.76 -0.65
C THR A 1623 5.04 20.41 -1.05
N LEU A 1624 5.68 19.89 -2.11
CA LEU A 1624 6.94 20.48 -2.55
C LEU A 1624 6.76 21.88 -3.13
N GLY A 1625 5.55 22.24 -3.55
CA GLY A 1625 5.27 23.62 -3.89
C GLY A 1625 4.85 24.49 -2.74
N SER A 1626 4.58 23.88 -1.57
CA SER A 1626 4.11 24.60 -0.40
C SER A 1626 5.28 24.98 0.51
N LYS A 1627 4.97 25.44 1.72
CA LYS A 1627 5.99 25.79 2.71
C LYS A 1627 6.39 24.52 3.47
N CYS A 1628 7.27 23.74 2.85
CA CYS A 1628 7.72 22.49 3.44
C CYS A 1628 9.09 22.58 4.09
N VAL A 1629 9.91 23.57 3.72
CA VAL A 1629 11.25 23.71 4.26
C VAL A 1629 11.17 24.48 5.56
N ARG A 1630 11.68 23.89 6.64
CA ARG A 1630 11.69 24.52 7.95
C ARG A 1630 13.05 25.15 8.21
N GLY A 1631 13.05 26.40 8.65
CA GLY A 1631 14.28 27.12 8.89
C GLY A 1631 14.86 26.82 10.24
N PRO A 1632 15.99 27.47 10.53
CA PRO A 1632 16.67 27.23 11.82
C PRO A 1632 15.83 27.63 13.02
N ASN A 1633 15.01 28.68 12.90
CA ASN A 1633 14.21 29.19 14.00
C ASN A 1633 12.74 28.81 13.85
N LYS A 1634 12.49 27.58 13.42
CA LYS A 1634 11.15 26.99 13.27
C LYS A 1634 10.32 27.66 12.18
N GLU A 1635 10.88 28.61 11.44
CA GLU A 1635 10.13 29.28 10.39
C GLU A 1635 9.90 28.33 9.22
N SER A 1636 8.88 28.65 8.41
CA SER A 1636 8.51 27.85 7.26
C SER A 1636 8.83 28.62 5.99
N LEU A 1637 9.51 27.97 5.05
CA LEU A 1637 9.91 28.61 3.81
C LEU A 1637 9.56 27.71 2.62
N TYR A 1638 9.41 28.34 1.47
CA TYR A 1638 9.30 27.62 0.22
C TYR A 1638 10.68 27.17 -0.26
N ILE A 1639 10.69 26.17 -1.14
CA ILE A 1639 11.93 25.81 -1.82
C ILE A 1639 12.39 26.95 -2.71
N LYS A 1640 11.45 27.64 -3.34
CA LYS A 1640 11.79 28.79 -4.16
C LYS A 1640 12.40 29.91 -3.33
N SER A 1641 12.02 30.03 -2.06
CA SER A 1641 12.64 31.02 -1.18
C SER A 1641 14.13 30.74 -1.02
N ILE A 1642 14.48 29.48 -0.74
CA ILE A 1642 15.88 29.10 -0.57
C ILE A 1642 16.63 29.28 -1.88
N GLN A 1643 16.02 28.91 -3.00
CA GLN A 1643 16.71 29.03 -4.28
C GLN A 1643 16.93 30.49 -4.66
N SER A 1644 15.96 31.37 -4.34
CA SER A 1644 16.15 32.79 -4.59
C SER A 1644 17.23 33.38 -3.68
N LEU A 1645 17.27 32.94 -2.42
CA LEU A 1645 18.35 33.39 -1.53
C LEU A 1645 19.70 32.95 -2.05
N ILE A 1646 19.80 31.73 -2.58
CA ILE A 1646 21.04 31.27 -3.20
C ILE A 1646 21.39 32.13 -4.41
N SER A 1647 20.39 32.43 -5.24
CA SER A 1647 20.61 33.28 -6.40
C SER A 1647 21.03 34.70 -6.02
N ASP A 1648 20.69 35.14 -4.80
CA ASP A 1648 21.13 36.45 -4.34
C ASP A 1648 22.65 36.52 -4.25
N ILE A 1649 23.28 35.43 -3.85
CA ILE A 1649 24.74 35.37 -3.76
C ILE A 1649 25.31 34.94 -5.09
N GLN A 1650 26.29 35.67 -5.59
CA GLN A 1650 26.90 35.37 -6.88
C GLN A 1650 28.13 34.48 -6.76
N GLY A 1651 28.72 34.37 -5.57
CA GLY A 1651 29.87 33.48 -5.42
C GLY A 1651 29.52 32.02 -5.62
N ILE A 1652 28.39 31.58 -5.05
CA ILE A 1652 27.95 30.20 -5.20
C ILE A 1652 27.50 29.97 -6.64
N GLU A 1653 27.99 28.90 -7.25
CA GLU A 1653 27.60 28.58 -8.61
C GLU A 1653 27.04 27.17 -8.69
N PRO A 1654 25.96 26.96 -9.44
CA PRO A 1654 25.43 25.61 -9.60
C PRO A 1654 26.15 24.84 -10.69
N LEU A 1655 26.09 23.52 -10.59
CA LEU A 1655 26.61 22.61 -11.60
C LEU A 1655 25.67 21.43 -11.69
N ILE A 1656 25.23 21.11 -12.91
CA ILE A 1656 24.23 20.09 -13.14
C ILE A 1656 24.84 18.96 -13.95
N ASP A 1657 24.52 17.73 -13.56
CA ASP A 1657 24.96 16.55 -14.29
C ASP A 1657 24.10 16.39 -15.54
N SER A 1658 24.55 15.48 -16.42
CA SER A 1658 23.77 15.16 -17.62
C SER A 1658 22.41 14.56 -17.26
N HIS A 1659 22.25 14.03 -16.05
CA HIS A 1659 21.00 13.43 -15.60
C HIS A 1659 20.22 14.33 -14.67
N GLY A 1660 20.66 15.57 -14.46
CA GLY A 1660 19.94 16.51 -13.64
C GLY A 1660 20.38 16.62 -12.20
N VAL A 1661 21.48 15.97 -11.82
CA VAL A 1661 21.95 16.03 -10.44
C VAL A 1661 22.69 17.34 -10.22
N GLN A 1662 22.28 18.08 -9.18
CA GLN A 1662 22.79 19.41 -8.91
C GLN A 1662 23.75 19.39 -7.72
N TYR A 1663 24.92 19.97 -7.91
CA TYR A 1663 25.85 20.22 -6.82
C TYR A 1663 26.44 21.61 -7.00
N TRP A 1664 26.76 22.25 -5.88
CA TRP A 1664 27.12 23.65 -5.87
C TRP A 1664 28.59 23.85 -5.51
N ARG A 1665 29.20 24.85 -6.14
CA ARG A 1665 30.54 25.31 -5.79
C ARG A 1665 30.36 26.56 -4.92
N VAL A 1666 30.76 26.45 -3.66
CA VAL A 1666 30.62 27.54 -2.69
C VAL A 1666 32.02 28.01 -2.29
N PRO A 1667 32.49 29.13 -2.82
CA PRO A 1667 33.82 29.63 -2.44
C PRO A 1667 33.96 29.77 -0.94
N LEU A 1668 35.14 29.40 -0.44
CA LEU A 1668 35.39 29.40 1.00
C LEU A 1668 35.46 30.80 1.57
N ASN A 1669 35.69 31.82 0.74
CA ASN A 1669 35.74 33.18 1.24
C ASN A 1669 34.38 33.67 1.74
N ILE A 1670 33.30 33.06 1.28
CA ILE A 1670 31.95 33.41 1.70
C ILE A 1670 31.29 32.15 2.27
N ARG A 1671 31.44 31.95 3.57
CA ARG A 1671 30.74 30.88 4.25
C ARG A 1671 30.33 31.23 5.68
N ASP A 1672 30.61 32.45 6.15
CA ASP A 1672 30.31 32.83 7.53
C ASP A 1672 29.64 34.19 7.67
N GLY A 1673 29.72 35.06 6.67
CA GLY A 1673 29.07 36.36 6.75
C GLY A 1673 27.56 36.26 6.70
N ASN A 1674 27.03 35.81 5.56
CA ASN A 1674 25.59 35.66 5.38
C ASN A 1674 25.22 34.20 5.58
N GLU A 1675 25.18 33.79 6.85
CA GLU A 1675 24.86 32.41 7.23
C GLU A 1675 23.39 32.06 7.05
N GLY A 1676 22.58 32.93 6.46
CA GLY A 1676 21.16 32.64 6.33
C GLY A 1676 20.88 31.43 5.45
N VAL A 1677 21.61 31.30 4.34
CA VAL A 1677 21.39 30.21 3.41
C VAL A 1677 22.57 29.26 3.32
N ILE A 1678 23.77 29.68 3.72
CA ILE A 1678 24.93 28.79 3.67
C ILE A 1678 24.76 27.63 4.65
N SER A 1679 23.94 27.82 5.69
CA SER A 1679 23.70 26.74 6.64
C SER A 1679 22.98 25.56 6.01
N TYR A 1680 22.33 25.76 4.87
CA TYR A 1680 21.66 24.67 4.17
C TYR A 1680 22.62 23.83 3.33
N PHE A 1681 23.83 24.31 3.07
CA PHE A 1681 24.78 23.61 2.24
C PHE A 1681 25.61 22.63 3.08
N ARG A 1682 26.03 21.55 2.43
CA ARG A 1682 26.88 20.54 3.05
C ARG A 1682 28.05 20.24 2.13
N PRO A 1683 29.27 20.21 2.65
CA PRO A 1683 30.42 19.85 1.80
C PRO A 1683 30.27 18.44 1.26
N LEU A 1684 30.68 18.26 0.00
CA LEU A 1684 30.47 16.98 -0.67
C LEU A 1684 31.54 15.96 -0.31
N LEU A 1685 32.80 16.40 -0.14
CA LEU A 1685 33.87 15.47 0.15
C LEU A 1685 33.71 14.84 1.53
N TRP A 1686 33.22 15.60 2.51
CA TRP A 1686 33.01 15.03 3.83
C TRP A 1686 31.97 13.93 3.81
N ASP A 1687 30.85 14.17 3.11
CA ASP A 1687 29.83 13.15 2.97
C ASP A 1687 30.36 11.93 2.22
N TYR A 1688 31.14 12.17 1.16
CA TYR A 1688 31.74 11.07 0.43
C TYR A 1688 32.65 10.25 1.33
N MET A 1689 33.47 10.91 2.16
CA MET A 1689 34.38 10.21 3.05
C MET A 1689 33.62 9.37 4.08
N CYS A 1690 32.58 9.95 4.68
CA CYS A 1690 31.81 9.21 5.67
C CYS A 1690 31.11 8.00 5.05
N ILE A 1691 30.50 8.19 3.87
CA ILE A 1691 29.81 7.09 3.21
C ILE A 1691 30.81 6.03 2.77
N SER A 1692 32.00 6.44 2.35
CA SER A 1692 33.01 5.48 1.93
C SER A 1692 33.54 4.66 3.11
N LEU A 1693 33.74 5.29 4.26
CA LEU A 1693 34.10 4.50 5.45
C LEU A 1693 32.99 3.54 5.84
N SER A 1694 31.75 4.00 5.81
CA SER A 1694 30.65 3.10 6.15
C SER A 1694 30.57 1.92 5.19
N THR A 1695 30.76 2.18 3.89
CA THR A 1695 30.69 1.11 2.90
C THR A 1695 31.88 0.18 3.01
N ALA A 1696 33.06 0.71 3.32
CA ALA A 1696 34.23 -0.14 3.51
C ALA A 1696 34.06 -1.06 4.71
N ILE A 1697 33.49 -0.53 5.80
CA ILE A 1697 33.23 -1.38 6.96
C ILE A 1697 32.17 -2.43 6.64
N GLU A 1698 31.11 -2.03 5.95
CA GLU A 1698 29.99 -2.94 5.72
C GLU A 1698 30.32 -4.01 4.68
N LEU A 1699 31.12 -3.68 3.66
CA LEU A 1699 31.36 -4.58 2.54
C LEU A 1699 32.81 -5.04 2.41
N GLY A 1700 33.78 -4.26 2.86
CA GLY A 1700 35.17 -4.60 2.69
C GLY A 1700 35.97 -3.47 2.05
N ALA A 1701 37.29 -3.64 2.08
CA ALA A 1701 38.19 -2.62 1.59
C ALA A 1701 38.20 -2.49 0.07
N TRP A 1702 37.61 -3.46 -0.65
CA TRP A 1702 37.66 -3.40 -2.10
C TRP A 1702 36.98 -2.16 -2.65
N VAL A 1703 36.03 -1.58 -1.91
CA VAL A 1703 35.37 -0.36 -2.35
C VAL A 1703 36.30 0.85 -2.36
N LEU A 1704 37.46 0.75 -1.72
CA LEU A 1704 38.38 1.88 -1.62
C LEU A 1704 39.44 1.87 -2.72
N GLY A 1705 39.39 0.92 -3.64
CA GLY A 1705 40.35 0.88 -4.73
C GLY A 1705 39.97 1.82 -5.86
N GLU A 1706 40.89 1.93 -6.82
CA GLU A 1706 40.63 2.76 -7.99
C GLU A 1706 39.56 2.10 -8.86
N PRO A 1707 38.58 2.88 -9.35
CA PRO A 1707 37.49 2.32 -10.18
C PRO A 1707 37.85 2.30 -11.66
N LYS A 1708 38.71 1.36 -12.03
CA LYS A 1708 39.10 1.23 -13.44
C LYS A 1708 37.94 0.67 -14.25
N LYS A 1709 37.67 1.29 -15.40
CA LYS A 1709 36.58 0.87 -16.25
C LYS A 1709 36.94 -0.42 -17.00
N VAL A 1710 35.93 -1.04 -17.59
CA VAL A 1710 36.14 -2.29 -18.31
C VAL A 1710 36.89 -2.00 -19.60
N ARG A 1711 37.73 -2.95 -20.01
CA ARG A 1711 38.55 -2.81 -21.21
C ARG A 1711 37.71 -3.15 -22.45
N VAL A 1712 38.39 -3.36 -23.58
CA VAL A 1712 37.71 -3.48 -24.87
C VAL A 1712 36.72 -4.64 -24.84
N LEU A 1713 37.16 -5.81 -24.38
CA LEU A 1713 36.34 -7.02 -24.41
C LEU A 1713 37.10 -7.08 -25.73
N GLU A 1714 36.31 -6.95 -26.81
CA GLU A 1714 36.66 -7.44 -28.14
C GLU A 1714 35.26 -7.72 -28.71
N PHE A 1715 34.77 -8.95 -28.56
CA PHE A 1715 33.47 -9.29 -29.12
C PHE A 1715 32.93 -10.54 -28.46
N PHE A 1716 31.79 -10.41 -27.78
CA PHE A 1716 31.01 -11.53 -27.29
C PHE A 1716 29.60 -11.41 -27.83
N LYS A 1717 28.97 -12.55 -28.11
CA LYS A 1717 27.60 -12.53 -28.63
C LYS A 1717 26.66 -11.96 -27.57
N HIS A 1718 25.69 -11.18 -28.02
CA HIS A 1718 24.82 -10.39 -27.15
C HIS A 1718 23.47 -11.08 -26.93
N ASN A 1719 23.46 -12.40 -26.81
CA ASN A 1719 22.25 -13.19 -26.58
C ASN A 1719 21.48 -12.66 -25.38
N PRO A 1720 20.28 -12.10 -25.59
CA PRO A 1720 19.50 -11.56 -24.46
C PRO A 1720 19.14 -12.60 -23.43
N CYS A 1721 18.91 -13.85 -23.84
CA CYS A 1721 18.58 -14.92 -22.90
C CYS A 1721 19.83 -15.75 -22.57
N ASP A 1722 20.80 -15.07 -21.95
CA ASP A 1722 22.06 -15.69 -21.52
C ASP A 1722 22.32 -15.19 -20.10
N TYR A 1723 21.85 -15.97 -19.12
CA TYR A 1723 21.86 -15.54 -17.73
C TYR A 1723 23.01 -16.18 -16.97
N PHE A 1724 23.52 -15.46 -15.98
CA PHE A 1724 24.60 -15.91 -15.12
C PHE A 1724 24.18 -15.72 -13.67
N PRO A 1725 24.38 -16.71 -12.81
CA PRO A 1725 24.09 -16.53 -11.39
C PRO A 1725 25.25 -15.88 -10.66
N LEU A 1726 24.92 -14.99 -9.73
CA LEU A 1726 25.91 -14.28 -8.94
C LEU A 1726 25.45 -14.24 -7.48
N LYS A 1727 26.43 -14.24 -6.59
CA LYS A 1727 26.20 -14.18 -5.15
C LYS A 1727 27.02 -13.02 -4.59
N PRO A 1728 26.41 -12.13 -3.81
CA PRO A 1728 27.18 -11.07 -3.15
C PRO A 1728 28.09 -11.65 -2.08
N ALA A 1729 29.19 -10.95 -1.83
CA ALA A 1729 30.15 -11.35 -0.81
C ALA A 1729 29.65 -10.89 0.55
N ALA A 1730 29.17 -11.84 1.36
CA ALA A 1730 28.65 -11.52 2.68
C ALA A 1730 29.58 -12.04 3.78
N ILE A 1777 31.30 -5.28 16.52
CA ILE A 1777 31.05 -4.61 17.79
C ILE A 1777 31.95 -3.39 17.92
N LYS A 1778 33.24 -3.58 17.65
CA LYS A 1778 34.16 -2.45 17.64
C LYS A 1778 33.82 -1.46 16.54
N PHE A 1779 33.48 -1.97 15.36
CA PHE A 1779 33.15 -1.11 14.23
C PHE A 1779 31.72 -0.63 14.23
N LEU A 1780 30.83 -1.23 15.03
CA LEU A 1780 29.47 -0.73 15.13
C LEU A 1780 29.44 0.67 15.74
N ASP A 1781 30.28 0.89 16.76
CA ASP A 1781 30.35 2.22 17.37
C ASP A 1781 30.82 3.26 16.35
N LEU A 1782 31.80 2.91 15.53
CA LEU A 1782 32.30 3.87 14.55
C LEU A 1782 31.27 4.09 13.44
N CYS A 1783 30.55 3.05 13.05
CA CYS A 1783 29.50 3.22 12.05
C CYS A 1783 28.39 4.14 12.55
N VAL A 1784 27.95 3.95 13.80
CA VAL A 1784 26.90 4.81 14.31
C VAL A 1784 27.43 6.22 14.58
N ALA A 1785 28.73 6.36 14.87
CA ALA A 1785 29.31 7.69 14.95
C ALA A 1785 29.34 8.38 13.60
N LEU A 1786 29.57 7.61 12.53
CA LEU A 1786 29.46 8.13 11.17
C LEU A 1786 28.03 8.51 10.80
N ASP A 1787 27.04 7.74 11.28
CA ASP A 1787 25.65 8.04 11.00
C ASP A 1787 25.20 9.36 11.62
N VAL A 1788 25.59 9.62 12.87
CA VAL A 1788 25.20 10.86 13.53
C VAL A 1788 25.93 12.08 12.99
N ASN A 1789 26.95 11.88 12.15
CA ASN A 1789 27.71 12.98 11.58
C ASN A 1789 27.44 13.23 10.11
N CYS A 1790 26.95 12.24 9.38
CA CYS A 1790 26.68 12.36 7.95
C CYS A 1790 25.17 12.33 7.75
N GLU A 1791 24.56 13.51 7.74
CA GLU A 1791 23.13 13.64 7.49
C GLU A 1791 22.82 13.63 6.00
N ALA A 1792 23.33 12.61 5.31
CA ALA A 1792 23.11 12.45 3.88
C ALA A 1792 22.41 11.14 3.53
N LEU A 1793 22.74 10.06 4.22
CA LEU A 1793 22.13 8.77 3.93
C LEU A 1793 22.03 7.96 5.22
N SER A 1794 21.00 7.12 5.29
CA SER A 1794 20.80 6.24 6.44
C SER A 1794 21.71 5.02 6.27
N LEU A 1795 22.85 5.04 6.94
CA LEU A 1795 23.87 4.03 6.71
C LEU A 1795 23.62 2.77 7.52
N VAL A 1796 23.47 2.90 8.85
CA VAL A 1796 23.40 1.72 9.71
C VAL A 1796 21.98 1.23 9.97
N SER A 1797 20.97 2.00 9.58
CA SER A 1797 19.58 1.58 9.78
C SER A 1797 19.06 0.69 8.66
N HIS A 1798 19.79 0.57 7.56
CA HIS A 1798 19.33 -0.20 6.41
C HIS A 1798 19.47 -1.70 6.62
N ILE A 1799 20.17 -2.14 7.67
CA ILE A 1799 20.40 -3.56 7.88
C ILE A 1799 19.10 -4.28 8.20
N VAL A 1800 18.26 -3.66 9.03
CA VAL A 1800 17.00 -4.28 9.48
C VAL A 1800 15.86 -3.31 9.14
N LYS A 1801 15.24 -3.51 7.98
CA LYS A 1801 14.05 -2.76 7.59
C LYS A 1801 13.08 -3.67 6.83
N LYS A 1803 14.87 -7.41 4.07
CA LYS A 1803 15.80 -8.52 3.96
C LYS A 1803 16.71 -8.37 2.75
N ARG A 1804 18.01 -8.47 2.96
CA ARG A 1804 18.97 -8.39 1.87
C ARG A 1804 18.77 -9.55 0.90
N GLU A 1805 18.83 -9.25 -0.39
CA GLU A 1805 18.69 -10.27 -1.41
C GLU A 1805 19.88 -11.22 -1.36
N GLU A 1806 19.61 -12.53 -1.41
CA GLU A 1806 20.63 -13.55 -1.27
C GLU A 1806 20.93 -14.29 -2.57
N HIS A 1807 20.42 -13.83 -3.70
CA HIS A 1807 20.63 -14.49 -4.98
C HIS A 1807 20.46 -13.48 -6.09
N TYR A 1808 21.38 -13.49 -7.05
CA TYR A 1808 21.30 -12.59 -8.20
C TYR A 1808 21.37 -13.37 -9.49
N ILE A 1809 20.56 -12.98 -10.46
CA ILE A 1809 20.58 -13.54 -11.80
C ILE A 1809 20.74 -12.37 -12.76
N VAL A 1810 21.86 -12.29 -13.46
CA VAL A 1810 22.16 -11.16 -14.33
C VAL A 1810 22.39 -11.66 -15.74
N LEU A 1811 22.60 -10.72 -16.65
CA LEU A 1811 22.94 -11.05 -18.03
C LEU A 1811 24.46 -11.09 -18.17
N SER A 1812 24.94 -12.08 -18.93
CA SER A 1812 26.38 -12.28 -19.05
C SER A 1812 27.05 -11.07 -19.70
N SER A 1813 26.43 -10.51 -20.74
CA SER A 1813 27.02 -9.35 -21.39
C SER A 1813 27.05 -8.15 -20.45
N GLU A 1814 25.95 -7.90 -19.74
CA GLU A 1814 25.91 -6.77 -18.82
C GLU A 1814 26.90 -6.97 -17.67
N LEU A 1815 27.04 -8.21 -17.19
CA LEU A 1815 28.02 -8.48 -16.15
C LEU A 1815 29.44 -8.25 -16.66
N ARG A 1816 29.75 -8.70 -17.88
CA ARG A 1816 31.09 -8.53 -18.40
C ARG A 1816 31.38 -7.10 -18.86
N LEU A 1817 30.36 -6.24 -18.96
CA LEU A 1817 30.56 -4.83 -19.23
C LEU A 1817 30.60 -3.98 -17.96
N SER A 1818 30.79 -4.61 -16.80
CA SER A 1818 30.82 -3.89 -15.53
C SER A 1818 32.23 -3.39 -15.22
N HIS A 1819 32.31 -2.49 -14.24
CA HIS A 1819 33.59 -1.91 -13.85
C HIS A 1819 34.35 -2.88 -12.96
N THR A 1820 35.62 -2.55 -12.71
CA THR A 1820 36.50 -3.36 -11.87
C THR A 1820 36.92 -2.55 -10.65
N ARG A 1821 36.79 -3.16 -9.47
CA ARG A 1821 37.20 -2.55 -8.21
C ARG A 1821 37.94 -3.60 -7.40
N THR A 1822 39.26 -3.55 -7.41
CA THR A 1822 40.11 -4.52 -6.75
C THR A 1822 40.96 -3.84 -5.69
N HIS A 1823 40.97 -4.40 -4.49
CA HIS A 1823 41.82 -3.89 -3.42
C HIS A 1823 43.28 -4.17 -3.75
N GLU A 1824 44.11 -3.14 -3.63
CA GLU A 1824 45.54 -3.27 -3.92
C GLU A 1824 46.39 -2.85 -2.73
ZN ZN C . 4.45 34.61 -27.17
MG MG D . 0.28 -23.00 -7.85
#